data_1TZE
# 
_entry.id   1TZE 
# 
_audit_conform.dict_name       mmcif_pdbx.dic 
_audit_conform.dict_version    5.399 
_audit_conform.dict_location   http://mmcif.pdb.org/dictionaries/ascii/mmcif_pdbx.dic 
# 
loop_
_database_2.database_id 
_database_2.database_code 
_database_2.pdbx_database_accession 
_database_2.pdbx_DOI 
PDB   1TZE         pdb_00001tze 10.2210/pdb1tze/pdb 
WWPDB D_1000176895 ?            ?                   
# 
loop_
_pdbx_audit_revision_history.ordinal 
_pdbx_audit_revision_history.data_content_type 
_pdbx_audit_revision_history.major_revision 
_pdbx_audit_revision_history.minor_revision 
_pdbx_audit_revision_history.revision_date 
1 'Structure model' 1 0 1997-07-07 
2 'Structure model' 1 1 2008-03-24 
3 'Structure model' 1 2 2011-07-13 
4 'Structure model' 1 3 2011-11-16 
5 'Structure model' 1 4 2024-06-05 
6 'Structure model' 1 5 2024-11-20 
# 
_pdbx_audit_revision_details.ordinal             1 
_pdbx_audit_revision_details.revision_ordinal    1 
_pdbx_audit_revision_details.data_content_type   'Structure model' 
_pdbx_audit_revision_details.provider            repository 
_pdbx_audit_revision_details.type                'Initial release' 
_pdbx_audit_revision_details.description         ? 
_pdbx_audit_revision_details.details             ? 
# 
loop_
_pdbx_audit_revision_group.ordinal 
_pdbx_audit_revision_group.revision_ordinal 
_pdbx_audit_revision_group.data_content_type 
_pdbx_audit_revision_group.group 
1 2 'Structure model' 'Version format compliance' 
2 3 'Structure model' 'Version format compliance' 
3 4 'Structure model' 'Atomic model'              
4 5 'Structure model' 'Data collection'           
5 5 'Structure model' 'Database references'       
6 5 'Structure model' 'Derived calculations'      
7 5 'Structure model' Other                       
8 6 'Structure model' 'Structure summary'         
# 
loop_
_pdbx_audit_revision_category.ordinal 
_pdbx_audit_revision_category.revision_ordinal 
_pdbx_audit_revision_category.data_content_type 
_pdbx_audit_revision_category.category 
1 5 'Structure model' chem_comp_atom            
2 5 'Structure model' chem_comp_bond            
3 5 'Structure model' database_2                
4 5 'Structure model' pdbx_database_status      
5 5 'Structure model' struct_conn               
6 5 'Structure model' struct_site               
7 6 'Structure model' pdbx_entry_details        
8 6 'Structure model' pdbx_modification_feature 
# 
loop_
_pdbx_audit_revision_item.ordinal 
_pdbx_audit_revision_item.revision_ordinal 
_pdbx_audit_revision_item.data_content_type 
_pdbx_audit_revision_item.item 
1  5 'Structure model' '_database_2.pdbx_DOI'                
2  5 'Structure model' '_database_2.pdbx_database_accession' 
3  5 'Structure model' '_pdbx_database_status.process_site'  
4  5 'Structure model' '_struct_conn.pdbx_leaving_atom_flag' 
5  5 'Structure model' '_struct_conn.ptnr1_auth_comp_id'     
6  5 'Structure model' '_struct_conn.ptnr1_auth_seq_id'      
7  5 'Structure model' '_struct_conn.ptnr1_label_atom_id'    
8  5 'Structure model' '_struct_conn.ptnr1_label_comp_id'    
9  5 'Structure model' '_struct_conn.ptnr1_label_seq_id'     
10 5 'Structure model' '_struct_conn.ptnr2_auth_comp_id'     
11 5 'Structure model' '_struct_conn.ptnr2_auth_seq_id'      
12 5 'Structure model' '_struct_conn.ptnr2_label_atom_id'    
13 5 'Structure model' '_struct_conn.ptnr2_label_comp_id'    
14 5 'Structure model' '_struct_conn.ptnr2_label_seq_id'     
15 5 'Structure model' '_struct_site.pdbx_auth_asym_id'      
16 5 'Structure model' '_struct_site.pdbx_auth_comp_id'      
17 5 'Structure model' '_struct_site.pdbx_auth_seq_id'       
# 
_pdbx_database_status.status_code                     REL 
_pdbx_database_status.entry_id                        1TZE 
_pdbx_database_status.recvd_initial_deposition_date   1996-06-06 
_pdbx_database_status.deposit_site                    ? 
_pdbx_database_status.process_site                    BNL 
_pdbx_database_status.status_code_sf                  REL 
_pdbx_database_status.status_code_mr                  ? 
_pdbx_database_status.SG_entry                        ? 
_pdbx_database_status.pdb_format_compatible           Y 
_pdbx_database_status.status_code_cs                  ? 
_pdbx_database_status.status_code_nmr_data            ? 
_pdbx_database_status.methods_development_category    ? 
# 
loop_
_audit_author.name 
_audit_author.pdbx_ordinal 
'Rahuel, J.'    1 
'Grutter, M.G.' 2 
# 
_citation.id                        primary 
_citation.title                     'Structural basis for specificity of Grb2-SH2 revealed by a novel ligand binding mode.' 
_citation.journal_abbrev            Nat.Struct.Biol. 
_citation.journal_volume            3 
_citation.page_first                586 
_citation.page_last                 589 
_citation.year                      1996 
_citation.journal_id_ASTM           NSBIEW 
_citation.country                   US 
_citation.journal_id_ISSN           1072-8368 
_citation.journal_id_CSD            2024 
_citation.book_publisher            ? 
_citation.pdbx_database_id_PubMed   8673601 
_citation.pdbx_database_id_DOI      10.1038/nsb0796-586 
# 
loop_
_citation_author.citation_id 
_citation_author.name 
_citation_author.ordinal 
_citation_author.identifier_ORCID 
primary 'Rahuel, J.'            1  ? 
primary 'Gay, B.'               2  ? 
primary 'Erdmann, D.'           3  ? 
primary 'Strauss, A.'           4  ? 
primary 'Garcia-Echeverria, C.' 5  ? 
primary 'Furet, P.'             6  ? 
primary 'Caravatti, G.'         7  ? 
primary 'Fretz, H.'             8  ? 
primary 'Schoepfer, J.'         9  ? 
primary 'Grutter, M.G.'         10 ? 
# 
loop_
_entity.id 
_entity.type 
_entity.src_method 
_entity.pdbx_description 
_entity.formula_weight 
_entity.pdbx_number_of_molecules 
_entity.pdbx_ec 
_entity.pdbx_mutation 
_entity.pdbx_fragment 
_entity.details 
1 polymer man 'GROWTH FACTOR RECEPTOR-BOUND PROTEIN 2'                       11447.027 1   ? ? 'SH2 DOMAIN RESIDUES 55 - 152' ? 
2 polymer man 'PHOSPHOTYROSYL HEPTAPEPTIDE LYS-PRO-PHE-PTYR-VAL-ASN-VAL-NH2' 945.009   1   ? ? ?                              ? 
3 water   nat water                                                          18.015    103 ? ? ?                              ? 
# 
_entity_name_com.entity_id   1 
_entity_name_com.name        GRB2-SH2 
# 
loop_
_entity_poly.entity_id 
_entity_poly.type 
_entity_poly.nstd_linkage 
_entity_poly.nstd_monomer 
_entity_poly.pdbx_seq_one_letter_code 
_entity_poly.pdbx_seq_one_letter_code_can 
_entity_poly.pdbx_strand_id 
_entity_poly.pdbx_target_identifier 
1 'polypeptide(L)' no no  
;MKPHPWFFGKIPRAKAEEMLSKQRHDGAFLIRESESAPGDFSLSVKFGNDVQHFKVLRDGAGKYFLWVVKFNSLNELVDY
HRSTSVSRNQQIFLRDIE
;
;MKPHPWFFGKIPRAKAEEMLSKQRHDGAFLIRESESAPGDFSLSVKFGNDVQHFKVLRDGAGKYFLWVVKFNSLNELVDY
HRSTSVSRNQQIFLRDIE
;
E ? 
2 'polypeptide(L)' no yes 'KPF(PTR)VNV(NH2)'                                                                                    
KPFYVNVX                                                                                              I ? 
# 
_pdbx_entity_nonpoly.entity_id   3 
_pdbx_entity_nonpoly.name        water 
_pdbx_entity_nonpoly.comp_id     HOH 
# 
loop_
_entity_poly_seq.entity_id 
_entity_poly_seq.num 
_entity_poly_seq.mon_id 
_entity_poly_seq.hetero 
1 1  MET n 
1 2  LYS n 
1 3  PRO n 
1 4  HIS n 
1 5  PRO n 
1 6  TRP n 
1 7  PHE n 
1 8  PHE n 
1 9  GLY n 
1 10 LYS n 
1 11 ILE n 
1 12 PRO n 
1 13 ARG n 
1 14 ALA n 
1 15 LYS n 
1 16 ALA n 
1 17 GLU n 
1 18 GLU n 
1 19 MET n 
1 20 LEU n 
1 21 SER n 
1 22 LYS n 
1 23 GLN n 
1 24 ARG n 
1 25 HIS n 
1 26 ASP n 
1 27 GLY n 
1 28 ALA n 
1 29 PHE n 
1 30 LEU n 
1 31 ILE n 
1 32 ARG n 
1 33 GLU n 
1 34 SER n 
1 35 GLU n 
1 36 SER n 
1 37 ALA n 
1 38 PRO n 
1 39 GLY n 
1 40 ASP n 
1 41 PHE n 
1 42 SER n 
1 43 LEU n 
1 44 SER n 
1 45 VAL n 
1 46 LYS n 
1 47 PHE n 
1 48 GLY n 
1 49 ASN n 
1 50 ASP n 
1 51 VAL n 
1 52 GLN n 
1 53 HIS n 
1 54 PHE n 
1 55 LYS n 
1 56 VAL n 
1 57 LEU n 
1 58 ARG n 
1 59 ASP n 
1 60 GLY n 
1 61 ALA n 
1 62 GLY n 
1 63 LYS n 
1 64 TYR n 
1 65 PHE n 
1 66 LEU n 
1 67 TRP n 
1 68 VAL n 
1 69 VAL n 
1 70 LYS n 
1 71 PHE n 
1 72 ASN n 
1 73 SER n 
1 74 LEU n 
1 75 ASN n 
1 76 GLU n 
1 77 LEU n 
1 78 VAL n 
1 79 ASP n 
1 80 TYR n 
1 81 HIS n 
1 82 ARG n 
1 83 SER n 
1 84 THR n 
1 85 SER n 
1 86 VAL n 
1 87 SER n 
1 88 ARG n 
1 89 ASN n 
1 90 GLN n 
1 91 GLN n 
1 92 ILE n 
1 93 PHE n 
1 94 LEU n 
1 95 ARG n 
1 96 ASP n 
1 97 ILE n 
1 98 GLU n 
2 1  LYS n 
2 2  PRO n 
2 3  PHE n 
2 4  PTR n 
2 5  VAL n 
2 6  ASN n 
2 7  VAL n 
2 8  NH2 n 
# 
_entity_src_gen.entity_id                          1 
_entity_src_gen.pdbx_src_id                        1 
_entity_src_gen.pdbx_alt_source_flag               sample 
_entity_src_gen.pdbx_seq_type                      ? 
_entity_src_gen.pdbx_beg_seq_num                   ? 
_entity_src_gen.pdbx_end_seq_num                   ? 
_entity_src_gen.gene_src_common_name               human 
_entity_src_gen.gene_src_genus                     Homo 
_entity_src_gen.pdbx_gene_src_gene                 'GRB2 55-152' 
_entity_src_gen.gene_src_species                   ? 
_entity_src_gen.gene_src_strain                    ? 
_entity_src_gen.gene_src_tissue                    ? 
_entity_src_gen.gene_src_tissue_fraction           ? 
_entity_src_gen.gene_src_details                   ? 
_entity_src_gen.pdbx_gene_src_fragment             ? 
_entity_src_gen.pdbx_gene_src_scientific_name      'Homo sapiens' 
_entity_src_gen.pdbx_gene_src_ncbi_taxonomy_id     9606 
_entity_src_gen.pdbx_gene_src_variant              ? 
_entity_src_gen.pdbx_gene_src_cell_line            BL21 
_entity_src_gen.pdbx_gene_src_atcc                 ? 
_entity_src_gen.pdbx_gene_src_organ                ? 
_entity_src_gen.pdbx_gene_src_organelle            ? 
_entity_src_gen.pdbx_gene_src_cell                 ? 
_entity_src_gen.pdbx_gene_src_cellular_location    ? 
_entity_src_gen.host_org_common_name               ? 
_entity_src_gen.pdbx_host_org_scientific_name      'Escherichia coli BL21(DE3)' 
_entity_src_gen.pdbx_host_org_ncbi_taxonomy_id     469008 
_entity_src_gen.host_org_genus                     Escherichia 
_entity_src_gen.pdbx_host_org_gene                 'GRB2 55-152' 
_entity_src_gen.pdbx_host_org_organ                ? 
_entity_src_gen.host_org_species                   'Escherichia coli' 
_entity_src_gen.pdbx_host_org_tissue               ? 
_entity_src_gen.pdbx_host_org_tissue_fraction      ? 
_entity_src_gen.pdbx_host_org_strain               'BL21 (DE3)' 
_entity_src_gen.pdbx_host_org_variant              ? 
_entity_src_gen.pdbx_host_org_cell_line            ? 
_entity_src_gen.pdbx_host_org_atcc                 ? 
_entity_src_gen.pdbx_host_org_culture_collection   ? 
_entity_src_gen.pdbx_host_org_cell                 ? 
_entity_src_gen.pdbx_host_org_organelle            ? 
_entity_src_gen.pdbx_host_org_cellular_location    ? 
_entity_src_gen.pdbx_host_org_vector_type          ? 
_entity_src_gen.pdbx_host_org_vector               ? 
_entity_src_gen.host_org_details                   ? 
_entity_src_gen.expression_system_id               ? 
_entity_src_gen.plasmid_name                       PET-3C 
_entity_src_gen.plasmid_details                    ? 
_entity_src_gen.pdbx_description                   ? 
# 
loop_
_chem_comp.id 
_chem_comp.type 
_chem_comp.mon_nstd_flag 
_chem_comp.name 
_chem_comp.pdbx_synonyms 
_chem_comp.formula 
_chem_comp.formula_weight 
ALA 'L-peptide linking' y ALANINE           ?                 'C3 H7 N O2'     89.093  
ARG 'L-peptide linking' y ARGININE          ?                 'C6 H15 N4 O2 1' 175.209 
ASN 'L-peptide linking' y ASPARAGINE        ?                 'C4 H8 N2 O3'    132.118 
ASP 'L-peptide linking' y 'ASPARTIC ACID'   ?                 'C4 H7 N O4'     133.103 
GLN 'L-peptide linking' y GLUTAMINE         ?                 'C5 H10 N2 O3'   146.144 
GLU 'L-peptide linking' y 'GLUTAMIC ACID'   ?                 'C5 H9 N O4'     147.129 
GLY 'peptide linking'   y GLYCINE           ?                 'C2 H5 N O2'     75.067  
HIS 'L-peptide linking' y HISTIDINE         ?                 'C6 H10 N3 O2 1' 156.162 
HOH non-polymer         . WATER             ?                 'H2 O'           18.015  
ILE 'L-peptide linking' y ISOLEUCINE        ?                 'C6 H13 N O2'    131.173 
LEU 'L-peptide linking' y LEUCINE           ?                 'C6 H13 N O2'    131.173 
LYS 'L-peptide linking' y LYSINE            ?                 'C6 H15 N2 O2 1' 147.195 
MET 'L-peptide linking' y METHIONINE        ?                 'C5 H11 N O2 S'  149.211 
NH2 non-polymer         . 'AMINO GROUP'     ?                 'H2 N'           16.023  
PHE 'L-peptide linking' y PHENYLALANINE     ?                 'C9 H11 N O2'    165.189 
PRO 'L-peptide linking' y PROLINE           ?                 'C5 H9 N O2'     115.130 
PTR 'L-peptide linking' n O-PHOSPHOTYROSINE PHOSPHONOTYROSINE 'C9 H12 N O6 P'  261.168 
SER 'L-peptide linking' y SERINE            ?                 'C3 H7 N O3'     105.093 
THR 'L-peptide linking' y THREONINE         ?                 'C4 H9 N O3'     119.119 
TRP 'L-peptide linking' y TRYPTOPHAN        ?                 'C11 H12 N2 O2'  204.225 
TYR 'L-peptide linking' y TYROSINE          ?                 'C9 H11 N O3'    181.189 
VAL 'L-peptide linking' y VALINE            ?                 'C5 H11 N O2'    117.146 
# 
loop_
_pdbx_poly_seq_scheme.asym_id 
_pdbx_poly_seq_scheme.entity_id 
_pdbx_poly_seq_scheme.seq_id 
_pdbx_poly_seq_scheme.mon_id 
_pdbx_poly_seq_scheme.ndb_seq_num 
_pdbx_poly_seq_scheme.pdb_seq_num 
_pdbx_poly_seq_scheme.auth_seq_num 
_pdbx_poly_seq_scheme.pdb_mon_id 
_pdbx_poly_seq_scheme.auth_mon_id 
_pdbx_poly_seq_scheme.pdb_strand_id 
_pdbx_poly_seq_scheme.pdb_ins_code 
_pdbx_poly_seq_scheme.hetero 
A 1 1  MET 1  55  55  MET MET E . n 
A 1 2  LYS 2  56  56  LYS LYS E . n 
A 1 3  PRO 3  57  57  PRO PRO E . n 
A 1 4  HIS 4  58  58  HIS HIS E . n 
A 1 5  PRO 5  59  59  PRO PRO E . n 
A 1 6  TRP 6  60  60  TRP TRP E . n 
A 1 7  PHE 7  61  61  PHE PHE E . n 
A 1 8  PHE 8  62  62  PHE PHE E . n 
A 1 9  GLY 9  63  63  GLY GLY E . n 
A 1 10 LYS 10 64  64  LYS LYS E . n 
A 1 11 ILE 11 65  65  ILE ILE E . n 
A 1 12 PRO 12 66  66  PRO PRO E . n 
A 1 13 ARG 13 67  67  ARG ARG E . n 
A 1 14 ALA 14 68  68  ALA ALA E . n 
A 1 15 LYS 15 69  69  LYS LYS E . n 
A 1 16 ALA 16 70  70  ALA ALA E . n 
A 1 17 GLU 17 71  71  GLU GLU E . n 
A 1 18 GLU 18 72  72  GLU GLU E . n 
A 1 19 MET 19 73  73  MET MET E . n 
A 1 20 LEU 20 74  74  LEU LEU E . n 
A 1 21 SER 21 75  75  SER SER E . n 
A 1 22 LYS 22 76  76  LYS LYS E . n 
A 1 23 GLN 23 77  77  GLN GLN E . n 
A 1 24 ARG 24 78  78  ARG ARG E . n 
A 1 25 HIS 25 79  79  HIS HIS E . n 
A 1 26 ASP 26 80  80  ASP ASP E . n 
A 1 27 GLY 27 81  81  GLY GLY E . n 
A 1 28 ALA 28 82  82  ALA ALA E . n 
A 1 29 PHE 29 83  83  PHE PHE E . n 
A 1 30 LEU 30 84  84  LEU LEU E . n 
A 1 31 ILE 31 85  85  ILE ILE E . n 
A 1 32 ARG 32 86  86  ARG ARG E . n 
A 1 33 GLU 33 87  87  GLU GLU E . n 
A 1 34 SER 34 88  88  SER SER E . n 
A 1 35 GLU 35 89  89  GLU GLU E . n 
A 1 36 SER 36 90  90  SER SER E . n 
A 1 37 ALA 37 91  91  ALA ALA E . n 
A 1 38 PRO 38 92  92  PRO PRO E . n 
A 1 39 GLY 39 93  93  GLY GLY E . n 
A 1 40 ASP 40 94  94  ASP ASP E . n 
A 1 41 PHE 41 95  95  PHE PHE E . n 
A 1 42 SER 42 96  96  SER SER E . n 
A 1 43 LEU 43 97  97  LEU LEU E . n 
A 1 44 SER 44 98  98  SER SER E . n 
A 1 45 VAL 45 99  99  VAL VAL E . n 
A 1 46 LYS 46 100 100 LYS LYS E . n 
A 1 47 PHE 47 101 101 PHE PHE E . n 
A 1 48 GLY 48 102 102 GLY GLY E . n 
A 1 49 ASN 49 103 103 ASN ASN E . n 
A 1 50 ASP 50 104 104 ASP ASP E . n 
A 1 51 VAL 51 105 105 VAL VAL E . n 
A 1 52 GLN 52 106 106 GLN GLN E . n 
A 1 53 HIS 53 107 107 HIS HIS E . n 
A 1 54 PHE 54 108 108 PHE PHE E . n 
A 1 55 LYS 55 109 109 LYS LYS E . n 
A 1 56 VAL 56 110 110 VAL VAL E . n 
A 1 57 LEU 57 111 111 LEU LEU E . n 
A 1 58 ARG 58 112 112 ARG ARG E . n 
A 1 59 ASP 59 113 113 ASP ASP E . n 
A 1 60 GLY 60 114 114 GLY GLY E . n 
A 1 61 ALA 61 115 115 ALA ALA E . n 
A 1 62 GLY 62 116 116 GLY GLY E . n 
A 1 63 LYS 63 117 117 LYS LYS E . n 
A 1 64 TYR 64 118 118 TYR TYR E . n 
A 1 65 PHE 65 119 119 PHE PHE E . n 
A 1 66 LEU 66 120 120 LEU LEU E . n 
A 1 67 TRP 67 121 121 TRP TRP E . n 
A 1 68 VAL 68 122 122 VAL VAL E . n 
A 1 69 VAL 69 123 123 VAL VAL E . n 
A 1 70 LYS 70 124 124 LYS LYS E . n 
A 1 71 PHE 71 125 125 PHE PHE E . n 
A 1 72 ASN 72 126 126 ASN ASN E . n 
A 1 73 SER 73 127 127 SER SER E . n 
A 1 74 LEU 74 128 128 LEU LEU E . n 
A 1 75 ASN 75 129 129 ASN ASN E . n 
A 1 76 GLU 76 130 130 GLU GLU E . n 
A 1 77 LEU 77 131 131 LEU LEU E . n 
A 1 78 VAL 78 132 132 VAL VAL E . n 
A 1 79 ASP 79 133 133 ASP ASP E . n 
A 1 80 TYR 80 134 134 TYR TYR E . n 
A 1 81 HIS 81 135 135 HIS HIS E . n 
A 1 82 ARG 82 136 136 ARG ARG E . n 
A 1 83 SER 83 137 137 SER SER E . n 
A 1 84 THR 84 138 138 THR THR E . n 
A 1 85 SER 85 139 139 SER SER E . n 
A 1 86 VAL 86 140 140 VAL VAL E . n 
A 1 87 SER 87 141 141 SER SER E . n 
A 1 88 ARG 88 142 142 ARG ARG E . n 
A 1 89 ASN 89 143 143 ASN ASN E . n 
A 1 90 GLN 90 144 144 GLN GLN E . n 
A 1 91 GLN 91 145 145 GLN GLN E . n 
A 1 92 ILE 92 146 146 ILE ILE E . n 
A 1 93 PHE 93 147 147 PHE PHE E . n 
A 1 94 LEU 94 148 148 LEU LEU E . n 
A 1 95 ARG 95 149 149 ARG ARG E . n 
A 1 96 ASP 96 150 150 ASP ASP E . n 
A 1 97 ILE 97 151 151 ILE ILE E . n 
A 1 98 GLU 98 152 152 GLU GLU E . n 
B 2 1  LYS 1  1   1   LYS LYS I . n 
B 2 2  PRO 2  2   2   PRO PRO I . n 
B 2 3  PHE 3  3   3   PHE PHE I . n 
B 2 4  PTR 4  4   4   PTR PTR I . n 
B 2 5  VAL 5  5   5   VAL VAL I . n 
B 2 6  ASN 6  6   6   ASN ASN I . n 
B 2 7  VAL 7  7   7   VAL VAL I . n 
B 2 8  NH2 8  8   8   NH2 NH2 I . n 
# 
loop_
_pdbx_nonpoly_scheme.asym_id 
_pdbx_nonpoly_scheme.entity_id 
_pdbx_nonpoly_scheme.mon_id 
_pdbx_nonpoly_scheme.ndb_seq_num 
_pdbx_nonpoly_scheme.pdb_seq_num 
_pdbx_nonpoly_scheme.auth_seq_num 
_pdbx_nonpoly_scheme.pdb_mon_id 
_pdbx_nonpoly_scheme.auth_mon_id 
_pdbx_nonpoly_scheme.pdb_strand_id 
_pdbx_nonpoly_scheme.pdb_ins_code 
C 3 HOH 1  153 1   HOH HOH E . 
C 3 HOH 2  154 2   HOH HOH E . 
C 3 HOH 3  155 3   HOH HOH E . 
C 3 HOH 4  156 4   HOH HOH E . 
C 3 HOH 5  157 5   HOH HOH E . 
C 3 HOH 6  158 6   HOH HOH E . 
C 3 HOH 7  159 7   HOH HOH E . 
C 3 HOH 8  160 8   HOH HOH E . 
C 3 HOH 9  161 9   HOH HOH E . 
C 3 HOH 10 162 10  HOH HOH E . 
C 3 HOH 11 163 11  HOH HOH E . 
C 3 HOH 12 164 12  HOH HOH E . 
C 3 HOH 13 165 14  HOH HOH E . 
C 3 HOH 14 166 15  HOH HOH E . 
C 3 HOH 15 167 16  HOH HOH E . 
C 3 HOH 16 168 17  HOH HOH E . 
C 3 HOH 17 169 18  HOH HOH E . 
C 3 HOH 18 170 19  HOH HOH E . 
C 3 HOH 19 171 20  HOH HOH E . 
C 3 HOH 20 172 21  HOH HOH E . 
C 3 HOH 21 173 22  HOH HOH E . 
C 3 HOH 22 174 23  HOH HOH E . 
C 3 HOH 23 175 24  HOH HOH E . 
C 3 HOH 24 176 25  HOH HOH E . 
C 3 HOH 25 177 26  HOH HOH E . 
C 3 HOH 26 178 27  HOH HOH E . 
C 3 HOH 27 179 28  HOH HOH E . 
C 3 HOH 28 180 29  HOH HOH E . 
C 3 HOH 29 181 30  HOH HOH E . 
C 3 HOH 30 182 32  HOH HOH E . 
C 3 HOH 31 183 33  HOH HOH E . 
C 3 HOH 32 184 34  HOH HOH E . 
C 3 HOH 33 185 35  HOH HOH E . 
C 3 HOH 34 186 36  HOH HOH E . 
C 3 HOH 35 187 37  HOH HOH E . 
C 3 HOH 36 188 38  HOH HOH E . 
C 3 HOH 37 189 39  HOH HOH E . 
C 3 HOH 38 190 40  HOH HOH E . 
C 3 HOH 39 191 41  HOH HOH E . 
C 3 HOH 40 192 42  HOH HOH E . 
C 3 HOH 41 193 43  HOH HOH E . 
C 3 HOH 42 194 44  HOH HOH E . 
C 3 HOH 43 195 45  HOH HOH E . 
C 3 HOH 44 196 46  HOH HOH E . 
C 3 HOH 45 197 47  HOH HOH E . 
C 3 HOH 46 198 48  HOH HOH E . 
C 3 HOH 47 199 49  HOH HOH E . 
C 3 HOH 48 200 50  HOH HOH E . 
C 3 HOH 49 201 52  HOH HOH E . 
C 3 HOH 50 202 53  HOH HOH E . 
C 3 HOH 51 203 54  HOH HOH E . 
C 3 HOH 52 204 55  HOH HOH E . 
C 3 HOH 53 205 56  HOH HOH E . 
C 3 HOH 54 206 57  HOH HOH E . 
C 3 HOH 55 207 60  HOH HOH E . 
C 3 HOH 56 208 61  HOH HOH E . 
C 3 HOH 57 209 62  HOH HOH E . 
C 3 HOH 58 210 63  HOH HOH E . 
C 3 HOH 59 211 64  HOH HOH E . 
C 3 HOH 60 212 65  HOH HOH E . 
C 3 HOH 61 213 66  HOH HOH E . 
C 3 HOH 62 214 67  HOH HOH E . 
C 3 HOH 63 215 68  HOH HOH E . 
C 3 HOH 64 216 70  HOH HOH E . 
C 3 HOH 65 217 72  HOH HOH E . 
C 3 HOH 66 218 73  HOH HOH E . 
C 3 HOH 67 219 74  HOH HOH E . 
C 3 HOH 68 220 75  HOH HOH E . 
C 3 HOH 69 221 76  HOH HOH E . 
C 3 HOH 70 222 77  HOH HOH E . 
C 3 HOH 71 223 78  HOH HOH E . 
C 3 HOH 72 224 79  HOH HOH E . 
C 3 HOH 73 225 80  HOH HOH E . 
C 3 HOH 74 226 81  HOH HOH E . 
C 3 HOH 75 227 82  HOH HOH E . 
C 3 HOH 76 228 83  HOH HOH E . 
C 3 HOH 77 229 84  HOH HOH E . 
C 3 HOH 78 230 86  HOH HOH E . 
C 3 HOH 79 231 87  HOH HOH E . 
C 3 HOH 80 232 88  HOH HOH E . 
C 3 HOH 81 233 89  HOH HOH E . 
C 3 HOH 82 234 90  HOH HOH E . 
C 3 HOH 83 235 91  HOH HOH E . 
C 3 HOH 84 236 92  HOH HOH E . 
C 3 HOH 85 237 93  HOH HOH E . 
C 3 HOH 86 238 94  HOH HOH E . 
C 3 HOH 87 239 95  HOH HOH E . 
C 3 HOH 88 240 96  HOH HOH E . 
C 3 HOH 89 241 97  HOH HOH E . 
C 3 HOH 90 242 98  HOH HOH E . 
C 3 HOH 91 243 99  HOH HOH E . 
C 3 HOH 92 244 100 HOH HOH E . 
C 3 HOH 93 245 101 HOH HOH E . 
C 3 HOH 94 246 102 HOH HOH E . 
C 3 HOH 95 247 103 HOH HOH E . 
D 3 HOH 1  13  13  HOH HOH I . 
D 3 HOH 2  31  31  HOH HOH I . 
D 3 HOH 3  51  51  HOH HOH I . 
D 3 HOH 4  58  58  HOH HOH I . 
D 3 HOH 5  59  59  HOH HOH I . 
D 3 HOH 6  69  69  HOH HOH I . 
D 3 HOH 7  71  71  HOH HOH I . 
D 3 HOH 8  85  85  HOH HOH I . 
# 
loop_
_pdbx_unobs_or_zero_occ_atoms.id 
_pdbx_unobs_or_zero_occ_atoms.PDB_model_num 
_pdbx_unobs_or_zero_occ_atoms.polymer_flag 
_pdbx_unobs_or_zero_occ_atoms.occupancy_flag 
_pdbx_unobs_or_zero_occ_atoms.auth_asym_id 
_pdbx_unobs_or_zero_occ_atoms.auth_comp_id 
_pdbx_unobs_or_zero_occ_atoms.auth_seq_id 
_pdbx_unobs_or_zero_occ_atoms.PDB_ins_code 
_pdbx_unobs_or_zero_occ_atoms.auth_atom_id 
_pdbx_unobs_or_zero_occ_atoms.label_alt_id 
_pdbx_unobs_or_zero_occ_atoms.label_asym_id 
_pdbx_unobs_or_zero_occ_atoms.label_comp_id 
_pdbx_unobs_or_zero_occ_atoms.label_seq_id 
_pdbx_unobs_or_zero_occ_atoms.label_atom_id 
1  1 Y 1 E LYS 56  ? CG  ? A LYS 2  CG  
2  1 Y 1 E LYS 56  ? CD  ? A LYS 2  CD  
3  1 Y 1 E LYS 56  ? CE  ? A LYS 2  CE  
4  1 Y 1 E LYS 56  ? NZ  ? A LYS 2  NZ  
5  1 Y 1 E ARG 78  ? CG  ? A ARG 24 CG  
6  1 Y 1 E ARG 78  ? CD  ? A ARG 24 CD  
7  1 Y 1 E ARG 78  ? NE  ? A ARG 24 NE  
8  1 Y 1 E ARG 78  ? CZ  ? A ARG 24 CZ  
9  1 Y 1 E ARG 78  ? NH1 ? A ARG 24 NH1 
10 1 Y 1 E ARG 78  ? NH2 ? A ARG 24 NH2 
11 1 Y 1 E GLU 152 ? CG  ? A GLU 98 CG  
12 1 Y 1 E GLU 152 ? CD  ? A GLU 98 CD  
13 1 Y 1 E GLU 152 ? OE1 ? A GLU 98 OE1 
14 1 Y 1 E GLU 152 ? OE2 ? A GLU 98 OE2 
# 
loop_
_software.name 
_software.classification 
_software.version 
_software.citation_id 
_software.pdbx_ordinal 
X-PLOR 'model building' 3.1 ? 1 
X-PLOR refinement       3.1 ? 2 
XDS    'data reduction' .   ? 3 
X-PLOR phasing          3.1 ? 4 
# 
_cell.entry_id           1TZE 
_cell.length_a           50.300 
_cell.length_b           50.300 
_cell.length_c           89.900 
_cell.angle_alpha        90.00 
_cell.angle_beta         90.00 
_cell.angle_gamma        90.00 
_cell.Z_PDB              8 
_cell.pdbx_unique_axis   ? 
# 
_symmetry.entry_id                         1TZE 
_symmetry.space_group_name_H-M             'P 41 21 2' 
_symmetry.pdbx_full_space_group_name_H-M   ? 
_symmetry.cell_setting                     ? 
_symmetry.Int_Tables_number                92 
# 
_exptl.entry_id          1TZE 
_exptl.method            'X-RAY DIFFRACTION' 
_exptl.crystals_number   ? 
# 
_exptl_crystal.id                    1 
_exptl_crystal.density_meas          ? 
_exptl_crystal.density_Matthews      2.29 
_exptl_crystal.density_percent_sol   46.37 
_exptl_crystal.description           ? 
# 
_diffrn.id                     1 
_diffrn.ambient_temp           ? 
_diffrn.ambient_temp_details   ? 
_diffrn.crystal_id             1 
# 
_diffrn_detector.diffrn_id              1 
_diffrn_detector.detector               'IMAGE PLATE' 
_diffrn_detector.type                   MARRESEARCH 
_diffrn_detector.pdbx_collection_date   1995-10-03 
_diffrn_detector.details                ? 
# 
_diffrn_radiation.diffrn_id                        1 
_diffrn_radiation.wavelength_id                    1 
_diffrn_radiation.pdbx_monochromatic_or_laue_m_l   M 
_diffrn_radiation.monochromator                    ? 
_diffrn_radiation.pdbx_diffrn_protocol             ? 
_diffrn_radiation.pdbx_scattering_type             x-ray 
# 
_diffrn_radiation_wavelength.id           1 
_diffrn_radiation_wavelength.wavelength   1.5418 
_diffrn_radiation_wavelength.wt           1.0 
# 
_diffrn_source.diffrn_id                   1 
_diffrn_source.source                      ? 
_diffrn_source.type                        ? 
_diffrn_source.pdbx_synchrotron_site       ? 
_diffrn_source.pdbx_synchrotron_beamline   ? 
_diffrn_source.pdbx_wavelength             1.5418 
_diffrn_source.pdbx_wavelength_list        ? 
# 
_reflns.entry_id                     1TZE 
_reflns.observed_criterion_sigma_I   0.0 
_reflns.observed_criterion_sigma_F   ? 
_reflns.d_resolution_low             ? 
_reflns.d_resolution_high            ? 
_reflns.number_obs                   7237 
_reflns.number_all                   ? 
_reflns.percent_possible_obs         100. 
_reflns.pdbx_Rmerge_I_obs            0.0500000 
_reflns.pdbx_Rsym_value              ? 
_reflns.pdbx_netI_over_sigmaI        ? 
_reflns.B_iso_Wilson_estimate        ? 
_reflns.pdbx_redundancy              7.3 
_reflns.pdbx_diffrn_id               1 
_reflns.pdbx_ordinal                 1 
# 
_refine.entry_id                                 1TZE 
_refine.ls_number_reflns_obs                     7151 
_refine.ls_number_reflns_all                     ? 
_refine.pdbx_ls_sigma_I                          ? 
_refine.pdbx_ls_sigma_F                          0.0 
_refine.pdbx_data_cutoff_high_absF               ? 
_refine.pdbx_data_cutoff_low_absF                ? 
_refine.pdbx_data_cutoff_high_rms_absF           ? 
_refine.ls_d_res_low                             10.0 
_refine.ls_d_res_high                            2.1 
_refine.ls_percent_reflns_obs                    100. 
_refine.ls_R_factor_obs                          0.2030000 
_refine.ls_R_factor_all                          ? 
_refine.ls_R_factor_R_work                       0.2030000 
_refine.ls_R_factor_R_free                       ? 
_refine.ls_R_factor_R_free_error                 ? 
_refine.ls_R_factor_R_free_error_details         ? 
_refine.ls_percent_reflns_R_free                 ? 
_refine.ls_number_reflns_R_free                  ? 
_refine.ls_number_parameters                     ? 
_refine.ls_number_restraints                     ? 
_refine.occupancy_min                            ? 
_refine.occupancy_max                            ? 
_refine.B_iso_mean                               26.8 
_refine.aniso_B[1][1]                            ? 
_refine.aniso_B[2][2]                            ? 
_refine.aniso_B[3][3]                            ? 
_refine.aniso_B[1][2]                            ? 
_refine.aniso_B[1][3]                            ? 
_refine.aniso_B[2][3]                            ? 
_refine.solvent_model_details                    ? 
_refine.solvent_model_param_ksol                 ? 
_refine.solvent_model_param_bsol                 ? 
_refine.pdbx_ls_cross_valid_method               ? 
_refine.details                                  ? 
_refine.pdbx_starting_model                      ? 
_refine.pdbx_method_to_determine_struct          ? 
_refine.pdbx_isotropic_thermal_model             ? 
_refine.pdbx_stereochemistry_target_values       ? 
_refine.pdbx_stereochem_target_val_spec_case     ? 
_refine.pdbx_R_Free_selection_details            ? 
_refine.pdbx_overall_ESU_R                       ? 
_refine.pdbx_overall_ESU_R_Free                  ? 
_refine.overall_SU_ML                            ? 
_refine.overall_SU_B                             ? 
_refine.pdbx_refine_id                           'X-RAY DIFFRACTION' 
_refine.pdbx_diffrn_id                           1 
_refine.pdbx_TLS_residual_ADP_flag               ? 
_refine.correlation_coeff_Fo_to_Fc               ? 
_refine.correlation_coeff_Fo_to_Fc_free          ? 
_refine.pdbx_solvent_vdw_probe_radii             ? 
_refine.pdbx_solvent_ion_probe_radii             ? 
_refine.pdbx_solvent_shrinkage_radii             ? 
_refine.pdbx_overall_phase_error                 ? 
_refine.overall_SU_R_Cruickshank_DPI             ? 
_refine.pdbx_overall_SU_R_free_Cruickshank_DPI   ? 
_refine.pdbx_overall_SU_R_Blow_DPI               ? 
_refine.pdbx_overall_SU_R_free_Blow_DPI          ? 
# 
_refine_analyze.entry_id                        1TZE 
_refine_analyze.Luzzati_coordinate_error_obs    0.34 
_refine_analyze.Luzzati_sigma_a_obs             ? 
_refine_analyze.Luzzati_d_res_low_obs           ? 
_refine_analyze.Luzzati_coordinate_error_free   ? 
_refine_analyze.Luzzati_sigma_a_free            ? 
_refine_analyze.Luzzati_d_res_low_free          ? 
_refine_analyze.number_disordered_residues      ? 
_refine_analyze.occupancy_sum_hydrogen          ? 
_refine_analyze.occupancy_sum_non_hydrogen      ? 
_refine_analyze.pdbx_refine_id                  'X-RAY DIFFRACTION' 
# 
_refine_hist.pdbx_refine_id                   'X-RAY DIFFRACTION' 
_refine_hist.cycle_id                         LAST 
_refine_hist.pdbx_number_atoms_protein        960 
_refine_hist.pdbx_number_atoms_nucleic_acid   0 
_refine_hist.pdbx_number_atoms_ligand         4 
_refine_hist.number_atoms_solvent             103 
_refine_hist.number_atoms_total               1067 
_refine_hist.d_res_high                       2.1 
_refine_hist.d_res_low                        10.0 
# 
loop_
_refine_ls_restr.type 
_refine_ls_restr.dev_ideal 
_refine_ls_restr.dev_ideal_target 
_refine_ls_restr.weight 
_refine_ls_restr.number 
_refine_ls_restr.pdbx_refine_id 
_refine_ls_restr.pdbx_restraint_function 
x_bond_d                0.012 ? ? ? 'X-RAY DIFFRACTION' ? 
x_bond_d_na             ?     ? ? ? 'X-RAY DIFFRACTION' ? 
x_bond_d_prot           ?     ? ? ? 'X-RAY DIFFRACTION' ? 
x_angle_d               ?     ? ? ? 'X-RAY DIFFRACTION' ? 
x_angle_d_na            ?     ? ? ? 'X-RAY DIFFRACTION' ? 
x_angle_d_prot          ?     ? ? ? 'X-RAY DIFFRACTION' ? 
x_angle_deg             1.991 ? ? ? 'X-RAY DIFFRACTION' ? 
x_angle_deg_na          ?     ? ? ? 'X-RAY DIFFRACTION' ? 
x_angle_deg_prot        ?     ? ? ? 'X-RAY DIFFRACTION' ? 
x_dihedral_angle_d      24.92 ? ? ? 'X-RAY DIFFRACTION' ? 
x_dihedral_angle_d_na   ?     ? ? ? 'X-RAY DIFFRACTION' ? 
x_dihedral_angle_d_prot ?     ? ? ? 'X-RAY DIFFRACTION' ? 
x_improper_angle_d      1.351 ? ? ? 'X-RAY DIFFRACTION' ? 
x_improper_angle_d_na   ?     ? ? ? 'X-RAY DIFFRACTION' ? 
x_improper_angle_d_prot ?     ? ? ? 'X-RAY DIFFRACTION' ? 
x_mcbond_it             ?     ? ? ? 'X-RAY DIFFRACTION' ? 
x_mcangle_it            ?     ? ? ? 'X-RAY DIFFRACTION' ? 
x_scbond_it             ?     ? ? ? 'X-RAY DIFFRACTION' ? 
x_scangle_it            ?     ? ? ? 'X-RAY DIFFRACTION' ? 
# 
_struct.entry_id                  1TZE 
_struct.title                     
;SIGNAL TRANSDUCTION ADAPTOR GROWTH FACTOR, GRB2 SH2 DOMAIN COMPLEXED WITH PHOSPHOTYROSYL HEPTAPEPTIDE LYS-PRO-PHE-PTYR-VAL-ASN-VAL-NH2 (KFPPYVNC-NH2)
;
_struct.pdbx_model_details        ? 
_struct.pdbx_CASP_flag            ? 
_struct.pdbx_model_type_details   ? 
# 
_struct_keywords.entry_id        1TZE 
_struct_keywords.pdbx_keywords   'COMPLEX (SIGNAL TRANSDUCTION/PEPTIDE)' 
_struct_keywords.text            
;SIGNAL TRANSDUCTION ADAPTOR GROWTH FACTOR BOUND PROTEIN 2 (GRB2) SRC HOMOLOGY 2 DOMAIN (SH2), PHOSPHOTYROSYL HEPTAPEPTIC LIGAND, COMPLEX (SIGNAL TRANSDUCTION-PEPTIDE), COMPLEX (SIGNAL TRANSDUCTION-PEPTIDE) complex
;
# 
loop_
_struct_asym.id 
_struct_asym.pdbx_blank_PDB_chainid_flag 
_struct_asym.pdbx_modified 
_struct_asym.entity_id 
_struct_asym.details 
A N N 1 ? 
B N N 2 ? 
C N N 3 ? 
D N N 3 ? 
# 
loop_
_struct_ref.id 
_struct_ref.db_name 
_struct_ref.db_code 
_struct_ref.entity_id 
_struct_ref.pdbx_db_accession 
_struct_ref.pdbx_align_begin 
_struct_ref.pdbx_seq_one_letter_code 
_struct_ref.pdbx_db_isoform 
1 UNP GRB2_HUMAN 1 P29354 1 
;MEAIAKYDFKATADDELSFKRGDILKVLNEECDQNWYKAELNGKDGFIPKNYIEMKPHPWFFGKIPRAKAEEMLSKQRHD
GAFLIRESESAPGDFSLSVKFGNDVQHFKVLRDGAGKYFLWVVKFNSLNELVDYHRSTSVSRNQQIFLRDIEQVPQQPTY
VQALFDFDPQEDGELGFRRGDFIHVMDNSDPNWWKGACHGQTGMFPRNYVTPVNRNV
;
? 
2 PDB 1TZE       2 1TZE   ? ? ? 
# 
loop_
_struct_ref_seq.align_id 
_struct_ref_seq.ref_id 
_struct_ref_seq.pdbx_PDB_id_code 
_struct_ref_seq.pdbx_strand_id 
_struct_ref_seq.seq_align_beg 
_struct_ref_seq.pdbx_seq_align_beg_ins_code 
_struct_ref_seq.seq_align_end 
_struct_ref_seq.pdbx_seq_align_end_ins_code 
_struct_ref_seq.pdbx_db_accession 
_struct_ref_seq.db_align_beg 
_struct_ref_seq.pdbx_db_align_beg_ins_code 
_struct_ref_seq.db_align_end 
_struct_ref_seq.pdbx_db_align_end_ins_code 
_struct_ref_seq.pdbx_auth_seq_align_beg 
_struct_ref_seq.pdbx_auth_seq_align_end 
1 1 1TZE E 1 ? 98 ? P29354 55 ? 152 ? 55 152 
2 2 1TZE I 1 ? 8  ? 1TZE   1  ? 8   ? 1  8   
# 
loop_
_pdbx_struct_assembly.id 
_pdbx_struct_assembly.details 
_pdbx_struct_assembly.method_details 
_pdbx_struct_assembly.oligomeric_details 
_pdbx_struct_assembly.oligomeric_count 
1 author_and_software_defined_assembly PISA dimeric    2 
2 software_defined_assembly            PISA tetrameric 4 
3 software_defined_assembly            PISA tetrameric 4 
4 software_defined_assembly            PISA tetrameric 4 
5 software_defined_assembly            PISA tetrameric 4 
# 
loop_
_pdbx_struct_assembly_prop.biol_id 
_pdbx_struct_assembly_prop.type 
_pdbx_struct_assembly_prop.value 
_pdbx_struct_assembly_prop.details 
1 'ABSA (A^2)' 990   ? 
1 MORE         -7    ? 
1 'SSA (A^2)'  6100  ? 
2 'ABSA (A^2)' 4180  ? 
2 MORE         -33   ? 
2 'SSA (A^2)'  10000 ? 
3 'ABSA (A^2)' 3470  ? 
3 MORE         -18   ? 
3 'SSA (A^2)'  10710 ? 
4 'ABSA (A^2)' 3520  ? 
4 MORE         -22   ? 
4 'SSA (A^2)'  10660 ? 
5 'ABSA (A^2)' 3080  ? 
5 MORE         -19   ? 
5 'SSA (A^2)'  11100 ? 
# 
loop_
_pdbx_struct_assembly_gen.assembly_id 
_pdbx_struct_assembly_gen.oper_expression 
_pdbx_struct_assembly_gen.asym_id_list 
1 1   A,B,C,D 
2 1,2 A,B,C,D 
3 1,3 A,B,C,D 
4 1,4 B,D     
4 5,3 A,C     
5 1,6 B,D     
5 7,8 A,C     
# 
loop_
_pdbx_struct_oper_list.id 
_pdbx_struct_oper_list.type 
_pdbx_struct_oper_list.name 
_pdbx_struct_oper_list.symmetry_operation 
_pdbx_struct_oper_list.matrix[1][1] 
_pdbx_struct_oper_list.matrix[1][2] 
_pdbx_struct_oper_list.matrix[1][3] 
_pdbx_struct_oper_list.vector[1] 
_pdbx_struct_oper_list.matrix[2][1] 
_pdbx_struct_oper_list.matrix[2][2] 
_pdbx_struct_oper_list.matrix[2][3] 
_pdbx_struct_oper_list.vector[2] 
_pdbx_struct_oper_list.matrix[3][1] 
_pdbx_struct_oper_list.matrix[3][2] 
_pdbx_struct_oper_list.matrix[3][3] 
_pdbx_struct_oper_list.vector[3] 
1 'identity operation'         1_555 x,y,z               1.0000000000  0.0000000000  0.0000000000  0.0000000000   0.0000000000  1.0000000000  0.0000000000  0.0000000000   0.0000000000  0.0000000000  1.0000000000  0.0000000000   
2 'crystal symmetry operation' 8_776 -y+2,-x+2,-z+3/2    -0.9579923726 0.0996273100  0.2689331014  16.2232254400  0.0996273100  -0.7637190786 0.6378146816  14.4440891225  0.2689331014  0.6378146816  0.7217114513  -7.8849533278  
3 'crystal symmetry operation' 7_556 y,x,-z+1            0.9098907951  -0.3844351293 -0.1559114247 -4.0919614781  -0.3844351293 -0.9226184193 0.0313828565  -24.1799725822 -0.1559114247 0.0313828565  -0.9872723758 9.4953357518   
4 'crystal symmetry operation' 8_775 -y+2,-x+2,-z+1/2    -0.9579923726 0.0996273100  0.2689331014  2.2812486998   0.0996273100  -0.7637190786 0.6378146816  -68.1058852018 0.2689331014  0.6378146816  0.7217114513  24.8737557988  
5 'crystal symmetry operation' 2_774 -x+2,-y+2,z-1/2     -0.9518984224 0.2848078193  -0.1130216767 6.3459410542   0.2848078193  0.6863374980  -0.6691975381 -43.9905853855 -0.1130216767 -0.6691975381 -0.7344390755 15.2038429404  
6 'crystal symmetry operation' 7_466 y-1,x+1,-z+1        0.9098907951  -0.3844351293 -0.1559114247 -14.4013299304 -0.3844351293 -0.9226184193 0.0313828565  -48.6301667804 -0.1559114247 0.0313828565  -0.9872723758 -56.5053076222 
7 'crystal symmetry operation' 4_474 y-1/2,-x+5/2,z-1/4  0.0240507888  -0.2219866257 -0.9747530444 -3.0161850371  0.5067944450  0.8431687490  -0.1795156017 -36.5555202800 0.8617313677  -0.4896819363 0.1327804622  -31.7230553298 
8 'crystal symmetry operation' 5_656 -x+3/2,y+1/2,-z+5/4 -0.3072997619 -0.4497802660 -0.8386087101 1.8534839873   -0.4497802660 -0.7079511792 0.5445207436  -14.7394030502 -0.8386087101 0.5445207436  0.0152509411  -25.8629703605 
# 
_struct_biol.id   1 
# 
_struct_conf.conf_type_id            HELX_P 
_struct_conf.id                      HELX_P1 
_struct_conf.pdbx_PDB_helix_id       2 
_struct_conf.beg_label_comp_id       LEU 
_struct_conf.beg_label_asym_id       A 
_struct_conf.beg_label_seq_id        74 
_struct_conf.pdbx_beg_PDB_ins_code   ? 
_struct_conf.end_label_comp_id       ARG 
_struct_conf.end_label_asym_id       A 
_struct_conf.end_label_seq_id        82 
_struct_conf.pdbx_end_PDB_ins_code   ? 
_struct_conf.beg_auth_comp_id        LEU 
_struct_conf.beg_auth_asym_id        E 
_struct_conf.beg_auth_seq_id         128 
_struct_conf.end_auth_comp_id        ARG 
_struct_conf.end_auth_asym_id        E 
_struct_conf.end_auth_seq_id         136 
_struct_conf.pdbx_PDB_helix_class    1 
_struct_conf.details                 ? 
_struct_conf.pdbx_PDB_helix_length   9 
# 
_struct_conf_type.id          HELX_P 
_struct_conf_type.criteria    ? 
_struct_conf_type.reference   ? 
# 
loop_
_struct_conn.id 
_struct_conn.conn_type_id 
_struct_conn.pdbx_leaving_atom_flag 
_struct_conn.pdbx_PDB_id 
_struct_conn.ptnr1_label_asym_id 
_struct_conn.ptnr1_label_comp_id 
_struct_conn.ptnr1_label_seq_id 
_struct_conn.ptnr1_label_atom_id 
_struct_conn.pdbx_ptnr1_label_alt_id 
_struct_conn.pdbx_ptnr1_PDB_ins_code 
_struct_conn.pdbx_ptnr1_standard_comp_id 
_struct_conn.ptnr1_symmetry 
_struct_conn.ptnr2_label_asym_id 
_struct_conn.ptnr2_label_comp_id 
_struct_conn.ptnr2_label_seq_id 
_struct_conn.ptnr2_label_atom_id 
_struct_conn.pdbx_ptnr2_label_alt_id 
_struct_conn.pdbx_ptnr2_PDB_ins_code 
_struct_conn.ptnr1_auth_asym_id 
_struct_conn.ptnr1_auth_comp_id 
_struct_conn.ptnr1_auth_seq_id 
_struct_conn.ptnr2_auth_asym_id 
_struct_conn.ptnr2_auth_comp_id 
_struct_conn.ptnr2_auth_seq_id 
_struct_conn.ptnr2_symmetry 
_struct_conn.pdbx_ptnr3_label_atom_id 
_struct_conn.pdbx_ptnr3_label_seq_id 
_struct_conn.pdbx_ptnr3_label_comp_id 
_struct_conn.pdbx_ptnr3_label_asym_id 
_struct_conn.pdbx_ptnr3_label_alt_id 
_struct_conn.pdbx_ptnr3_PDB_ins_code 
_struct_conn.details 
_struct_conn.pdbx_dist_value 
_struct_conn.pdbx_value_order 
_struct_conn.pdbx_role 
covale1 covale both ? B PHE 3 C ? ? ? 1_555 B PTR 4 N ? ? I PHE 3 I PTR 4 1_555 ? ? ? ? ? ? ? 1.332 ? ? 
covale2 covale both ? B PTR 4 C ? ? ? 1_555 B VAL 5 N ? ? I PTR 4 I VAL 5 1_555 ? ? ? ? ? ? ? 1.329 ? ? 
covale3 covale both ? B VAL 7 C ? ? ? 1_555 B NH2 8 N ? ? I VAL 7 I NH2 8 1_555 ? ? ? ? ? ? ? 1.326 ? ? 
# 
_struct_conn_type.id          covale 
_struct_conn_type.criteria    ? 
_struct_conn_type.reference   ? 
# 
loop_
_pdbx_modification_feature.ordinal 
_pdbx_modification_feature.label_comp_id 
_pdbx_modification_feature.label_asym_id 
_pdbx_modification_feature.label_seq_id 
_pdbx_modification_feature.label_alt_id 
_pdbx_modification_feature.modified_residue_label_comp_id 
_pdbx_modification_feature.modified_residue_label_asym_id 
_pdbx_modification_feature.modified_residue_label_seq_id 
_pdbx_modification_feature.modified_residue_label_alt_id 
_pdbx_modification_feature.auth_comp_id 
_pdbx_modification_feature.auth_asym_id 
_pdbx_modification_feature.auth_seq_id 
_pdbx_modification_feature.PDB_ins_code 
_pdbx_modification_feature.symmetry 
_pdbx_modification_feature.modified_residue_auth_comp_id 
_pdbx_modification_feature.modified_residue_auth_asym_id 
_pdbx_modification_feature.modified_residue_auth_seq_id 
_pdbx_modification_feature.modified_residue_PDB_ins_code 
_pdbx_modification_feature.modified_residue_symmetry 
_pdbx_modification_feature.comp_id_linking_atom 
_pdbx_modification_feature.modified_residue_id_linking_atom 
_pdbx_modification_feature.modified_residue_id 
_pdbx_modification_feature.ref_pcm_id 
_pdbx_modification_feature.ref_comp_id 
_pdbx_modification_feature.type 
_pdbx_modification_feature.category 
1 PTR B 4 ? .   . . . PTR I 4 ? 1_555 .   . . . .     . . TYR 1 PTR Phosphorylation 'Named protein modification' 
2 NH2 B 8 ? VAL B 7 ? NH2 I 8 ? 1_555 VAL I 7 ? 1_555 . . VAL 2 NH2 None            'Terminal amidation'         
# 
loop_
_struct_sheet.id 
_struct_sheet.type 
_struct_sheet.number_strands 
_struct_sheet.details 
A ? 6 ? 
B ? 1 ? 
# 
loop_
_struct_sheet_order.sheet_id 
_struct_sheet_order.range_id_1 
_struct_sheet_order.range_id_2 
_struct_sheet_order.offset 
_struct_sheet_order.sense 
A 1 2 ? parallel      
A 2 3 ? anti-parallel 
A 3 4 ? anti-parallel 
A 4 5 ? anti-parallel 
A 5 6 ? anti-parallel 
# 
loop_
_struct_sheet_range.sheet_id 
_struct_sheet_range.id 
_struct_sheet_range.beg_label_comp_id 
_struct_sheet_range.beg_label_asym_id 
_struct_sheet_range.beg_label_seq_id 
_struct_sheet_range.pdbx_beg_PDB_ins_code 
_struct_sheet_range.end_label_comp_id 
_struct_sheet_range.end_label_asym_id 
_struct_sheet_range.end_label_seq_id 
_struct_sheet_range.pdbx_end_PDB_ins_code 
_struct_sheet_range.beg_auth_comp_id 
_struct_sheet_range.beg_auth_asym_id 
_struct_sheet_range.beg_auth_seq_id 
_struct_sheet_range.end_auth_comp_id 
_struct_sheet_range.end_auth_asym_id 
_struct_sheet_range.end_auth_seq_id 
A 1 TRP A 6  ? GLY A 9  ? TRP E 60  GLY E 63  
A 2 PHE A 29 ? GLU A 33 ? PHE E 83  GLU E 87  
A 3 PHE A 41 ? PHE A 47 ? PHE E 95  PHE E 101 
A 4 ASP A 50 ? ASP A 59 ? ASP E 104 ASP E 113 
A 5 LYS A 63 ? LEU A 66 ? LYS E 117 LEU E 120 
A 6 VAL A 69 ? PHE A 71 ? VAL E 123 PHE E 125 
B 1 LEU A 94 ? ILE A 97 ? LEU E 148 ILE E 151 
# 
_struct_site.id                   AC1 
_struct_site.pdbx_evidence_code   Software 
_struct_site.pdbx_auth_asym_id    I 
_struct_site.pdbx_auth_comp_id    NH2 
_struct_site.pdbx_auth_seq_id     8 
_struct_site.pdbx_auth_ins_code   ? 
_struct_site.pdbx_num_residues    2 
_struct_site.details              'BINDING SITE FOR RESIDUE NH2 I 8' 
# 
loop_
_struct_site_gen.id 
_struct_site_gen.site_id 
_struct_site_gen.pdbx_num_res 
_struct_site_gen.label_comp_id 
_struct_site_gen.label_asym_id 
_struct_site_gen.label_seq_id 
_struct_site_gen.pdbx_auth_ins_code 
_struct_site_gen.auth_comp_id 
_struct_site_gen.auth_asym_id 
_struct_site_gen.auth_seq_id 
_struct_site_gen.label_atom_id 
_struct_site_gen.label_alt_id 
_struct_site_gen.symmetry 
_struct_site_gen.details 
1 AC1 2 VAL B 7 ? VAL I 7   . ? 8_776 ? 
2 AC1 2 HOH C . ? HOH E 173 . ? 8_776 ? 
# 
_pdbx_entry_details.entry_id                   1TZE 
_pdbx_entry_details.compound_details           ? 
_pdbx_entry_details.source_details             ? 
_pdbx_entry_details.nonpolymer_details         ? 
_pdbx_entry_details.sequence_details           ? 
_pdbx_entry_details.has_ligand_of_interest     ? 
_pdbx_entry_details.has_protein_modification   Y 
# 
_pdbx_validate_symm_contact.id                1 
_pdbx_validate_symm_contact.PDB_model_num     1 
_pdbx_validate_symm_contact.auth_atom_id_1    O 
_pdbx_validate_symm_contact.auth_asym_id_1    E 
_pdbx_validate_symm_contact.auth_comp_id_1    HOH 
_pdbx_validate_symm_contact.auth_seq_id_1     225 
_pdbx_validate_symm_contact.PDB_ins_code_1    ? 
_pdbx_validate_symm_contact.label_alt_id_1    ? 
_pdbx_validate_symm_contact.site_symmetry_1   1_555 
_pdbx_validate_symm_contact.auth_atom_id_2    O 
_pdbx_validate_symm_contact.auth_asym_id_2    E 
_pdbx_validate_symm_contact.auth_comp_id_2    HOH 
_pdbx_validate_symm_contact.auth_seq_id_2     225 
_pdbx_validate_symm_contact.PDB_ins_code_2    ? 
_pdbx_validate_symm_contact.label_alt_id_2    ? 
_pdbx_validate_symm_contact.site_symmetry_2   8_776 
_pdbx_validate_symm_contact.dist              0.84 
# 
loop_
_pdbx_validate_torsion.id 
_pdbx_validate_torsion.PDB_model_num 
_pdbx_validate_torsion.auth_comp_id 
_pdbx_validate_torsion.auth_asym_id 
_pdbx_validate_torsion.auth_seq_id 
_pdbx_validate_torsion.PDB_ins_code 
_pdbx_validate_torsion.label_alt_id 
_pdbx_validate_torsion.phi 
_pdbx_validate_torsion.psi 
1 1 TRP E 121 ? ? -126.19 -72.43 
2 1 VAL E 122 ? ? -132.07 -38.85 
# 
_pdbx_struct_mod_residue.id               1 
_pdbx_struct_mod_residue.label_asym_id    B 
_pdbx_struct_mod_residue.label_comp_id    PTR 
_pdbx_struct_mod_residue.label_seq_id     4 
_pdbx_struct_mod_residue.auth_asym_id     I 
_pdbx_struct_mod_residue.auth_comp_id     PTR 
_pdbx_struct_mod_residue.auth_seq_id      4 
_pdbx_struct_mod_residue.PDB_ins_code     ? 
_pdbx_struct_mod_residue.parent_comp_id   TYR 
_pdbx_struct_mod_residue.details          O-PHOSPHOTYROSINE 
# 
_pdbx_struct_special_symmetry.id              1 
_pdbx_struct_special_symmetry.PDB_model_num   1 
_pdbx_struct_special_symmetry.auth_asym_id    E 
_pdbx_struct_special_symmetry.auth_comp_id    HOH 
_pdbx_struct_special_symmetry.auth_seq_id     198 
_pdbx_struct_special_symmetry.PDB_ins_code    ? 
_pdbx_struct_special_symmetry.label_asym_id   C 
_pdbx_struct_special_symmetry.label_comp_id   HOH 
_pdbx_struct_special_symmetry.label_seq_id    . 
# 
loop_
_chem_comp_atom.comp_id 
_chem_comp_atom.atom_id 
_chem_comp_atom.type_symbol 
_chem_comp_atom.pdbx_aromatic_flag 
_chem_comp_atom.pdbx_stereo_config 
_chem_comp_atom.pdbx_ordinal 
ALA N    N N N 1   
ALA CA   C N S 2   
ALA C    C N N 3   
ALA O    O N N 4   
ALA CB   C N N 5   
ALA OXT  O N N 6   
ALA H    H N N 7   
ALA H2   H N N 8   
ALA HA   H N N 9   
ALA HB1  H N N 10  
ALA HB2  H N N 11  
ALA HB3  H N N 12  
ALA HXT  H N N 13  
ARG N    N N N 14  
ARG CA   C N S 15  
ARG C    C N N 16  
ARG O    O N N 17  
ARG CB   C N N 18  
ARG CG   C N N 19  
ARG CD   C N N 20  
ARG NE   N N N 21  
ARG CZ   C N N 22  
ARG NH1  N N N 23  
ARG NH2  N N N 24  
ARG OXT  O N N 25  
ARG H    H N N 26  
ARG H2   H N N 27  
ARG HA   H N N 28  
ARG HB2  H N N 29  
ARG HB3  H N N 30  
ARG HG2  H N N 31  
ARG HG3  H N N 32  
ARG HD2  H N N 33  
ARG HD3  H N N 34  
ARG HE   H N N 35  
ARG HH11 H N N 36  
ARG HH12 H N N 37  
ARG HH21 H N N 38  
ARG HH22 H N N 39  
ARG HXT  H N N 40  
ASN N    N N N 41  
ASN CA   C N S 42  
ASN C    C N N 43  
ASN O    O N N 44  
ASN CB   C N N 45  
ASN CG   C N N 46  
ASN OD1  O N N 47  
ASN ND2  N N N 48  
ASN OXT  O N N 49  
ASN H    H N N 50  
ASN H2   H N N 51  
ASN HA   H N N 52  
ASN HB2  H N N 53  
ASN HB3  H N N 54  
ASN HD21 H N N 55  
ASN HD22 H N N 56  
ASN HXT  H N N 57  
ASP N    N N N 58  
ASP CA   C N S 59  
ASP C    C N N 60  
ASP O    O N N 61  
ASP CB   C N N 62  
ASP CG   C N N 63  
ASP OD1  O N N 64  
ASP OD2  O N N 65  
ASP OXT  O N N 66  
ASP H    H N N 67  
ASP H2   H N N 68  
ASP HA   H N N 69  
ASP HB2  H N N 70  
ASP HB3  H N N 71  
ASP HD2  H N N 72  
ASP HXT  H N N 73  
GLN N    N N N 74  
GLN CA   C N S 75  
GLN C    C N N 76  
GLN O    O N N 77  
GLN CB   C N N 78  
GLN CG   C N N 79  
GLN CD   C N N 80  
GLN OE1  O N N 81  
GLN NE2  N N N 82  
GLN OXT  O N N 83  
GLN H    H N N 84  
GLN H2   H N N 85  
GLN HA   H N N 86  
GLN HB2  H N N 87  
GLN HB3  H N N 88  
GLN HG2  H N N 89  
GLN HG3  H N N 90  
GLN HE21 H N N 91  
GLN HE22 H N N 92  
GLN HXT  H N N 93  
GLU N    N N N 94  
GLU CA   C N S 95  
GLU C    C N N 96  
GLU O    O N N 97  
GLU CB   C N N 98  
GLU CG   C N N 99  
GLU CD   C N N 100 
GLU OE1  O N N 101 
GLU OE2  O N N 102 
GLU OXT  O N N 103 
GLU H    H N N 104 
GLU H2   H N N 105 
GLU HA   H N N 106 
GLU HB2  H N N 107 
GLU HB3  H N N 108 
GLU HG2  H N N 109 
GLU HG3  H N N 110 
GLU HE2  H N N 111 
GLU HXT  H N N 112 
GLY N    N N N 113 
GLY CA   C N N 114 
GLY C    C N N 115 
GLY O    O N N 116 
GLY OXT  O N N 117 
GLY H    H N N 118 
GLY H2   H N N 119 
GLY HA2  H N N 120 
GLY HA3  H N N 121 
GLY HXT  H N N 122 
HIS N    N N N 123 
HIS CA   C N S 124 
HIS C    C N N 125 
HIS O    O N N 126 
HIS CB   C N N 127 
HIS CG   C Y N 128 
HIS ND1  N Y N 129 
HIS CD2  C Y N 130 
HIS CE1  C Y N 131 
HIS NE2  N Y N 132 
HIS OXT  O N N 133 
HIS H    H N N 134 
HIS H2   H N N 135 
HIS HA   H N N 136 
HIS HB2  H N N 137 
HIS HB3  H N N 138 
HIS HD1  H N N 139 
HIS HD2  H N N 140 
HIS HE1  H N N 141 
HIS HE2  H N N 142 
HIS HXT  H N N 143 
HOH O    O N N 144 
HOH H1   H N N 145 
HOH H2   H N N 146 
ILE N    N N N 147 
ILE CA   C N S 148 
ILE C    C N N 149 
ILE O    O N N 150 
ILE CB   C N S 151 
ILE CG1  C N N 152 
ILE CG2  C N N 153 
ILE CD1  C N N 154 
ILE OXT  O N N 155 
ILE H    H N N 156 
ILE H2   H N N 157 
ILE HA   H N N 158 
ILE HB   H N N 159 
ILE HG12 H N N 160 
ILE HG13 H N N 161 
ILE HG21 H N N 162 
ILE HG22 H N N 163 
ILE HG23 H N N 164 
ILE HD11 H N N 165 
ILE HD12 H N N 166 
ILE HD13 H N N 167 
ILE HXT  H N N 168 
LEU N    N N N 169 
LEU CA   C N S 170 
LEU C    C N N 171 
LEU O    O N N 172 
LEU CB   C N N 173 
LEU CG   C N N 174 
LEU CD1  C N N 175 
LEU CD2  C N N 176 
LEU OXT  O N N 177 
LEU H    H N N 178 
LEU H2   H N N 179 
LEU HA   H N N 180 
LEU HB2  H N N 181 
LEU HB3  H N N 182 
LEU HG   H N N 183 
LEU HD11 H N N 184 
LEU HD12 H N N 185 
LEU HD13 H N N 186 
LEU HD21 H N N 187 
LEU HD22 H N N 188 
LEU HD23 H N N 189 
LEU HXT  H N N 190 
LYS N    N N N 191 
LYS CA   C N S 192 
LYS C    C N N 193 
LYS O    O N N 194 
LYS CB   C N N 195 
LYS CG   C N N 196 
LYS CD   C N N 197 
LYS CE   C N N 198 
LYS NZ   N N N 199 
LYS OXT  O N N 200 
LYS H    H N N 201 
LYS H2   H N N 202 
LYS HA   H N N 203 
LYS HB2  H N N 204 
LYS HB3  H N N 205 
LYS HG2  H N N 206 
LYS HG3  H N N 207 
LYS HD2  H N N 208 
LYS HD3  H N N 209 
LYS HE2  H N N 210 
LYS HE3  H N N 211 
LYS HZ1  H N N 212 
LYS HZ2  H N N 213 
LYS HZ3  H N N 214 
LYS HXT  H N N 215 
MET N    N N N 216 
MET CA   C N S 217 
MET C    C N N 218 
MET O    O N N 219 
MET CB   C N N 220 
MET CG   C N N 221 
MET SD   S N N 222 
MET CE   C N N 223 
MET OXT  O N N 224 
MET H    H N N 225 
MET H2   H N N 226 
MET HA   H N N 227 
MET HB2  H N N 228 
MET HB3  H N N 229 
MET HG2  H N N 230 
MET HG3  H N N 231 
MET HE1  H N N 232 
MET HE2  H N N 233 
MET HE3  H N N 234 
MET HXT  H N N 235 
NH2 N    N N N 236 
NH2 HN1  H N N 237 
NH2 HN2  H N N 238 
PHE N    N N N 239 
PHE CA   C N S 240 
PHE C    C N N 241 
PHE O    O N N 242 
PHE CB   C N N 243 
PHE CG   C Y N 244 
PHE CD1  C Y N 245 
PHE CD2  C Y N 246 
PHE CE1  C Y N 247 
PHE CE2  C Y N 248 
PHE CZ   C Y N 249 
PHE OXT  O N N 250 
PHE H    H N N 251 
PHE H2   H N N 252 
PHE HA   H N N 253 
PHE HB2  H N N 254 
PHE HB3  H N N 255 
PHE HD1  H N N 256 
PHE HD2  H N N 257 
PHE HE1  H N N 258 
PHE HE2  H N N 259 
PHE HZ   H N N 260 
PHE HXT  H N N 261 
PRO N    N N N 262 
PRO CA   C N S 263 
PRO C    C N N 264 
PRO O    O N N 265 
PRO CB   C N N 266 
PRO CG   C N N 267 
PRO CD   C N N 268 
PRO OXT  O N N 269 
PRO H    H N N 270 
PRO HA   H N N 271 
PRO HB2  H N N 272 
PRO HB3  H N N 273 
PRO HG2  H N N 274 
PRO HG3  H N N 275 
PRO HD2  H N N 276 
PRO HD3  H N N 277 
PRO HXT  H N N 278 
PTR N    N N N 279 
PTR CA   C N S 280 
PTR C    C N N 281 
PTR O    O N N 282 
PTR OXT  O N N 283 
PTR CB   C N N 284 
PTR CG   C Y N 285 
PTR CD1  C Y N 286 
PTR CD2  C Y N 287 
PTR CE1  C Y N 288 
PTR CE2  C Y N 289 
PTR CZ   C Y N 290 
PTR OH   O N N 291 
PTR P    P N N 292 
PTR O1P  O N N 293 
PTR O2P  O N N 294 
PTR O3P  O N N 295 
PTR H    H N N 296 
PTR H2   H N N 297 
PTR HA   H N N 298 
PTR HXT  H N N 299 
PTR HB2  H N N 300 
PTR HB3  H N N 301 
PTR HD1  H N N 302 
PTR HD2  H N N 303 
PTR HE1  H N N 304 
PTR HE2  H N N 305 
PTR HO2P H N N 306 
PTR HO3P H N N 307 
SER N    N N N 308 
SER CA   C N S 309 
SER C    C N N 310 
SER O    O N N 311 
SER CB   C N N 312 
SER OG   O N N 313 
SER OXT  O N N 314 
SER H    H N N 315 
SER H2   H N N 316 
SER HA   H N N 317 
SER HB2  H N N 318 
SER HB3  H N N 319 
SER HG   H N N 320 
SER HXT  H N N 321 
THR N    N N N 322 
THR CA   C N S 323 
THR C    C N N 324 
THR O    O N N 325 
THR CB   C N R 326 
THR OG1  O N N 327 
THR CG2  C N N 328 
THR OXT  O N N 329 
THR H    H N N 330 
THR H2   H N N 331 
THR HA   H N N 332 
THR HB   H N N 333 
THR HG1  H N N 334 
THR HG21 H N N 335 
THR HG22 H N N 336 
THR HG23 H N N 337 
THR HXT  H N N 338 
TRP N    N N N 339 
TRP CA   C N S 340 
TRP C    C N N 341 
TRP O    O N N 342 
TRP CB   C N N 343 
TRP CG   C Y N 344 
TRP CD1  C Y N 345 
TRP CD2  C Y N 346 
TRP NE1  N Y N 347 
TRP CE2  C Y N 348 
TRP CE3  C Y N 349 
TRP CZ2  C Y N 350 
TRP CZ3  C Y N 351 
TRP CH2  C Y N 352 
TRP OXT  O N N 353 
TRP H    H N N 354 
TRP H2   H N N 355 
TRP HA   H N N 356 
TRP HB2  H N N 357 
TRP HB3  H N N 358 
TRP HD1  H N N 359 
TRP HE1  H N N 360 
TRP HE3  H N N 361 
TRP HZ2  H N N 362 
TRP HZ3  H N N 363 
TRP HH2  H N N 364 
TRP HXT  H N N 365 
TYR N    N N N 366 
TYR CA   C N S 367 
TYR C    C N N 368 
TYR O    O N N 369 
TYR CB   C N N 370 
TYR CG   C Y N 371 
TYR CD1  C Y N 372 
TYR CD2  C Y N 373 
TYR CE1  C Y N 374 
TYR CE2  C Y N 375 
TYR CZ   C Y N 376 
TYR OH   O N N 377 
TYR OXT  O N N 378 
TYR H    H N N 379 
TYR H2   H N N 380 
TYR HA   H N N 381 
TYR HB2  H N N 382 
TYR HB3  H N N 383 
TYR HD1  H N N 384 
TYR HD2  H N N 385 
TYR HE1  H N N 386 
TYR HE2  H N N 387 
TYR HH   H N N 388 
TYR HXT  H N N 389 
VAL N    N N N 390 
VAL CA   C N S 391 
VAL C    C N N 392 
VAL O    O N N 393 
VAL CB   C N N 394 
VAL CG1  C N N 395 
VAL CG2  C N N 396 
VAL OXT  O N N 397 
VAL H    H N N 398 
VAL H2   H N N 399 
VAL HA   H N N 400 
VAL HB   H N N 401 
VAL HG11 H N N 402 
VAL HG12 H N N 403 
VAL HG13 H N N 404 
VAL HG21 H N N 405 
VAL HG22 H N N 406 
VAL HG23 H N N 407 
VAL HXT  H N N 408 
# 
loop_
_chem_comp_bond.comp_id 
_chem_comp_bond.atom_id_1 
_chem_comp_bond.atom_id_2 
_chem_comp_bond.value_order 
_chem_comp_bond.pdbx_aromatic_flag 
_chem_comp_bond.pdbx_stereo_config 
_chem_comp_bond.pdbx_ordinal 
ALA N   CA   sing N N 1   
ALA N   H    sing N N 2   
ALA N   H2   sing N N 3   
ALA CA  C    sing N N 4   
ALA CA  CB   sing N N 5   
ALA CA  HA   sing N N 6   
ALA C   O    doub N N 7   
ALA C   OXT  sing N N 8   
ALA CB  HB1  sing N N 9   
ALA CB  HB2  sing N N 10  
ALA CB  HB3  sing N N 11  
ALA OXT HXT  sing N N 12  
ARG N   CA   sing N N 13  
ARG N   H    sing N N 14  
ARG N   H2   sing N N 15  
ARG CA  C    sing N N 16  
ARG CA  CB   sing N N 17  
ARG CA  HA   sing N N 18  
ARG C   O    doub N N 19  
ARG C   OXT  sing N N 20  
ARG CB  CG   sing N N 21  
ARG CB  HB2  sing N N 22  
ARG CB  HB3  sing N N 23  
ARG CG  CD   sing N N 24  
ARG CG  HG2  sing N N 25  
ARG CG  HG3  sing N N 26  
ARG CD  NE   sing N N 27  
ARG CD  HD2  sing N N 28  
ARG CD  HD3  sing N N 29  
ARG NE  CZ   sing N N 30  
ARG NE  HE   sing N N 31  
ARG CZ  NH1  sing N N 32  
ARG CZ  NH2  doub N N 33  
ARG NH1 HH11 sing N N 34  
ARG NH1 HH12 sing N N 35  
ARG NH2 HH21 sing N N 36  
ARG NH2 HH22 sing N N 37  
ARG OXT HXT  sing N N 38  
ASN N   CA   sing N N 39  
ASN N   H    sing N N 40  
ASN N   H2   sing N N 41  
ASN CA  C    sing N N 42  
ASN CA  CB   sing N N 43  
ASN CA  HA   sing N N 44  
ASN C   O    doub N N 45  
ASN C   OXT  sing N N 46  
ASN CB  CG   sing N N 47  
ASN CB  HB2  sing N N 48  
ASN CB  HB3  sing N N 49  
ASN CG  OD1  doub N N 50  
ASN CG  ND2  sing N N 51  
ASN ND2 HD21 sing N N 52  
ASN ND2 HD22 sing N N 53  
ASN OXT HXT  sing N N 54  
ASP N   CA   sing N N 55  
ASP N   H    sing N N 56  
ASP N   H2   sing N N 57  
ASP CA  C    sing N N 58  
ASP CA  CB   sing N N 59  
ASP CA  HA   sing N N 60  
ASP C   O    doub N N 61  
ASP C   OXT  sing N N 62  
ASP CB  CG   sing N N 63  
ASP CB  HB2  sing N N 64  
ASP CB  HB3  sing N N 65  
ASP CG  OD1  doub N N 66  
ASP CG  OD2  sing N N 67  
ASP OD2 HD2  sing N N 68  
ASP OXT HXT  sing N N 69  
GLN N   CA   sing N N 70  
GLN N   H    sing N N 71  
GLN N   H2   sing N N 72  
GLN CA  C    sing N N 73  
GLN CA  CB   sing N N 74  
GLN CA  HA   sing N N 75  
GLN C   O    doub N N 76  
GLN C   OXT  sing N N 77  
GLN CB  CG   sing N N 78  
GLN CB  HB2  sing N N 79  
GLN CB  HB3  sing N N 80  
GLN CG  CD   sing N N 81  
GLN CG  HG2  sing N N 82  
GLN CG  HG3  sing N N 83  
GLN CD  OE1  doub N N 84  
GLN CD  NE2  sing N N 85  
GLN NE2 HE21 sing N N 86  
GLN NE2 HE22 sing N N 87  
GLN OXT HXT  sing N N 88  
GLU N   CA   sing N N 89  
GLU N   H    sing N N 90  
GLU N   H2   sing N N 91  
GLU CA  C    sing N N 92  
GLU CA  CB   sing N N 93  
GLU CA  HA   sing N N 94  
GLU C   O    doub N N 95  
GLU C   OXT  sing N N 96  
GLU CB  CG   sing N N 97  
GLU CB  HB2  sing N N 98  
GLU CB  HB3  sing N N 99  
GLU CG  CD   sing N N 100 
GLU CG  HG2  sing N N 101 
GLU CG  HG3  sing N N 102 
GLU CD  OE1  doub N N 103 
GLU CD  OE2  sing N N 104 
GLU OE2 HE2  sing N N 105 
GLU OXT HXT  sing N N 106 
GLY N   CA   sing N N 107 
GLY N   H    sing N N 108 
GLY N   H2   sing N N 109 
GLY CA  C    sing N N 110 
GLY CA  HA2  sing N N 111 
GLY CA  HA3  sing N N 112 
GLY C   O    doub N N 113 
GLY C   OXT  sing N N 114 
GLY OXT HXT  sing N N 115 
HIS N   CA   sing N N 116 
HIS N   H    sing N N 117 
HIS N   H2   sing N N 118 
HIS CA  C    sing N N 119 
HIS CA  CB   sing N N 120 
HIS CA  HA   sing N N 121 
HIS C   O    doub N N 122 
HIS C   OXT  sing N N 123 
HIS CB  CG   sing N N 124 
HIS CB  HB2  sing N N 125 
HIS CB  HB3  sing N N 126 
HIS CG  ND1  sing Y N 127 
HIS CG  CD2  doub Y N 128 
HIS ND1 CE1  doub Y N 129 
HIS ND1 HD1  sing N N 130 
HIS CD2 NE2  sing Y N 131 
HIS CD2 HD2  sing N N 132 
HIS CE1 NE2  sing Y N 133 
HIS CE1 HE1  sing N N 134 
HIS NE2 HE2  sing N N 135 
HIS OXT HXT  sing N N 136 
HOH O   H1   sing N N 137 
HOH O   H2   sing N N 138 
ILE N   CA   sing N N 139 
ILE N   H    sing N N 140 
ILE N   H2   sing N N 141 
ILE CA  C    sing N N 142 
ILE CA  CB   sing N N 143 
ILE CA  HA   sing N N 144 
ILE C   O    doub N N 145 
ILE C   OXT  sing N N 146 
ILE CB  CG1  sing N N 147 
ILE CB  CG2  sing N N 148 
ILE CB  HB   sing N N 149 
ILE CG1 CD1  sing N N 150 
ILE CG1 HG12 sing N N 151 
ILE CG1 HG13 sing N N 152 
ILE CG2 HG21 sing N N 153 
ILE CG2 HG22 sing N N 154 
ILE CG2 HG23 sing N N 155 
ILE CD1 HD11 sing N N 156 
ILE CD1 HD12 sing N N 157 
ILE CD1 HD13 sing N N 158 
ILE OXT HXT  sing N N 159 
LEU N   CA   sing N N 160 
LEU N   H    sing N N 161 
LEU N   H2   sing N N 162 
LEU CA  C    sing N N 163 
LEU CA  CB   sing N N 164 
LEU CA  HA   sing N N 165 
LEU C   O    doub N N 166 
LEU C   OXT  sing N N 167 
LEU CB  CG   sing N N 168 
LEU CB  HB2  sing N N 169 
LEU CB  HB3  sing N N 170 
LEU CG  CD1  sing N N 171 
LEU CG  CD2  sing N N 172 
LEU CG  HG   sing N N 173 
LEU CD1 HD11 sing N N 174 
LEU CD1 HD12 sing N N 175 
LEU CD1 HD13 sing N N 176 
LEU CD2 HD21 sing N N 177 
LEU CD2 HD22 sing N N 178 
LEU CD2 HD23 sing N N 179 
LEU OXT HXT  sing N N 180 
LYS N   CA   sing N N 181 
LYS N   H    sing N N 182 
LYS N   H2   sing N N 183 
LYS CA  C    sing N N 184 
LYS CA  CB   sing N N 185 
LYS CA  HA   sing N N 186 
LYS C   O    doub N N 187 
LYS C   OXT  sing N N 188 
LYS CB  CG   sing N N 189 
LYS CB  HB2  sing N N 190 
LYS CB  HB3  sing N N 191 
LYS CG  CD   sing N N 192 
LYS CG  HG2  sing N N 193 
LYS CG  HG3  sing N N 194 
LYS CD  CE   sing N N 195 
LYS CD  HD2  sing N N 196 
LYS CD  HD3  sing N N 197 
LYS CE  NZ   sing N N 198 
LYS CE  HE2  sing N N 199 
LYS CE  HE3  sing N N 200 
LYS NZ  HZ1  sing N N 201 
LYS NZ  HZ2  sing N N 202 
LYS NZ  HZ3  sing N N 203 
LYS OXT HXT  sing N N 204 
MET N   CA   sing N N 205 
MET N   H    sing N N 206 
MET N   H2   sing N N 207 
MET CA  C    sing N N 208 
MET CA  CB   sing N N 209 
MET CA  HA   sing N N 210 
MET C   O    doub N N 211 
MET C   OXT  sing N N 212 
MET CB  CG   sing N N 213 
MET CB  HB2  sing N N 214 
MET CB  HB3  sing N N 215 
MET CG  SD   sing N N 216 
MET CG  HG2  sing N N 217 
MET CG  HG3  sing N N 218 
MET SD  CE   sing N N 219 
MET CE  HE1  sing N N 220 
MET CE  HE2  sing N N 221 
MET CE  HE3  sing N N 222 
MET OXT HXT  sing N N 223 
NH2 N   HN1  sing N N 224 
NH2 N   HN2  sing N N 225 
PHE N   CA   sing N N 226 
PHE N   H    sing N N 227 
PHE N   H2   sing N N 228 
PHE CA  C    sing N N 229 
PHE CA  CB   sing N N 230 
PHE CA  HA   sing N N 231 
PHE C   O    doub N N 232 
PHE C   OXT  sing N N 233 
PHE CB  CG   sing N N 234 
PHE CB  HB2  sing N N 235 
PHE CB  HB3  sing N N 236 
PHE CG  CD1  doub Y N 237 
PHE CG  CD2  sing Y N 238 
PHE CD1 CE1  sing Y N 239 
PHE CD1 HD1  sing N N 240 
PHE CD2 CE2  doub Y N 241 
PHE CD2 HD2  sing N N 242 
PHE CE1 CZ   doub Y N 243 
PHE CE1 HE1  sing N N 244 
PHE CE2 CZ   sing Y N 245 
PHE CE2 HE2  sing N N 246 
PHE CZ  HZ   sing N N 247 
PHE OXT HXT  sing N N 248 
PRO N   CA   sing N N 249 
PRO N   CD   sing N N 250 
PRO N   H    sing N N 251 
PRO CA  C    sing N N 252 
PRO CA  CB   sing N N 253 
PRO CA  HA   sing N N 254 
PRO C   O    doub N N 255 
PRO C   OXT  sing N N 256 
PRO CB  CG   sing N N 257 
PRO CB  HB2  sing N N 258 
PRO CB  HB3  sing N N 259 
PRO CG  CD   sing N N 260 
PRO CG  HG2  sing N N 261 
PRO CG  HG3  sing N N 262 
PRO CD  HD2  sing N N 263 
PRO CD  HD3  sing N N 264 
PRO OXT HXT  sing N N 265 
PTR N   CA   sing N N 266 
PTR N   H    sing N N 267 
PTR N   H2   sing N N 268 
PTR CA  C    sing N N 269 
PTR CA  CB   sing N N 270 
PTR CA  HA   sing N N 271 
PTR C   O    doub N N 272 
PTR C   OXT  sing N N 273 
PTR OXT HXT  sing N N 274 
PTR CB  CG   sing N N 275 
PTR CB  HB2  sing N N 276 
PTR CB  HB3  sing N N 277 
PTR CG  CD1  doub Y N 278 
PTR CG  CD2  sing Y N 279 
PTR CD1 CE1  sing Y N 280 
PTR CD1 HD1  sing N N 281 
PTR CD2 CE2  doub Y N 282 
PTR CD2 HD2  sing N N 283 
PTR CE1 CZ   doub Y N 284 
PTR CE1 HE1  sing N N 285 
PTR CE2 CZ   sing Y N 286 
PTR CE2 HE2  sing N N 287 
PTR CZ  OH   sing N N 288 
PTR OH  P    sing N N 289 
PTR P   O1P  doub N N 290 
PTR P   O2P  sing N N 291 
PTR P   O3P  sing N N 292 
PTR O2P HO2P sing N N 293 
PTR O3P HO3P sing N N 294 
SER N   CA   sing N N 295 
SER N   H    sing N N 296 
SER N   H2   sing N N 297 
SER CA  C    sing N N 298 
SER CA  CB   sing N N 299 
SER CA  HA   sing N N 300 
SER C   O    doub N N 301 
SER C   OXT  sing N N 302 
SER CB  OG   sing N N 303 
SER CB  HB2  sing N N 304 
SER CB  HB3  sing N N 305 
SER OG  HG   sing N N 306 
SER OXT HXT  sing N N 307 
THR N   CA   sing N N 308 
THR N   H    sing N N 309 
THR N   H2   sing N N 310 
THR CA  C    sing N N 311 
THR CA  CB   sing N N 312 
THR CA  HA   sing N N 313 
THR C   O    doub N N 314 
THR C   OXT  sing N N 315 
THR CB  OG1  sing N N 316 
THR CB  CG2  sing N N 317 
THR CB  HB   sing N N 318 
THR OG1 HG1  sing N N 319 
THR CG2 HG21 sing N N 320 
THR CG2 HG22 sing N N 321 
THR CG2 HG23 sing N N 322 
THR OXT HXT  sing N N 323 
TRP N   CA   sing N N 324 
TRP N   H    sing N N 325 
TRP N   H2   sing N N 326 
TRP CA  C    sing N N 327 
TRP CA  CB   sing N N 328 
TRP CA  HA   sing N N 329 
TRP C   O    doub N N 330 
TRP C   OXT  sing N N 331 
TRP CB  CG   sing N N 332 
TRP CB  HB2  sing N N 333 
TRP CB  HB3  sing N N 334 
TRP CG  CD1  doub Y N 335 
TRP CG  CD2  sing Y N 336 
TRP CD1 NE1  sing Y N 337 
TRP CD1 HD1  sing N N 338 
TRP CD2 CE2  doub Y N 339 
TRP CD2 CE3  sing Y N 340 
TRP NE1 CE2  sing Y N 341 
TRP NE1 HE1  sing N N 342 
TRP CE2 CZ2  sing Y N 343 
TRP CE3 CZ3  doub Y N 344 
TRP CE3 HE3  sing N N 345 
TRP CZ2 CH2  doub Y N 346 
TRP CZ2 HZ2  sing N N 347 
TRP CZ3 CH2  sing Y N 348 
TRP CZ3 HZ3  sing N N 349 
TRP CH2 HH2  sing N N 350 
TRP OXT HXT  sing N N 351 
TYR N   CA   sing N N 352 
TYR N   H    sing N N 353 
TYR N   H2   sing N N 354 
TYR CA  C    sing N N 355 
TYR CA  CB   sing N N 356 
TYR CA  HA   sing N N 357 
TYR C   O    doub N N 358 
TYR C   OXT  sing N N 359 
TYR CB  CG   sing N N 360 
TYR CB  HB2  sing N N 361 
TYR CB  HB3  sing N N 362 
TYR CG  CD1  doub Y N 363 
TYR CG  CD2  sing Y N 364 
TYR CD1 CE1  sing Y N 365 
TYR CD1 HD1  sing N N 366 
TYR CD2 CE2  doub Y N 367 
TYR CD2 HD2  sing N N 368 
TYR CE1 CZ   doub Y N 369 
TYR CE1 HE1  sing N N 370 
TYR CE2 CZ   sing Y N 371 
TYR CE2 HE2  sing N N 372 
TYR CZ  OH   sing N N 373 
TYR OH  HH   sing N N 374 
TYR OXT HXT  sing N N 375 
VAL N   CA   sing N N 376 
VAL N   H    sing N N 377 
VAL N   H2   sing N N 378 
VAL CA  C    sing N N 379 
VAL CA  CB   sing N N 380 
VAL CA  HA   sing N N 381 
VAL C   O    doub N N 382 
VAL C   OXT  sing N N 383 
VAL CB  CG1  sing N N 384 
VAL CB  CG2  sing N N 385 
VAL CB  HB   sing N N 386 
VAL CG1 HG11 sing N N 387 
VAL CG1 HG12 sing N N 388 
VAL CG1 HG13 sing N N 389 
VAL CG2 HG21 sing N N 390 
VAL CG2 HG22 sing N N 391 
VAL CG2 HG23 sing N N 392 
VAL OXT HXT  sing N N 393 
# 
_atom_sites.entry_id                    1TZE 
_atom_sites.fract_transf_matrix[1][1]   0.01577503 
_atom_sites.fract_transf_matrix[1][2]   0.00206675 
_atom_sites.fract_transf_matrix[1][3]   0.01192187 
_atom_sites.fract_transf_matrix[2][1]   0.01170027 
_atom_sites.fract_transf_matrix[2][2]   -0.00759715 
_atom_sites.fract_transf_matrix[2][3]   -0.01416478 
_atom_sites.fract_transf_matrix[3][1]   0.00172499 
_atom_sites.fract_transf_matrix[3][2]   0.01021361 
_atom_sites.fract_transf_matrix[3][3]   -0.00405312 
_atom_sites.fract_transf_vector[1]      0.904790 
_atom_sites.fract_transf_vector[2]      0.903468 
_atom_sites.fract_transf_vector[3]      0.646233 
# 
loop_
_atom_type.symbol 
C 
N 
O 
P 
S 
# 
loop_
_atom_site.group_PDB 
_atom_site.id 
_atom_site.type_symbol 
_atom_site.label_atom_id 
_atom_site.label_alt_id 
_atom_site.label_comp_id 
_atom_site.label_asym_id 
_atom_site.label_entity_id 
_atom_site.label_seq_id 
_atom_site.pdbx_PDB_ins_code 
_atom_site.Cartn_x 
_atom_site.Cartn_y 
_atom_site.Cartn_z 
_atom_site.occupancy 
_atom_site.B_iso_or_equiv 
_atom_site.pdbx_formal_charge 
_atom_site.auth_seq_id 
_atom_site.auth_comp_id 
_atom_site.auth_asym_id 
_atom_site.auth_atom_id 
_atom_site.pdbx_PDB_model_num 
ATOM   1   N N   . MET A 1 1  ? 6.840   22.362  3.433   1.00 56.46 ? 55  MET E N   1 
ATOM   2   C CA  . MET A 1 1  ? 6.089   21.066  3.456   1.00 56.13 ? 55  MET E CA  1 
ATOM   3   C C   . MET A 1 1  ? 6.980   20.090  4.227   1.00 53.82 ? 55  MET E C   1 
ATOM   4   O O   . MET A 1 1  ? 8.118   20.447  4.560   1.00 53.42 ? 55  MET E O   1 
ATOM   5   C CB  . MET A 1 1  ? 5.874   20.519  2.029   1.00 58.97 ? 55  MET E CB  1 
ATOM   6   C CG  . MET A 1 1  ? 5.716   21.569  0.929   1.00 63.11 ? 55  MET E CG  1 
ATOM   7   S SD  . MET A 1 1  ? 6.713   21.193  -0.562  1.00 67.76 ? 55  MET E SD  1 
ATOM   8   C CE  . MET A 1 1  ? 8.342   21.760  -0.054  1.00 61.90 ? 55  MET E CE  1 
ATOM   9   N N   . LYS A 1 2  ? 6.457   18.885  4.504   1.00 50.65 ? 56  LYS E N   1 
ATOM   10  C CA  . LYS A 1 2  ? 7.177   17.796  5.206   1.00 44.25 ? 56  LYS E CA  1 
ATOM   11  C C   . LYS A 1 2  ? 7.208   16.554  4.290   1.00 37.86 ? 56  LYS E C   1 
ATOM   12  O O   . LYS A 1 2  ? 6.317   16.363  3.449   1.00 37.47 ? 56  LYS E O   1 
ATOM   13  C CB  . LYS A 1 2  ? 6.505   17.465  6.566   1.00 43.72 ? 56  LYS E CB  1 
ATOM   14  N N   . PRO A 1 3  ? 8.244   15.710  4.412   1.00 33.15 ? 57  PRO E N   1 
ATOM   15  C CA  . PRO A 1 3  ? 8.268   14.536  3.540   1.00 31.06 ? 57  PRO E CA  1 
ATOM   16  C C   . PRO A 1 3  ? 7.100   13.668  3.956   1.00 29.11 ? 57  PRO E C   1 
ATOM   17  O O   . PRO A 1 3  ? 6.496   13.893  5.008   1.00 30.81 ? 57  PRO E O   1 
ATOM   18  C CB  . PRO A 1 3  ? 9.593   13.855  3.897   1.00 31.44 ? 57  PRO E CB  1 
ATOM   19  C CG  . PRO A 1 3  ? 10.368  14.898  4.650   1.00 32.63 ? 57  PRO E CG  1 
ATOM   20  C CD  . PRO A 1 3  ? 9.326   15.650  5.402   1.00 32.10 ? 57  PRO E CD  1 
ATOM   21  N N   . HIS A 1 4  ? 6.736   12.701  3.133   1.00 27.98 ? 58  HIS E N   1 
ATOM   22  C CA  . HIS A 1 4  ? 5.635   11.814  3.515   1.00 25.19 ? 58  HIS E CA  1 
ATOM   23  C C   . HIS A 1 4  ? 6.181   10.745  4.473   1.00 23.26 ? 58  HIS E C   1 
ATOM   24  O O   . HIS A 1 4  ? 7.324   10.297  4.334   1.00 22.69 ? 58  HIS E O   1 
ATOM   25  C CB  . HIS A 1 4  ? 4.973   11.221  2.282   1.00 23.05 ? 58  HIS E CB  1 
ATOM   26  C CG  . HIS A 1 4  ? 4.205   12.229  1.490   1.00 21.41 ? 58  HIS E CG  1 
ATOM   27  N ND1 . HIS A 1 4  ? 3.135   12.919  2.013   1.00 18.42 ? 58  HIS E ND1 1 
ATOM   28  C CD2 . HIS A 1 4  ? 4.371   12.691  0.230   1.00 20.12 ? 58  HIS E CD2 1 
ATOM   29  C CE1 . HIS A 1 4  ? 2.671   13.763  1.111   1.00 19.76 ? 58  HIS E CE1 1 
ATOM   30  N NE2 . HIS A 1 4  ? 3.404   13.644  0.021   1.00 20.61 ? 58  HIS E NE2 1 
ATOM   31  N N   . PRO A 1 5  ? 5.398   10.375  5.499   1.00 23.58 ? 59  PRO E N   1 
ATOM   32  C CA  . PRO A 1 5  ? 5.854   9.367   6.462   1.00 24.49 ? 59  PRO E CA  1 
ATOM   33  C C   . PRO A 1 5  ? 5.651   7.928   5.985   1.00 24.97 ? 59  PRO E C   1 
ATOM   34  O O   . PRO A 1 5  ? 6.131   6.980   6.604   1.00 24.68 ? 59  PRO E O   1 
ATOM   35  C CB  . PRO A 1 5  ? 5.000   9.679   7.677   1.00 23.41 ? 59  PRO E CB  1 
ATOM   36  C CG  . PRO A 1 5  ? 3.675   10.031  7.038   1.00 23.44 ? 59  PRO E CG  1 
ATOM   37  C CD  . PRO A 1 5  ? 4.064   10.887  5.859   1.00 21.20 ? 59  PRO E CD  1 
ATOM   38  N N   . TRP A 1 6  ? 5.000   7.786   4.840   1.00 24.12 ? 60  TRP E N   1 
ATOM   39  C CA  . TRP A 1 6  ? 4.695   6.485   4.299   1.00 21.24 ? 60  TRP E CA  1 
ATOM   40  C C   . TRP A 1 6  ? 5.563   5.918   3.204   1.00 21.20 ? 60  TRP E C   1 
ATOM   41  O O   . TRP A 1 6  ? 5.285   4.823   2.730   1.00 23.37 ? 60  TRP E O   1 
ATOM   42  C CB  . TRP A 1 6  ? 3.222   6.424   3.891   1.00 22.19 ? 60  TRP E CB  1 
ATOM   43  C CG  . TRP A 1 6  ? 2.708   7.595   3.073   1.00 21.83 ? 60  TRP E CG  1 
ATOM   44  C CD1 . TRP A 1 6  ? 1.927   8.615   3.522   1.00 21.74 ? 60  TRP E CD1 1 
ATOM   45  C CD2 . TRP A 1 6  ? 2.874   7.810   1.658   1.00 18.80 ? 60  TRP E CD2 1 
ATOM   46  N NE1 . TRP A 1 6  ? 1.587   9.446   2.483   1.00 21.72 ? 60  TRP E NE1 1 
ATOM   47  C CE2 . TRP A 1 6  ? 2.153   8.977   1.328   1.00 19.29 ? 60  TRP E CE2 1 
ATOM   48  C CE3 . TRP A 1 6  ? 3.566   7.133   0.643   1.00 17.69 ? 60  TRP E CE3 1 
ATOM   49  C CZ2 . TRP A 1 6  ? 2.094   9.488   0.013   1.00 17.59 ? 60  TRP E CZ2 1 
ATOM   50  C CZ3 . TRP A 1 6  ? 3.514   7.643   -0.665  1.00 19.13 ? 60  TRP E CZ3 1 
ATOM   51  C CH2 . TRP A 1 6  ? 2.780   8.808   -0.963  1.00 17.81 ? 60  TRP E CH2 1 
ATOM   52  N N   . PHE A 1 7  ? 6.607   6.621   2.782   1.00 21.67 ? 61  PHE E N   1 
ATOM   53  C CA  . PHE A 1 7  ? 7.452   6.087   1.728   1.00 19.20 ? 61  PHE E CA  1 
ATOM   54  C C   . PHE A 1 7  ? 8.707   5.477   2.323   1.00 19.63 ? 61  PHE E C   1 
ATOM   55  O O   . PHE A 1 7  ? 9.510   6.154   2.975   1.00 21.16 ? 61  PHE E O   1 
ATOM   56  C CB  . PHE A 1 7  ? 7.784   7.152   0.678   1.00 19.80 ? 61  PHE E CB  1 
ATOM   57  C CG  . PHE A 1 7  ? 8.392   6.593   -0.571  1.00 19.89 ? 61  PHE E CG  1 
ATOM   58  C CD1 . PHE A 1 7  ? 7.587   6.095   -1.583  1.00 21.70 ? 61  PHE E CD1 1 
ATOM   59  C CD2 . PHE A 1 7  ? 9.769   6.528   -0.718  1.00 20.82 ? 61  PHE E CD2 1 
ATOM   60  C CE1 . PHE A 1 7  ? 8.141   5.538   -2.725  1.00 21.77 ? 61  PHE E CE1 1 
ATOM   61  C CE2 . PHE A 1 7  ? 10.326  5.972   -1.853  1.00 20.30 ? 61  PHE E CE2 1 
ATOM   62  C CZ  . PHE A 1 7  ? 9.511   5.475   -2.856  1.00 20.20 ? 61  PHE E CZ  1 
ATOM   63  N N   . PHE A 1 8  ? 8.890   4.184   2.086   1.00 18.85 ? 62  PHE E N   1 
ATOM   64  C CA  . PHE A 1 8  ? 10.033  3.482   2.653   1.00 19.10 ? 62  PHE E CA  1 
ATOM   65  C C   . PHE A 1 8  ? 11.085  3.042   1.670   1.00 18.70 ? 62  PHE E C   1 
ATOM   66  O O   . PHE A 1 8  ? 12.104  2.497   2.066   1.00 19.63 ? 62  PHE E O   1 
ATOM   67  C CB  . PHE A 1 8  ? 9.564   2.311   3.519   1.00 19.46 ? 62  PHE E CB  1 
ATOM   68  C CG  . PHE A 1 8  ? 9.032   2.740   4.854   1.00 20.84 ? 62  PHE E CG  1 
ATOM   69  C CD1 . PHE A 1 8  ? 7.820   3.416   4.954   1.00 21.50 ? 62  PHE E CD1 1 
ATOM   70  C CD2 . PHE A 1 8  ? 9.768   2.530   6.008   1.00 21.42 ? 62  PHE E CD2 1 
ATOM   71  C CE1 . PHE A 1 8  ? 7.352   3.885   6.190   1.00 19.35 ? 62  PHE E CE1 1 
ATOM   72  C CE2 . PHE A 1 8  ? 9.306   2.993   7.233   1.00 20.23 ? 62  PHE E CE2 1 
ATOM   73  C CZ  . PHE A 1 8  ? 8.094   3.675   7.315   1.00 17.83 ? 62  PHE E CZ  1 
ATOM   74  N N   . GLY A 1 9  ? 10.866  3.316   0.390   1.00 17.55 ? 63  GLY E N   1 
ATOM   75  C CA  . GLY A 1 9  ? 11.846  2.942   -0.589  1.00 15.72 ? 63  GLY E CA  1 
ATOM   76  C C   . GLY A 1 9  ? 11.898  1.455   -0.836  1.00 19.74 ? 63  GLY E C   1 
ATOM   77  O O   . GLY A 1 9  ? 10.883  0.788   -0.768  1.00 21.03 ? 63  GLY E O   1 
ATOM   78  N N   . LYS A 1 10 ? 13.081  0.921   -1.085  1.00 18.71 ? 64  LYS E N   1 
ATOM   79  C CA  . LYS A 1 10 ? 13.223  -0.488  -1.381  1.00 23.93 ? 64  LYS E CA  1 
ATOM   80  C C   . LYS A 1 10 ? 13.501  -1.379  -0.147  1.00 26.08 ? 64  LYS E C   1 
ATOM   81  O O   . LYS A 1 10 ? 14.657  -1.666  0.157   1.00 29.83 ? 64  LYS E O   1 
ATOM   82  C CB  . LYS A 1 10 ? 14.331  -0.632  -2.420  1.00 24.33 ? 64  LYS E CB  1 
ATOM   83  C CG  . LYS A 1 10 ? 14.417  -1.963  -3.100  1.00 29.83 ? 64  LYS E CG  1 
ATOM   84  C CD  . LYS A 1 10 ? 15.880  -2.221  -3.423  1.00 35.12 ? 64  LYS E CD  1 
ATOM   85  C CE  . LYS A 1 10 ? 16.094  -3.486  -4.236  1.00 37.90 ? 64  LYS E CE  1 
ATOM   86  N NZ  . LYS A 1 10 ? 15.658  -3.330  -5.650  1.00 38.63 ? 64  LYS E NZ  1 
ATOM   87  N N   . ILE A 1 11 ? 12.465  -1.754  0.603   1.00 27.22 ? 65  ILE E N   1 
ATOM   88  C CA  . ILE A 1 11 ? 12.640  -2.636  1.771   1.00 26.32 ? 65  ILE E CA  1 
ATOM   89  C C   . ILE A 1 11 ? 11.973  -3.962  1.453   1.00 26.53 ? 65  ILE E C   1 
ATOM   90  O O   . ILE A 1 11 ? 10.957  -4.003  0.735   1.00 25.02 ? 65  ILE E O   1 
ATOM   91  C CB  . ILE A 1 11 ? 12.033  -2.090  3.071   1.00 26.10 ? 65  ILE E CB  1 
ATOM   92  C CG1 . ILE A 1 11 ? 10.550  -1.761  2.886   1.00 26.55 ? 65  ILE E CG1 1 
ATOM   93  C CG2 . ILE A 1 11 ? 12.843  -0.927  3.577   1.00 27.64 ? 65  ILE E CG2 1 
ATOM   94  C CD1 . ILE A 1 11 ? 9.847   -1.411  4.162   1.00 27.84 ? 65  ILE E CD1 1 
ATOM   95  N N   . PRO A 1 12 ? 12.543  -5.070  1.968   1.00 27.32 ? 66  PRO E N   1 
ATOM   96  C CA  . PRO A 1 12 ? 12.010  -6.419  1.738   1.00 25.70 ? 66  PRO E CA  1 
ATOM   97  C C   . PRO A 1 12 ? 10.568  -6.560  2.190   1.00 21.08 ? 66  PRO E C   1 
ATOM   98  O O   . PRO A 1 12 ? 10.152  -5.925  3.159   1.00 20.34 ? 66  PRO E O   1 
ATOM   99  C CB  . PRO A 1 12 ? 12.947  -7.300  2.567   1.00 26.40 ? 66  PRO E CB  1 
ATOM   100 C CG  . PRO A 1 12 ? 14.236  -6.553  2.520   1.00 26.90 ? 66  PRO E CG  1 
ATOM   101 C CD  . PRO A 1 12 ? 13.762  -5.139  2.792   1.00 26.05 ? 66  PRO E CD  1 
ATOM   102 N N   . ARG A 1 13 ? 9.812   -7.394  1.480   1.00 21.39 ? 67  ARG E N   1 
ATOM   103 C CA  . ARG A 1 13 ? 8.410   -7.656  1.822   1.00 19.65 ? 67  ARG E CA  1 
ATOM   104 C C   . ARG A 1 13 ? 8.346   -8.093  3.286   1.00 18.65 ? 67  ARG E C   1 
ATOM   105 O O   . ARG A 1 13 ? 7.522   -7.606  4.057   1.00 19.00 ? 67  ARG E O   1 
ATOM   106 C CB  . ARG A 1 13 ? 7.822   -8.737  0.899   1.00 19.37 ? 67  ARG E CB  1 
ATOM   107 C CG  . ARG A 1 13 ? 6.484   -9.296  1.359   1.00 21.77 ? 67  ARG E CG  1 
ATOM   108 C CD  . ARG A 1 13 ? 6.094   -10.608 0.669   1.00 24.81 ? 67  ARG E CD  1 
ATOM   109 N NE  . ARG A 1 13 ? 5.361   -10.354 -0.555  1.00 26.57 ? 67  ARG E NE  1 
ATOM   110 C CZ  . ARG A 1 13 ? 4.071   -10.610 -0.744  1.00 24.72 ? 67  ARG E CZ  1 
ATOM   111 N NH1 . ARG A 1 13 ? 3.330   -11.160 0.198   1.00 23.62 ? 67  ARG E NH1 1 
ATOM   112 N NH2 . ARG A 1 13 ? 3.492   -10.191 -1.854  1.00 23.21 ? 67  ARG E NH2 1 
ATOM   113 N N   . ALA A 1 14 ? 9.291   -8.942  3.678   1.00 21.86 ? 68  ALA E N   1 
ATOM   114 C CA  . ALA A 1 14 ? 9.365   -9.460  5.045   1.00 23.14 ? 68  ALA E CA  1 
ATOM   115 C C   . ALA A 1 14 ? 9.600   -8.380  6.080   1.00 23.43 ? 68  ALA E C   1 
ATOM   116 O O   . ALA A 1 14 ? 9.082   -8.454  7.191   1.00 24.59 ? 68  ALA E O   1 
ATOM   117 C CB  . ALA A 1 14 ? 10.459  -10.542 5.151   1.00 24.43 ? 68  ALA E CB  1 
ATOM   118 N N   . LYS A 1 15 ? 10.395  -7.378  5.729   1.00 24.96 ? 69  LYS E N   1 
ATOM   119 C CA  . LYS A 1 15 ? 10.679  -6.297  6.667   1.00 26.46 ? 69  LYS E CA  1 
ATOM   120 C C   . LYS A 1 15 ? 9.452   -5.423  6.840   1.00 24.60 ? 69  LYS E C   1 
ATOM   121 O O   . LYS A 1 15 ? 9.203   -4.904  7.925   1.00 27.76 ? 69  LYS E O   1 
ATOM   122 C CB  . LYS A 1 15 ? 11.887  -5.472  6.204   1.00 32.25 ? 69  LYS E CB  1 
ATOM   123 C CG  . LYS A 1 15 ? 12.350  -4.431  7.209   1.00 40.05 ? 69  LYS E CG  1 
ATOM   124 C CD  . LYS A 1 15 ? 12.634  -5.028  8.601   1.00 47.96 ? 69  LYS E CD  1 
ATOM   125 C CE  . LYS A 1 15 ? 13.824  -6.009  8.613   1.00 51.88 ? 69  LYS E CE  1 
ATOM   126 N NZ  . LYS A 1 15 ? 13.609  -7.291  7.848   1.00 54.36 ? 69  LYS E NZ  1 
ATOM   127 N N   . ALA A 1 16 ? 8.690   -5.254  5.768   1.00 21.84 ? 70  ALA E N   1 
ATOM   128 C CA  . ALA A 1 16 ? 7.482   -4.463  5.834   1.00 18.26 ? 70  ALA E CA  1 
ATOM   129 C C   . ALA A 1 16 ? 6.510   -5.211  6.747   1.00 18.97 ? 70  ALA E C   1 
ATOM   130 O O   . ALA A 1 16 ? 5.815   -4.596  7.556   1.00 19.82 ? 70  ALA E O   1 
ATOM   131 C CB  . ALA A 1 16 ? 6.886   -4.269  4.436   1.00 13.62 ? 70  ALA E CB  1 
ATOM   132 N N   . GLU A 1 17 ? 6.474   -6.541  6.620   1.00 19.67 ? 71  GLU E N   1 
ATOM   133 C CA  . GLU A 1 17 ? 5.586   -7.391  7.431   1.00 21.89 ? 71  GLU E CA  1 
ATOM   134 C C   . GLU A 1 17 ? 5.943   -7.286  8.895   1.00 22.02 ? 71  GLU E C   1 
ATOM   135 O O   . GLU A 1 17 ? 5.082   -7.115  9.758   1.00 22.57 ? 71  GLU E O   1 
ATOM   136 C CB  . GLU A 1 17 ? 5.664   -8.856  6.983   1.00 19.21 ? 71  GLU E CB  1 
ATOM   137 C CG  . GLU A 1 17 ? 4.725   -9.166  5.829   1.00 19.74 ? 71  GLU E CG  1 
ATOM   138 C CD  . GLU A 1 17 ? 4.804   -10.608 5.340   1.00 22.46 ? 71  GLU E CD  1 
ATOM   139 O OE1 . GLU A 1 17 ? 5.635   -11.394 5.848   1.00 22.85 ? 71  GLU E OE1 1 
ATOM   140 O OE2 . GLU A 1 17 ? 4.035   -10.954 4.426   1.00 19.65 ? 71  GLU E OE2 1 
ATOM   141 N N   . GLU A 1 18 ? 7.238   -7.350  9.150   1.00 26.46 ? 72  GLU E N   1 
ATOM   142 C CA  . GLU A 1 18 ? 7.770   -7.247  10.490  1.00 29.93 ? 72  GLU E CA  1 
ATOM   143 C C   . GLU A 1 18 ? 7.368   -5.949  11.160  1.00 29.75 ? 72  GLU E C   1 
ATOM   144 O O   . GLU A 1 18 ? 6.701   -5.977  12.196  1.00 29.64 ? 72  GLU E O   1 
ATOM   145 C CB  . GLU A 1 18 ? 9.285   -7.356  10.458  1.00 35.57 ? 72  GLU E CB  1 
ATOM   146 C CG  . GLU A 1 18 ? 9.927   -7.425  11.824  1.00 45.35 ? 72  GLU E CG  1 
ATOM   147 C CD  . GLU A 1 18 ? 11.437  -7.521  11.734  1.00 51.40 ? 72  GLU E CD  1 
ATOM   148 O OE1 . GLU A 1 18 ? 11.951  -8.566  11.259  1.00 55.46 ? 72  GLU E OE1 1 
ATOM   149 O OE2 . GLU A 1 18 ? 12.108  -6.542  12.131  1.00 55.24 ? 72  GLU E OE2 1 
ATOM   150 N N   . MET A 1 19 ? 7.738   -4.815  10.568  1.00 28.51 ? 73  MET E N   1 
ATOM   151 C CA  . MET A 1 19 ? 7.412   -3.539  11.185  1.00 27.66 ? 73  MET E CA  1 
ATOM   152 C C   . MET A 1 19 ? 5.921   -3.246  11.280  1.00 25.72 ? 73  MET E C   1 
ATOM   153 O O   . MET A 1 19 ? 5.458   -2.629  12.232  1.00 25.03 ? 73  MET E O   1 
ATOM   154 C CB  . MET A 1 19 ? 8.158   -2.396  10.515  1.00 34.08 ? 73  MET E CB  1 
ATOM   155 C CG  . MET A 1 19 ? 7.348   -1.649  9.508   1.00 41.45 ? 73  MET E CG  1 
ATOM   156 S SD  . MET A 1 19 ? 7.751   0.073   9.618   1.00 51.44 ? 73  MET E SD  1 
ATOM   157 C CE  . MET A 1 19 ? 6.721   0.554   10.980  1.00 48.20 ? 73  MET E CE  1 
ATOM   158 N N   . LEU A 1 20 ? 5.146   -3.699  10.314  1.00 24.57 ? 74  LEU E N   1 
ATOM   159 C CA  . LEU A 1 20 ? 3.717   -3.450  10.381  1.00 24.64 ? 74  LEU E CA  1 
ATOM   160 C C   . LEU A 1 20 ? 2.959   -4.302  11.411  1.00 26.34 ? 74  LEU E C   1 
ATOM   161 O O   . LEU A 1 20 ? 1.946   -3.853  11.942  1.00 25.34 ? 74  LEU E O   1 
ATOM   162 C CB  . LEU A 1 20 ? 3.073   -3.584  9.006   1.00 23.80 ? 74  LEU E CB  1 
ATOM   163 C CG  . LEU A 1 20 ? 3.300   -2.428  8.035   1.00 21.79 ? 74  LEU E CG  1 
ATOM   164 C CD1 . LEU A 1 20 ? 2.609   -2.761  6.738   1.00 20.46 ? 74  LEU E CD1 1 
ATOM   165 C CD2 . LEU A 1 20 ? 2.789   -1.103  8.616   1.00 18.75 ? 74  LEU E CD2 1 
ATOM   166 N N   . SER A 1 21 ? 3.411   -5.523  11.692  1.00 27.98 ? 75  SER E N   1 
ATOM   167 C CA  . SER A 1 21 ? 2.690   -6.341  12.677  1.00 30.22 ? 75  SER E CA  1 
ATOM   168 C C   . SER A 1 21 ? 2.803   -5.735  14.090  1.00 33.25 ? 75  SER E C   1 
ATOM   169 O O   . SER A 1 21 ? 1.946   -5.955  14.956  1.00 34.23 ? 75  SER E O   1 
ATOM   170 C CB  . SER A 1 21 ? 3.097   -7.828  12.612  1.00 25.84 ? 75  SER E CB  1 
ATOM   171 O OG  . SER A 1 21 ? 4.496   -8.023  12.686  1.00 24.82 ? 75  SER E OG  1 
ATOM   172 N N   . LYS A 1 22 ? 3.807   -4.870  14.260  1.00 34.72 ? 76  LYS E N   1 
ATOM   173 C CA  . LYS A 1 22 ? 4.072   -4.171  15.515  1.00 34.27 ? 76  LYS E CA  1 
ATOM   174 C C   . LYS A 1 22 ? 3.256   -2.887  15.677  1.00 35.00 ? 76  LYS E C   1 
ATOM   175 O O   . LYS A 1 22 ? 3.307   -2.253  16.724  1.00 36.37 ? 76  LYS E O   1 
ATOM   176 C CB  . LYS A 1 22 ? 5.556   -3.864  15.635  1.00 35.19 ? 76  LYS E CB  1 
ATOM   177 C CG  . LYS A 1 22 ? 6.408   -5.107  15.804  1.00 44.24 ? 76  LYS E CG  1 
ATOM   178 C CD  . LYS A 1 22 ? 7.855   -4.873  15.393  1.00 49.98 ? 76  LYS E CD  1 
ATOM   179 C CE  . LYS A 1 22 ? 8.492   -3.719  16.164  1.00 54.75 ? 76  LYS E CE  1 
ATOM   180 N NZ  . LYS A 1 22 ? 9.850   -3.374  15.635  1.00 58.02 ? 76  LYS E NZ  1 
ATOM   181 N N   . GLN A 1 23 ? 2.547   -2.472  14.633  1.00 34.96 ? 77  GLN E N   1 
ATOM   182 C CA  . GLN A 1 23 ? 1.719   -1.270  14.711  1.00 35.23 ? 77  GLN E CA  1 
ATOM   183 C C   . GLN A 1 23 ? 0.467   -1.609  15.516  1.00 35.94 ? 77  GLN E C   1 
ATOM   184 O O   . GLN A 1 23 ? 0.027   -2.753  15.544  1.00 35.63 ? 77  GLN E O   1 
ATOM   185 C CB  . GLN A 1 23 ? 1.341   -0.762  13.319  1.00 33.62 ? 77  GLN E CB  1 
ATOM   186 C CG  . GLN A 1 23 ? 2.499   -0.143  12.565  1.00 36.51 ? 77  GLN E CG  1 
ATOM   187 C CD  . GLN A 1 23 ? 2.991   1.122   13.223  1.00 34.56 ? 77  GLN E CD  1 
ATOM   188 O OE1 . GLN A 1 23 ? 2.217   2.048   13.451  1.00 34.97 ? 77  GLN E OE1 1 
ATOM   189 N NE2 . GLN A 1 23 ? 4.272   1.173   13.536  1.00 33.57 ? 77  GLN E NE2 1 
ATOM   190 N N   . ARG A 1 24 ? -0.121  -0.615  16.162  1.00 37.38 ? 78  ARG E N   1 
ATOM   191 C CA  . ARG A 1 24 ? -1.300  -0.874  16.976  1.00 37.49 ? 78  ARG E CA  1 
ATOM   192 C C   . ARG A 1 24 ? -2.625  -0.642  16.271  1.00 37.26 ? 78  ARG E C   1 
ATOM   193 O O   . ARG A 1 24 ? -3.635  -1.245  16.624  1.00 39.58 ? 78  ARG E O   1 
ATOM   194 C CB  . ARG A 1 24 ? -1.237  -0.046  18.265  1.00 37.66 ? 78  ARG E CB  1 
ATOM   195 N N   . HIS A 1 25 ? -2.618  0.159   15.218  1.00 35.21 ? 79  HIS E N   1 
ATOM   196 C CA  . HIS A 1 25 ? -3.869  0.491   14.561  1.00 32.97 ? 79  HIS E CA  1 
ATOM   197 C C   . HIS A 1 25 ? -4.106  -0.185  13.233  1.00 30.37 ? 79  HIS E C   1 
ATOM   198 O O   . HIS A 1 25 ? -3.167  -0.449  12.484  1.00 30.62 ? 79  HIS E O   1 
ATOM   199 C CB  . HIS A 1 25 ? -3.967  2.012   14.416  1.00 37.42 ? 79  HIS E CB  1 
ATOM   200 C CG  . HIS A 1 25 ? -2.710  2.641   13.903  1.00 43.80 ? 79  HIS E CG  1 
ATOM   201 N ND1 . HIS A 1 25 ? -1.500  2.533   14.562  1.00 47.00 ? 79  HIS E ND1 1 
ATOM   202 C CD2 . HIS A 1 25 ? -2.462  3.349   12.775  1.00 47.93 ? 79  HIS E CD2 1 
ATOM   203 C CE1 . HIS A 1 25 ? -0.563  3.146   13.857  1.00 48.87 ? 79  HIS E CE1 1 
ATOM   204 N NE2 . HIS A 1 25 ? -1.121  3.651   12.770  1.00 48.15 ? 79  HIS E NE2 1 
ATOM   205 N N   . ASP A 1 26 ? -5.371  -0.491  12.964  1.00 26.58 ? 80  ASP E N   1 
ATOM   206 C CA  . ASP A 1 26 ? -5.758  -1.097  11.704  1.00 24.55 ? 80  ASP E CA  1 
ATOM   207 C C   . ASP A 1 26 ? -5.512  -0.002  10.660  1.00 24.92 ? 80  ASP E C   1 
ATOM   208 O O   . ASP A 1 26 ? -5.691  1.181   10.958  1.00 25.53 ? 80  ASP E O   1 
ATOM   209 C CB  . ASP A 1 26 ? -7.259  -1.433  11.687  1.00 24.69 ? 80  ASP E CB  1 
ATOM   210 C CG  . ASP A 1 26 ? -7.636  -2.664  12.532  1.00 26.87 ? 80  ASP E CG  1 
ATOM   211 O OD1 . ASP A 1 26 ? -6.767  -3.489  12.891  1.00 25.17 ? 80  ASP E OD1 1 
ATOM   212 O OD2 . ASP A 1 26 ? -8.852  -2.802  12.799  1.00 24.25 ? 80  ASP E OD2 1 
ATOM   213 N N   . GLY A 1 27 ? -5.100  -0.376  9.458   1.00 22.16 ? 81  GLY E N   1 
ATOM   214 C CA  . GLY A 1 27 ? -4.889  0.615   8.425   1.00 21.67 ? 81  GLY E CA  1 
ATOM   215 C C   . GLY A 1 27 ? -3.486  1.158   8.342   1.00 22.30 ? 81  GLY E C   1 
ATOM   216 O O   . GLY A 1 27 ? -3.158  1.837   7.362   1.00 22.53 ? 81  GLY E O   1 
ATOM   217 N N   . ALA A 1 28 ? -2.669  0.888   9.359   1.00 20.56 ? 82  ALA E N   1 
ATOM   218 C CA  . ALA A 1 28 ? -1.280  1.340   9.364   1.00 19.84 ? 82  ALA E CA  1 
ATOM   219 C C   . ALA A 1 28 ? -0.667  0.820   8.064   1.00 19.94 ? 82  ALA E C   1 
ATOM   220 O O   . ALA A 1 28 ? -0.806  -0.359  7.754   1.00 21.58 ? 82  ALA E O   1 
ATOM   221 C CB  . ALA A 1 28 ? -0.559  0.792   10.570  1.00 17.09 ? 82  ALA E CB  1 
ATOM   222 N N   . PHE A 1 29 ? 0.000   1.680   7.304   1.00 17.46 ? 83  PHE E N   1 
ATOM   223 C CA  . PHE A 1 29 ? 0.547   1.276   6.016   1.00 16.31 ? 83  PHE E CA  1 
ATOM   224 C C   . PHE A 1 29 ? 1.912   1.903   5.660   1.00 18.31 ? 83  PHE E C   1 
ATOM   225 O O   . PHE A 1 29 ? 2.446   2.740   6.381   1.00 18.08 ? 83  PHE E O   1 
ATOM   226 C CB  . PHE A 1 29 ? -0.463  1.644   4.912   1.00 15.55 ? 83  PHE E CB  1 
ATOM   227 C CG  . PHE A 1 29 ? -0.498  3.143   4.582   1.00 16.08 ? 83  PHE E CG  1 
ATOM   228 C CD1 . PHE A 1 29 ? -1.092  4.059   5.455   1.00 16.97 ? 83  PHE E CD1 1 
ATOM   229 C CD2 . PHE A 1 29 ? 0.103   3.634   3.429   1.00 16.66 ? 83  PHE E CD2 1 
ATOM   230 C CE1 . PHE A 1 29 ? -1.081  5.438   5.190   1.00 18.38 ? 83  PHE E CE1 1 
ATOM   231 C CE2 . PHE A 1 29 ? 0.116   5.018   3.156   1.00 19.78 ? 83  PHE E CE2 1 
ATOM   232 C CZ  . PHE A 1 29 ? -0.477  5.914   4.046   1.00 16.09 ? 83  PHE E CZ  1 
ATOM   233 N N   . LEU A 1 30 ? 2.461   1.482   4.527   1.00 18.01 ? 84  LEU E N   1 
ATOM   234 C CA  . LEU A 1 30 ? 3.713   2.027   4.007   1.00 18.37 ? 84  LEU E CA  1 
ATOM   235 C C   . LEU A 1 30 ? 3.737   1.694   2.515   1.00 18.43 ? 84  LEU E C   1 
ATOM   236 O O   . LEU A 1 30 ? 2.978   0.807   2.077   1.00 14.80 ? 84  LEU E O   1 
ATOM   237 C CB  . LEU A 1 30 ? 4.923   1.449   4.734   1.00 20.23 ? 84  LEU E CB  1 
ATOM   238 C CG  . LEU A 1 30 ? 5.218   -0.052  4.735   1.00 21.67 ? 84  LEU E CG  1 
ATOM   239 C CD1 . LEU A 1 30 ? 5.865   -0.508  3.443   1.00 16.59 ? 84  LEU E CD1 1 
ATOM   240 C CD2 . LEU A 1 30 ? 6.136   -0.349  5.894   1.00 17.28 ? 84  LEU E CD2 1 
ATOM   241 N N   . ILE A 1 31 ? 4.454   2.492   1.719   1.00 16.56 ? 85  ILE E N   1 
ATOM   242 C CA  . ILE A 1 31 ? 4.580   2.225   0.281   1.00 17.17 ? 85  ILE E CA  1 
ATOM   243 C C   . ILE A 1 31 ? 6.033   1.835   0.121   1.00 16.07 ? 85  ILE E C   1 
ATOM   244 O O   . ILE A 1 31 ? 6.909   2.453   0.710   1.00 16.48 ? 85  ILE E O   1 
ATOM   245 C CB  . ILE A 1 31 ? 4.282   3.453   -0.633  1.00 17.69 ? 85  ILE E CB  1 
ATOM   246 C CG1 . ILE A 1 31 ? 2.797   3.812   -0.606  1.00 17.76 ? 85  ILE E CG1 1 
ATOM   247 C CG2 . ILE A 1 31 ? 4.688   3.152   -2.076  1.00 14.34 ? 85  ILE E CG2 1 
ATOM   248 C CD1 . ILE A 1 31 ? 1.911   2.795   -1.258  1.00 22.33 ? 85  ILE E CD1 1 
ATOM   249 N N   . ARG A 1 32 ? 6.298   0.784   -0.628  1.00 15.67 ? 86  ARG E N   1 
ATOM   250 C CA  . ARG A 1 32 ? 7.671   0.343   -0.812  1.00 15.64 ? 86  ARG E CA  1 
ATOM   251 C C   . ARG A 1 32 ? 7.892   0.074   -2.276  1.00 14.63 ? 86  ARG E C   1 
ATOM   252 O O   . ARG A 1 32 ? 6.947   -0.013  -3.043  1.00 16.09 ? 86  ARG E O   1 
ATOM   253 C CB  . ARG A 1 32 ? 7.965   -0.928  0.010   1.00 17.51 ? 86  ARG E CB  1 
ATOM   254 C CG  . ARG A 1 32 ? 7.021   -2.104  -0.264  1.00 16.03 ? 86  ARG E CG  1 
ATOM   255 C CD  . ARG A 1 32 ? 7.143   -3.221  0.773   1.00 17.11 ? 86  ARG E CD  1 
ATOM   256 N NE  . ARG A 1 32 ? 6.091   -4.207  0.544   1.00 16.09 ? 86  ARG E NE  1 
ATOM   257 C CZ  . ARG A 1 32 ? 6.160   -5.147  -0.387  1.00 14.99 ? 86  ARG E CZ  1 
ATOM   258 N NH1 . ARG A 1 32 ? 7.239   -5.236  -1.140  1.00 16.06 ? 86  ARG E NH1 1 
ATOM   259 N NH2 . ARG A 1 32 ? 5.114   -5.923  -0.638  1.00 17.02 ? 86  ARG E NH2 1 
ATOM   260 N N   . GLU A 1 33 ? 9.149   -0.022  -2.670  1.00 17.11 ? 87  GLU E N   1 
ATOM   261 C CA  . GLU A 1 33 ? 9.483   -0.310  -4.049  1.00 17.16 ? 87  GLU E CA  1 
ATOM   262 C C   . GLU A 1 33 ? 9.694   -1.825  -4.110  1.00 18.16 ? 87  GLU E C   1 
ATOM   263 O O   . GLU A 1 33 ? 10.486  -2.387  -3.360  1.00 16.51 ? 87  GLU E O   1 
ATOM   264 C CB  . GLU A 1 33 ? 10.727  0.476   -4.461  1.00 15.80 ? 87  GLU E CB  1 
ATOM   265 C CG  . GLU A 1 33 ? 10.524  1.990   -4.407  1.00 15.33 ? 87  GLU E CG  1 
ATOM   266 C CD  . GLU A 1 33 ? 11.660  2.712   -5.066  1.00 17.39 ? 87  GLU E CD  1 
ATOM   267 O OE1 . GLU A 1 33 ? 11.665  2.799   -6.303  1.00 20.07 ? 87  GLU E OE1 1 
ATOM   268 O OE2 . GLU A 1 33 ? 12.579  3.136   -4.368  1.00 14.72 ? 87  GLU E OE2 1 
ATOM   269 N N   . SER A 1 34 ? 8.920   -2.478  -4.963  1.00 20.85 ? 88  SER E N   1 
ATOM   270 C CA  . SER A 1 34 ? 8.960   -3.912  -5.118  1.00 20.24 ? 88  SER E CA  1 
ATOM   271 C C   . SER A 1 34 ? 10.330  -4.423  -5.497  1.00 22.89 ? 88  SER E C   1 
ATOM   272 O O   . SER A 1 34 ? 10.993  -3.863  -6.374  1.00 23.34 ? 88  SER E O   1 
ATOM   273 C CB  . SER A 1 34 ? 7.933   -4.335  -6.162  1.00 20.71 ? 88  SER E CB  1 
ATOM   274 O OG  . SER A 1 34 ? 7.901   -5.740  -6.340  1.00 21.24 ? 88  SER E OG  1 
ATOM   275 N N   . GLU A 1 35 ? 10.797  -5.425  -4.760  1.00 26.61 ? 89  GLU E N   1 
ATOM   276 C CA  . GLU A 1 35 ? 12.066  -6.078  -5.062  1.00 28.78 ? 89  GLU E CA  1 
ATOM   277 C C   . GLU A 1 35 ? 11.816  -7.218  -6.056  1.00 28.85 ? 89  GLU E C   1 
ATOM   278 O O   . GLU A 1 35 ? 12.727  -7.626  -6.781  1.00 31.19 ? 89  GLU E O   1 
ATOM   279 C CB  . GLU A 1 35 ? 12.752  -6.600  -3.808  1.00 30.33 ? 89  GLU E CB  1 
ATOM   280 C CG  . GLU A 1 35 ? 13.346  -5.496  -2.953  1.00 38.25 ? 89  GLU E CG  1 
ATOM   281 C CD  . GLU A 1 35 ? 14.215  -6.033  -1.830  1.00 43.16 ? 89  GLU E CD  1 
ATOM   282 O OE1 . GLU A 1 35 ? 13.958  -7.172  -1.379  1.00 46.45 ? 89  GLU E OE1 1 
ATOM   283 O OE2 . GLU A 1 35 ? 15.152  -5.320  -1.390  1.00 46.97 ? 89  GLU E OE2 1 
ATOM   284 N N   . SER A 1 36 ? 10.569  -7.684  -6.135  1.00 28.28 ? 90  SER E N   1 
ATOM   285 C CA  . SER A 1 36 ? 10.222  -8.753  -7.065  1.00 29.57 ? 90  SER E CA  1 
ATOM   286 C C   . SER A 1 36 ? 9.993   -8.237  -8.492  1.00 30.22 ? 90  SER E C   1 
ATOM   287 O O   . SER A 1 36 ? 10.274  -8.934  -9.467  1.00 28.77 ? 90  SER E O   1 
ATOM   288 C CB  . SER A 1 36 ? 9.005   -9.549  -6.563  1.00 29.31 ? 90  SER E CB  1 
ATOM   289 O OG  . SER A 1 36 ? 7.789   -8.831  -6.663  1.00 30.08 ? 90  SER E OG  1 
ATOM   290 N N   . ALA A 1 37 ? 9.474   -7.015  -8.605  1.00 30.56 ? 91  ALA E N   1 
ATOM   291 C CA  . ALA A 1 37 ? 9.207   -6.388  -9.895  1.00 28.06 ? 91  ALA E CA  1 
ATOM   292 C C   . ALA A 1 37 ? 9.734   -4.951  -9.901  1.00 28.85 ? 91  ALA E C   1 
ATOM   293 O O   . ALA A 1 37 ? 9.055   -4.021  -9.459  1.00 28.42 ? 91  ALA E O   1 
ATOM   294 C CB  . ALA A 1 37 ? 7.711   -6.412  -10.193 1.00 27.31 ? 91  ALA E CB  1 
ATOM   295 N N   . PRO A 1 38 ? 10.961  -4.754  -10.393 1.00 28.47 ? 92  PRO E N   1 
ATOM   296 C CA  . PRO A 1 38 ? 11.599  -3.432  -10.463 1.00 27.84 ? 92  PRO E CA  1 
ATOM   297 C C   . PRO A 1 38 ? 10.754  -2.389  -11.196 1.00 26.49 ? 92  PRO E C   1 
ATOM   298 O O   . PRO A 1 38 ? 10.281  -2.630  -12.303 1.00 28.34 ? 92  PRO E O   1 
ATOM   299 C CB  . PRO A 1 38 ? 12.897  -3.734  -11.190 1.00 28.20 ? 92  PRO E CB  1 
ATOM   300 C CG  . PRO A 1 38 ? 13.207  -5.108  -10.719 1.00 28.01 ? 92  PRO E CG  1 
ATOM   301 C CD  . PRO A 1 38 ? 11.885  -5.803  -10.844 1.00 27.44 ? 92  PRO E CD  1 
ATOM   302 N N   . GLY A 1 39 ? 10.541  -1.243  -10.561 1.00 25.72 ? 93  GLY E N   1 
ATOM   303 C CA  . GLY A 1 39 ? 9.736   -0.199  -11.167 1.00 23.46 ? 93  GLY E CA  1 
ATOM   304 C C   . GLY A 1 39 ? 8.302   -0.214  -10.686 1.00 23.70 ? 93  GLY E C   1 
ATOM   305 O O   . GLY A 1 39 ? 7.515   0.659   -11.064 1.00 22.62 ? 93  GLY E O   1 
ATOM   306 N N   . ASP A 1 40 ? 7.945   -1.222  -9.880  1.00 23.35 ? 94  ASP E N   1 
ATOM   307 C CA  . ASP A 1 40 ? 6.588   -1.350  -9.337  1.00 19.98 ? 94  ASP E CA  1 
ATOM   308 C C   . ASP A 1 40 ? 6.568   -0.929  -7.879  1.00 18.16 ? 94  ASP E C   1 
ATOM   309 O O   . ASP A 1 40 ? 7.597   -0.974  -7.212  1.00 16.00 ? 94  ASP E O   1 
ATOM   310 C CB  . ASP A 1 40 ? 6.052   -2.785  -9.445  1.00 22.47 ? 94  ASP E CB  1 
ATOM   311 C CG  . ASP A 1 40 ? 5.521   -3.127  -10.827 1.00 26.99 ? 94  ASP E CG  1 
ATOM   312 O OD1 . ASP A 1 40 ? 5.649   -2.317  -11.761 1.00 30.98 ? 94  ASP E OD1 1 
ATOM   313 O OD2 . ASP A 1 40 ? 4.963   -4.232  -10.985 1.00 28.99 ? 94  ASP E OD2 1 
ATOM   314 N N   . PHE A 1 41 ? 5.409   -0.470  -7.405  1.00 15.20 ? 95  PHE E N   1 
ATOM   315 C CA  . PHE A 1 41 ? 5.263   -0.064  -6.018  1.00 17.11 ? 95  PHE E CA  1 
ATOM   316 C C   . PHE A 1 41 ? 4.291   -1.034  -5.362  1.00 15.91 ? 95  PHE E C   1 
ATOM   317 O O   . PHE A 1 41 ? 3.395   -1.552  -6.033  1.00 16.97 ? 95  PHE E O   1 
ATOM   318 C CB  . PHE A 1 41 ? 4.747   1.375   -5.913  1.00 16.57 ? 95  PHE E CB  1 
ATOM   319 C CG  . PHE A 1 41 ? 5.682   2.382   -6.485  1.00 17.81 ? 95  PHE E CG  1 
ATOM   320 C CD1 . PHE A 1 41 ? 5.642   2.703   -7.856  1.00 16.18 ? 95  PHE E CD1 1 
ATOM   321 C CD2 . PHE A 1 41 ? 6.653   2.970   -5.684  1.00 17.36 ? 95  PHE E CD2 1 
ATOM   322 C CE1 . PHE A 1 41 ? 6.570   3.594   -8.413  1.00 16.10 ? 95  PHE E CE1 1 
ATOM   323 C CE2 . PHE A 1 41 ? 7.590   3.869   -6.240  1.00 19.17 ? 95  PHE E CE2 1 
ATOM   324 C CZ  . PHE A 1 41 ? 7.545   4.174   -7.604  1.00 12.70 ? 95  PHE E CZ  1 
ATOM   325 N N   . SER A 1 42 ? 4.460   -1.245  -4.060  1.00 17.02 ? 96  SER E N   1 
ATOM   326 C CA  . SER A 1 42 ? 3.612   -2.139  -3.277  1.00 17.45 ? 96  SER E CA  1 
ATOM   327 C C   . SER A 1 42 ? 3.136   -1.437  -2.038  1.00 16.12 ? 96  SER E C   1 
ATOM   328 O O   . SER A 1 42 ? 3.876   -0.684  -1.398  1.00 16.23 ? 96  SER E O   1 
ATOM   329 C CB  . SER A 1 42 ? 4.372   -3.396  -2.874  1.00 15.24 ? 96  SER E CB  1 
ATOM   330 O OG  . SER A 1 42 ? 4.653   -4.160  -4.022  1.00 15.54 ? 96  SER E OG  1 
ATOM   331 N N   . LEU A 1 43 ? 1.877   -1.676  -1.723  1.00 15.90 ? 97  LEU E N   1 
ATOM   332 C CA  . LEU A 1 43 ? 1.228   -1.111  -0.557  1.00 17.01 ? 97  LEU E CA  1 
ATOM   333 C C   . LEU A 1 43 ? 1.056   -2.242  0.463   1.00 18.21 ? 97  LEU E C   1 
ATOM   334 O O   . LEU A 1 43 ? 0.499   -3.294  0.147   1.00 17.86 ? 97  LEU E O   1 
ATOM   335 C CB  . LEU A 1 43 ? -0.125  -0.525  -0.965  1.00 16.68 ? 97  LEU E CB  1 
ATOM   336 C CG  . LEU A 1 43 ? -1.213  -0.290  0.071   1.00 20.08 ? 97  LEU E CG  1 
ATOM   337 C CD1 . LEU A 1 43 ? -0.765  0.685   1.073   1.00 21.67 ? 97  LEU E CD1 1 
ATOM   338 C CD2 . LEU A 1 43 ? -2.438  0.234   -0.590  1.00 23.54 ? 97  LEU E CD2 1 
ATOM   339 N N   . SER A 1 44 ? 1.652   -2.069  1.631   1.00 17.90 ? 98  SER E N   1 
ATOM   340 C CA  . SER A 1 44 ? 1.545   -3.041  2.708   1.00 18.38 ? 98  SER E CA  1 
ATOM   341 C C   . SER A 1 44 ? 0.722   -2.383  3.814   1.00 18.36 ? 98  SER E C   1 
ATOM   342 O O   . SER A 1 44 ? 1.039   -1.279  4.233   1.00 15.27 ? 98  SER E O   1 
ATOM   343 C CB  . SER A 1 44 ? 2.933   -3.445  3.196   1.00 18.20 ? 98  SER E CB  1 
ATOM   344 O OG  . SER A 1 44 ? 3.630   -4.111  2.154   1.00 15.65 ? 98  SER E OG  1 
ATOM   345 N N   . VAL A 1 45 ? -0.359  -3.045  4.232   1.00 19.34 ? 99  VAL E N   1 
ATOM   346 C CA  . VAL A 1 45 ? -1.291  -2.539  5.255   1.00 19.08 ? 99  VAL E CA  1 
ATOM   347 C C   . VAL A 1 45 ? -1.564  -3.602  6.341   1.00 20.23 ? 99  VAL E C   1 
ATOM   348 O O   . VAL A 1 45 ? -1.651  -4.797  6.046   1.00 17.69 ? 99  VAL E O   1 
ATOM   349 C CB  . VAL A 1 45 ? -2.707  -2.209  4.635   1.00 19.14 ? 99  VAL E CB  1 
ATOM   350 C CG1 . VAL A 1 45 ? -3.427  -1.185  5.470   1.00 21.96 ? 99  VAL E CG1 1 
ATOM   351 C CG2 . VAL A 1 45 ? -2.612  -1.700  3.213   1.00 22.59 ? 99  VAL E CG2 1 
ATOM   352 N N   . LYS A 1 46 ? -1.787  -3.155  7.573   1.00 20.87 ? 100 LYS E N   1 
ATOM   353 C CA  . LYS A 1 46 ? -2.102  -4.054  8.689   1.00 21.20 ? 100 LYS E CA  1 
ATOM   354 C C   . LYS A 1 46 ? -3.594  -4.003  8.961   1.00 20.91 ? 100 LYS E C   1 
ATOM   355 O O   . LYS A 1 46 ? -4.205  -2.938  8.905   1.00 18.81 ? 100 LYS E O   1 
ATOM   356 C CB  . LYS A 1 46 ? -1.370  -3.623  9.964   1.00 21.85 ? 100 LYS E CB  1 
ATOM   357 C CG  . LYS A 1 46 ? -1.805  -4.361  11.220  1.00 22.70 ? 100 LYS E CG  1 
ATOM   358 C CD  . LYS A 1 46 ? -2.059  -3.398  12.350  1.00 25.12 ? 100 LYS E CD  1 
ATOM   359 C CE  . LYS A 1 46 ? -2.396  -4.122  13.635  1.00 27.47 ? 100 LYS E CE  1 
ATOM   360 N NZ  . LYS A 1 46 ? -1.264  -5.020  13.998  1.00 28.54 ? 100 LYS E NZ  1 
ATOM   361 N N   . PHE A 1 47 ? -4.202  -5.152  9.193   1.00 19.81 ? 101 PHE E N   1 
ATOM   362 C CA  . PHE A 1 47 ? -5.615  -5.175  9.527   1.00 19.48 ? 101 PHE E CA  1 
ATOM   363 C C   . PHE A 1 47 ? -5.798  -6.330  10.490  1.00 21.33 ? 101 PHE E C   1 
ATOM   364 O O   . PHE A 1 47 ? -5.549  -7.484  10.135  1.00 20.14 ? 101 PHE E O   1 
ATOM   365 C CB  . PHE A 1 47 ? -6.515  -5.322  8.312   1.00 17.58 ? 101 PHE E CB  1 
ATOM   366 C CG  . PHE A 1 47 ? -7.981  -5.200  8.643   1.00 19.24 ? 101 PHE E CG  1 
ATOM   367 C CD1 . PHE A 1 47 ? -8.523  -3.982  9.017   1.00 20.20 ? 101 PHE E CD1 1 
ATOM   368 C CD2 . PHE A 1 47 ? -8.823  -6.307  8.587   1.00 18.72 ? 101 PHE E CD2 1 
ATOM   369 C CE1 . PHE A 1 47 ? -9.883  -3.874  9.323   1.00 20.41 ? 101 PHE E CE1 1 
ATOM   370 C CE2 . PHE A 1 47 ? -10.176 -6.200  8.892   1.00 16.14 ? 101 PHE E CE2 1 
ATOM   371 C CZ  . PHE A 1 47 ? -10.705 -4.984  9.258   1.00 18.74 ? 101 PHE E CZ  1 
ATOM   372 N N   . GLY A 1 48 ? -6.235  -6.009  11.705  1.00 22.01 ? 102 GLY E N   1 
ATOM   373 C CA  . GLY A 1 48 ? -6.397  -7.022  12.720  1.00 22.42 ? 102 GLY E CA  1 
ATOM   374 C C   . GLY A 1 48 ? -4.973  -7.394  13.060  1.00 23.02 ? 102 GLY E C   1 
ATOM   375 O O   . GLY A 1 48 ? -4.143  -6.490  13.247  1.00 23.45 ? 102 GLY E O   1 
ATOM   376 N N   . ASN A 1 49 ? -4.684  -8.693  13.124  1.00 19.78 ? 103 ASN E N   1 
ATOM   377 C CA  . ASN A 1 49 ? -3.337  -9.173  13.405  1.00 20.36 ? 103 ASN E CA  1 
ATOM   378 C C   . ASN A 1 49 ? -2.685  -9.607  12.093  1.00 19.37 ? 103 ASN E C   1 
ATOM   379 O O   . ASN A 1 49 ? -1.589  -10.168 12.081  1.00 19.65 ? 103 ASN E O   1 
ATOM   380 C CB  . ASN A 1 49 ? -3.353  -10.350 14.400  1.00 24.61 ? 103 ASN E CB  1 
ATOM   381 C CG  . ASN A 1 49 ? -4.109  -10.034 15.690  1.00 25.56 ? 103 ASN E CG  1 
ATOM   382 O OD1 . ASN A 1 49 ? -3.791  -9.083  16.394  1.00 27.04 ? 103 ASN E OD1 1 
ATOM   383 N ND2 . ASN A 1 49 ? -5.117  -10.848 16.005  1.00 29.33 ? 103 ASN E ND2 1 
ATOM   384 N N   . ASP A 1 50 ? -3.359  -9.323  10.985  1.00 18.92 ? 104 ASP E N   1 
ATOM   385 C CA  . ASP A 1 50 ? -2.893  -9.677  9.641   1.00 18.33 ? 104 ASP E CA  1 
ATOM   386 C C   . ASP A 1 50 ? -2.197  -8.503  8.932   1.00 17.68 ? 104 ASP E C   1 
ATOM   387 O O   . ASP A 1 50 ? -2.396  -7.353  9.295   1.00 18.05 ? 104 ASP E O   1 
ATOM   388 C CB  . ASP A 1 50 ? -4.106  -10.133 8.819   1.00 16.99 ? 104 ASP E CB  1 
ATOM   389 C CG  . ASP A 1 50 ? -3.731  -10.915 7.562   1.00 20.42 ? 104 ASP E CG  1 
ATOM   390 O OD1 . ASP A 1 50 ? -2.611  -11.482 7.494   1.00 18.23 ? 104 ASP E OD1 1 
ATOM   391 O OD2 . ASP A 1 50 ? -4.587  -10.990 6.644   1.00 21.32 ? 104 ASP E OD2 1 
ATOM   392 N N   . VAL A 1 51 ? -1.365  -8.813  7.951   1.00 16.64 ? 105 VAL E N   1 
ATOM   393 C CA  . VAL A 1 51 ? -0.671  -7.816  7.137   1.00 17.73 ? 105 VAL E CA  1 
ATOM   394 C C   . VAL A 1 51 ? -0.900  -8.265  5.700   1.00 17.12 ? 105 VAL E C   1 
ATOM   395 O O   . VAL A 1 51 ? -0.603  -9.412  5.354   1.00 17.90 ? 105 VAL E O   1 
ATOM   396 C CB  . VAL A 1 51 ? 0.858   -7.778  7.394   1.00 19.12 ? 105 VAL E CB  1 
ATOM   397 C CG1 . VAL A 1 51 ? 1.563   -6.853  6.353   1.00 17.50 ? 105 VAL E CG1 1 
ATOM   398 C CG2 . VAL A 1 51 ? 1.149   -7.309  8.807   1.00 16.77 ? 105 VAL E CG2 1 
ATOM   399 N N   . GLN A 1 52 ? -1.453  -7.383  4.877   1.00 15.16 ? 106 GLN E N   1 
ATOM   400 C CA  . GLN A 1 52 ? -1.729  -7.686  3.481   1.00 12.75 ? 106 GLN E CA  1 
ATOM   401 C C   . GLN A 1 52 ? -0.915  -6.801  2.542   1.00 15.55 ? 106 GLN E C   1 
ATOM   402 O O   . GLN A 1 52 ? -0.518  -5.695  2.914   1.00 15.00 ? 106 GLN E O   1 
ATOM   403 C CB  . GLN A 1 52 ? -3.207  -7.519  3.232   1.00 14.30 ? 106 GLN E CB  1 
ATOM   404 C CG  . GLN A 1 52 ? -4.008  -8.427  4.135   1.00 19.23 ? 106 GLN E CG  1 
ATOM   405 C CD  . GLN A 1 52 ? -5.481  -8.164  4.091   1.00 20.84 ? 106 GLN E CD  1 
ATOM   406 O OE1 . GLN A 1 52 ? -6.017  -7.700  3.072   1.00 22.21 ? 106 GLN E OE1 1 
ATOM   407 N NE2 . GLN A 1 52 ? -6.167  -8.474  5.193   1.00 21.09 ? 106 GLN E NE2 1 
ATOM   408 N N   . HIS A 1 53 ? -0.650  -7.292  1.336   1.00 13.97 ? 107 HIS E N   1 
ATOM   409 C CA  . HIS A 1 53 ? 0.141   -6.556  0.341   1.00 16.71 ? 107 HIS E CA  1 
ATOM   410 C C   . HIS A 1 53 ? -0.678  -6.358  -0.920  1.00 17.76 ? 107 HIS E C   1 
ATOM   411 O O   . HIS A 1 53 ? -1.369  -7.287  -1.360  1.00 16.95 ? 107 HIS E O   1 
ATOM   412 C CB  . HIS A 1 53 ? 1.427   -7.318  -0.008  1.00 17.40 ? 107 HIS E CB  1 
ATOM   413 C CG  . HIS A 1 53 ? 2.220   -7.752  1.188   1.00 16.27 ? 107 HIS E CG  1 
ATOM   414 N ND1 . HIS A 1 53 ? 3.194   -6.964  1.768   1.00 16.63 ? 107 HIS E ND1 1 
ATOM   415 C CD2 . HIS A 1 53 ? 2.149   -8.878  1.941   1.00 15.82 ? 107 HIS E CD2 1 
ATOM   416 C CE1 . HIS A 1 53 ? 3.684   -7.583  2.829   1.00 15.23 ? 107 HIS E CE1 1 
ATOM   417 N NE2 . HIS A 1 53 ? 3.062   -8.744  2.957   1.00 16.15 ? 107 HIS E NE2 1 
ATOM   418 N N   . PHE A 1 54 ? -0.640  -5.142  -1.467  1.00 18.31 ? 108 PHE E N   1 
ATOM   419 C CA  . PHE A 1 54 ? -1.373  -4.783  -2.681  1.00 14.70 ? 108 PHE E CA  1 
ATOM   420 C C   . PHE A 1 54 ? -0.363  -4.274  -3.674  1.00 14.73 ? 108 PHE E C   1 
ATOM   421 O O   . PHE A 1 54 ? 0.600   -3.612  -3.295  1.00 15.76 ? 108 PHE E O   1 
ATOM   422 C CB  . PHE A 1 54 ? -2.377  -3.671  -2.402  1.00 15.18 ? 108 PHE E CB  1 
ATOM   423 C CG  . PHE A 1 54 ? -3.520  -4.094  -1.540  1.00 12.10 ? 108 PHE E CG  1 
ATOM   424 C CD1 . PHE A 1 54 ? -3.366  -4.212  -0.158  1.00 15.65 ? 108 PHE E CD1 1 
ATOM   425 C CD2 . PHE A 1 54 ? -4.736  -4.431  -2.100  1.00 12.76 ? 108 PHE E CD2 1 
ATOM   426 C CE1 . PHE A 1 54 ? -4.401  -4.670  0.664   1.00 10.16 ? 108 PHE E CE1 1 
ATOM   427 C CE2 . PHE A 1 54 ? -5.789  -4.895  -1.277  1.00 16.01 ? 108 PHE E CE2 1 
ATOM   428 C CZ  . PHE A 1 54 ? -5.602  -5.010  0.111   1.00 12.81 ? 108 PHE E CZ  1 
ATOM   429 N N   . LYS A 1 55 ? -0.522  -4.665  -4.928  1.00 15.92 ? 109 LYS E N   1 
ATOM   430 C CA  . LYS A 1 55 ? 0.379   -4.202  -5.972  1.00 19.80 ? 109 LYS E CA  1 
ATOM   431 C C   . LYS A 1 55 ? -0.236  -2.928  -6.562  1.00 19.15 ? 109 LYS E C   1 
ATOM   432 O O   . LYS A 1 55 ? -1.433  -2.892  -6.835  1.00 20.11 ? 109 LYS E O   1 
ATOM   433 C CB  . LYS A 1 55 ? 0.521   -5.248  -7.076  1.00 20.46 ? 109 LYS E CB  1 
ATOM   434 C CG  . LYS A 1 55 ? 1.537   -4.867  -8.159  1.00 23.65 ? 109 LYS E CG  1 
ATOM   435 C CD  . LYS A 1 55 ? 1.640   -5.964  -9.175  1.00 24.55 ? 109 LYS E CD  1 
ATOM   436 C CE  . LYS A 1 55 ? 2.999   -6.019  -9.781  1.00 27.89 ? 109 LYS E CE  1 
ATOM   437 N NZ  . LYS A 1 55 ? 4.060   -6.179  -8.752  1.00 23.39 ? 109 LYS E NZ  1 
ATOM   438 N N   . VAL A 1 56 ? 0.550   -1.868  -6.690  1.00 18.62 ? 110 VAL E N   1 
ATOM   439 C CA  . VAL A 1 56 ? 0.041   -0.628  -7.288  1.00 15.16 ? 110 VAL E CA  1 
ATOM   440 C C   . VAL A 1 56 ? 0.087   -0.835  -8.791  1.00 13.88 ? 110 VAL E C   1 
ATOM   441 O O   . VAL A 1 56 ? 1.157   -1.043  -9.380  1.00 15.66 ? 110 VAL E O   1 
ATOM   442 C CB  . VAL A 1 56 ? 0.893   0.593   -6.908  1.00 15.73 ? 110 VAL E CB  1 
ATOM   443 C CG1 . VAL A 1 56 ? 0.338   1.845   -7.573  1.00 13.84 ? 110 VAL E CG1 1 
ATOM   444 C CG2 . VAL A 1 56 ? 0.936   0.747   -5.382  1.00 14.99 ? 110 VAL E CG2 1 
ATOM   445 N N   . LEU A 1 57 ? -1.080  -0.850  -9.405  1.00 15.13 ? 111 LEU E N   1 
ATOM   446 C CA  . LEU A 1 57 ? -1.172  -1.069  -10.832 1.00 18.77 ? 111 LEU E CA  1 
ATOM   447 C C   . LEU A 1 57 ? -1.050  0.252   -11.619 1.00 20.72 ? 111 LEU E C   1 
ATOM   448 O O   . LEU A 1 57 ? -1.336  1.327   -11.092 1.00 20.33 ? 111 LEU E O   1 
ATOM   449 C CB  . LEU A 1 57 ? -2.490  -1.787  -11.148 1.00 18.29 ? 111 LEU E CB  1 
ATOM   450 C CG  . LEU A 1 57 ? -2.724  -3.292  -10.877 1.00 20.16 ? 111 LEU E CG  1 
ATOM   451 C CD1 . LEU A 1 57 ? -1.520  -3.974  -10.280 1.00 19.13 ? 111 LEU E CD1 1 
ATOM   452 C CD2 . LEU A 1 57 ? -3.962  -3.519  -10.043 1.00 19.26 ? 111 LEU E CD2 1 
ATOM   453 N N   . ARG A 1 58 ? -0.612  0.145   -12.872 1.00 22.35 ? 112 ARG E N   1 
ATOM   454 C CA  . ARG A 1 58 ? -0.447  1.276   -13.777 1.00 22.40 ? 112 ARG E CA  1 
ATOM   455 C C   . ARG A 1 58 ? -1.018  0.830   -15.105 1.00 21.74 ? 112 ARG E C   1 
ATOM   456 O O   . ARG A 1 58 ? -0.702  -0.264  -15.573 1.00 22.53 ? 112 ARG E O   1 
ATOM   457 C CB  . ARG A 1 58 ? 1.028   1.644   -13.917 1.00 25.80 ? 112 ARG E CB  1 
ATOM   458 C CG  . ARG A 1 58 ? 1.347   3.043   -13.422 1.00 32.63 ? 112 ARG E CG  1 
ATOM   459 C CD  . ARG A 1 58 ? 2.748   3.499   -13.828 1.00 36.98 ? 112 ARG E CD  1 
ATOM   460 N NE  . ARG A 1 58 ? 2.782   4.894   -14.297 1.00 44.66 ? 112 ARG E NE  1 
ATOM   461 C CZ  . ARG A 1 58 ? 3.305   5.295   -15.465 1.00 47.56 ? 112 ARG E CZ  1 
ATOM   462 N NH1 . ARG A 1 58 ? 3.843   4.414   -16.302 1.00 47.33 ? 112 ARG E NH1 1 
ATOM   463 N NH2 . ARG A 1 58 ? 3.290   6.582   -15.810 1.00 48.89 ? 112 ARG E NH2 1 
ATOM   464 N N   . ASP A 1 59 ? -1.921  1.626   -15.669 1.00 22.30 ? 113 ASP E N   1 
ATOM   465 C CA  . ASP A 1 59 ? -2.563  1.294   -16.941 1.00 23.59 ? 113 ASP E CA  1 
ATOM   466 C C   . ASP A 1 59 ? -1.934  1.931   -18.192 1.00 25.24 ? 113 ASP E C   1 
ATOM   467 O O   . ASP A 1 59 ? -0.901  2.607   -18.104 1.00 25.06 ? 113 ASP E O   1 
ATOM   468 C CB  . ASP A 1 59 ? -4.060  1.609   -16.885 1.00 23.53 ? 113 ASP E CB  1 
ATOM   469 C CG  . ASP A 1 59 ? -4.363  3.115   -16.838 1.00 26.11 ? 113 ASP E CG  1 
ATOM   470 O OD1 . ASP A 1 59 ? -3.448  3.959   -16.923 1.00 26.60 ? 113 ASP E OD1 1 
ATOM   471 O OD2 . ASP A 1 59 ? -5.551  3.459   -16.725 1.00 28.99 ? 113 ASP E OD2 1 
ATOM   472 N N   . GLY A 1 60 ? -2.599  1.766   -19.336 1.00 27.16 ? 114 GLY E N   1 
ATOM   473 C CA  . GLY A 1 60 ? -2.118  2.304   -20.607 1.00 27.21 ? 114 GLY E CA  1 
ATOM   474 C C   . GLY A 1 60 ? -1.977  3.815   -20.700 1.00 28.67 ? 114 GLY E C   1 
ATOM   475 O O   . GLY A 1 60 ? -1.240  4.322   -21.545 1.00 30.83 ? 114 GLY E O   1 
ATOM   476 N N   . ALA A 1 61 ? -2.695  4.542   -19.856 1.00 27.71 ? 115 ALA E N   1 
ATOM   477 C CA  . ALA A 1 61 ? -2.616  5.988   -19.850 1.00 26.53 ? 115 ALA E CA  1 
ATOM   478 C C   . ALA A 1 61 ? -1.647  6.453   -18.762 1.00 26.79 ? 115 ALA E C   1 
ATOM   479 O O   . ALA A 1 61 ? -1.605  7.623   -18.420 1.00 28.88 ? 115 ALA E O   1 
ATOM   480 C CB  . ALA A 1 61 ? -3.999  6.601   -19.655 1.00 25.95 ? 115 ALA E CB  1 
ATOM   481 N N   . GLY A 1 62 ? -0.896  5.524   -18.188 1.00 24.27 ? 116 GLY E N   1 
ATOM   482 C CA  . GLY A 1 62 ? 0.067   5.887   -17.167 1.00 23.37 ? 116 GLY E CA  1 
ATOM   483 C C   . GLY A 1 62 ? -0.457  6.189   -15.783 1.00 24.28 ? 116 GLY E C   1 
ATOM   484 O O   . GLY A 1 62 ? 0.293   6.672   -14.941 1.00 26.48 ? 116 GLY E O   1 
ATOM   485 N N   . LYS A 1 63 ? -1.724  5.889   -15.523 1.00 24.13 ? 117 LYS E N   1 
ATOM   486 C CA  . LYS A 1 63 ? -2.306  6.155   -14.212 1.00 24.14 ? 117 LYS E CA  1 
ATOM   487 C C   . LYS A 1 63 ? -2.188  4.982   -13.213 1.00 21.91 ? 117 LYS E C   1 
ATOM   488 O O   . LYS A 1 63 ? -2.076  3.821   -13.608 1.00 22.76 ? 117 LYS E O   1 
ATOM   489 C CB  . LYS A 1 63 ? -3.757  6.580   -14.374 1.00 25.77 ? 117 LYS E CB  1 
ATOM   490 C CG  . LYS A 1 63 ? -3.903  7.722   -15.314 1.00 27.98 ? 117 LYS E CG  1 
ATOM   491 C CD  . LYS A 1 63 ? -5.198  8.411   -15.120 1.00 31.89 ? 117 LYS E CD  1 
ATOM   492 C CE  . LYS A 1 63 ? -5.389  9.386   -16.238 1.00 36.26 ? 117 LYS E CE  1 
ATOM   493 N NZ  . LYS A 1 63 ? -4.103  10.119  -16.497 1.00 41.20 ? 117 LYS E NZ  1 
ATOM   494 N N   . TYR A 1 64 ? -2.240  5.298   -11.928 1.00 18.26 ? 118 TYR E N   1 
ATOM   495 C CA  . TYR A 1 64 ? -2.127  4.300   -10.876 1.00 18.21 ? 118 TYR E CA  1 
ATOM   496 C C   . TYR A 1 64 ? -3.498  3.887   -10.362 1.00 17.12 ? 118 TYR E C   1 
ATOM   497 O O   . TYR A 1 64 ? -4.422  4.691   -10.308 1.00 14.54 ? 118 TYR E O   1 
ATOM   498 C CB  . TYR A 1 64 ? -1.357  4.876   -9.703  1.00 17.49 ? 118 TYR E CB  1 
ATOM   499 C CG  . TYR A 1 64 ? 0.054   5.323   -9.994  1.00 21.09 ? 118 TYR E CG  1 
ATOM   500 C CD1 . TYR A 1 64 ? 1.114   4.448   -9.855  1.00 21.45 ? 118 TYR E CD1 1 
ATOM   501 C CD2 . TYR A 1 64 ? 0.341   6.658   -10.311 1.00 23.67 ? 118 TYR E CD2 1 
ATOM   502 C CE1 . TYR A 1 64 ? 2.422   4.869   -10.005 1.00 20.91 ? 118 TYR E CE1 1 
ATOM   503 C CE2 . TYR A 1 64 ? 1.664   7.096   -10.468 1.00 22.67 ? 118 TYR E CE2 1 
ATOM   504 C CZ  . TYR A 1 64 ? 2.690   6.189   -10.309 1.00 22.54 ? 118 TYR E CZ  1 
ATOM   505 O OH  . TYR A 1 64 ? 3.998   6.577   -10.448 1.00 25.88 ? 118 TYR E OH  1 
ATOM   506 N N   . PHE A 1 65 ? -3.624  2.641   -9.943  1.00 17.58 ? 119 PHE E N   1 
ATOM   507 C CA  . PHE A 1 65 ? -4.884  2.170   -9.388  1.00 16.11 ? 119 PHE E CA  1 
ATOM   508 C C   . PHE A 1 65 ? -4.723  0.840   -8.645  1.00 16.82 ? 119 PHE E C   1 
ATOM   509 O O   . PHE A 1 65 ? -3.704  0.161   -8.795  1.00 17.71 ? 119 PHE E O   1 
ATOM   510 C CB  . PHE A 1 65 ? -5.946  2.065   -10.468 1.00 14.72 ? 119 PHE E CB  1 
ATOM   511 C CG  . PHE A 1 65 ? -5.690  0.982   -11.476 1.00 18.58 ? 119 PHE E CG  1 
ATOM   512 C CD1 . PHE A 1 65 ? -4.783  1.173   -12.507 1.00 16.96 ? 119 PHE E CD1 1 
ATOM   513 C CD2 . PHE A 1 65 ? -6.384  -0.232  -11.402 1.00 18.75 ? 119 PHE E CD2 1 
ATOM   514 C CE1 . PHE A 1 65 ? -4.569  0.181   -13.452 1.00 16.81 ? 119 PHE E CE1 1 
ATOM   515 C CE2 . PHE A 1 65 ? -6.180  -1.222  -12.333 1.00 16.71 ? 119 PHE E CE2 1 
ATOM   516 C CZ  . PHE A 1 65 ? -5.271  -1.024  -13.367 1.00 18.05 ? 119 PHE E CZ  1 
ATOM   517 N N   . LEU A 1 66 ? -5.685  0.526   -7.777  1.00 17.31 ? 120 LEU E N   1 
ATOM   518 C CA  . LEU A 1 66 ? -5.681  -0.733  -7.024  1.00 17.74 ? 120 LEU E CA  1 
ATOM   519 C C   . LEU A 1 66 ? -6.751  -1.642  -7.609  1.00 18.82 ? 120 LEU E C   1 
ATOM   520 O O   . LEU A 1 66 ? -6.500  -2.816  -7.868  1.00 19.45 ? 120 LEU E O   1 
ATOM   521 C CB  . LEU A 1 66 ? -5.971  -0.524  -5.535  1.00 13.87 ? 120 LEU E CB  1 
ATOM   522 C CG  . LEU A 1 66 ? -4.906  0.183   -4.728  1.00 13.50 ? 120 LEU E CG  1 
ATOM   523 C CD1 . LEU A 1 66 ? -5.387  0.346   -3.345  1.00 15.95 ? 120 LEU E CD1 1 
ATOM   524 C CD2 . LEU A 1 66 ? -3.599  -0.572  -4.748  1.00 13.60 ? 120 LEU E CD2 1 
ATOM   525 N N   . TRP A 1 67 ? -7.928  -1.067  -7.856  1.00 19.22 ? 121 TRP E N   1 
ATOM   526 C CA  . TRP A 1 67 ? -9.056  -1.807  -8.386  1.00 20.64 ? 121 TRP E CA  1 
ATOM   527 C C   . TRP A 1 67 ? -9.644  -1.188  -9.646  1.00 22.63 ? 121 TRP E C   1 
ATOM   528 O O   . TRP A 1 67 ? -9.499  -1.738  -10.732 1.00 22.39 ? 121 TRP E O   1 
ATOM   529 C CB  . TRP A 1 67 ? -10.144 -1.949  -7.324  1.00 18.13 ? 121 TRP E CB  1 
ATOM   530 C CG  . TRP A 1 67 ? -9.684  -2.673  -6.111  1.00 20.63 ? 121 TRP E CG  1 
ATOM   531 C CD1 . TRP A 1 67 ? -9.392  -2.134  -4.891  1.00 20.21 ? 121 TRP E CD1 1 
ATOM   532 C CD2 . TRP A 1 67 ? -9.466  -4.082  -5.992  1.00 19.99 ? 121 TRP E CD2 1 
ATOM   533 N NE1 . TRP A 1 67 ? -9.006  -3.120  -4.019  1.00 22.23 ? 121 TRP E NE1 1 
ATOM   534 C CE2 . TRP A 1 67 ? -9.048  -4.328  -4.666  1.00 21.51 ? 121 TRP E CE2 1 
ATOM   535 C CE3 . TRP A 1 67 ? -9.591  -5.160  -6.876  1.00 20.54 ? 121 TRP E CE3 1 
ATOM   536 C CZ2 . TRP A 1 67 ? -8.757  -5.620  -4.192  1.00 22.84 ? 121 TRP E CZ2 1 
ATOM   537 C CZ3 . TRP A 1 67 ? -9.301  -6.454  -6.410  1.00 24.13 ? 121 TRP E CZ3 1 
ATOM   538 C CH2 . TRP A 1 67 ? -8.891  -6.668  -5.073  1.00 22.74 ? 121 TRP E CH2 1 
ATOM   539 N N   . VAL A 1 68 ? -10.340 -0.060  -9.510  1.00 25.67 ? 122 VAL E N   1 
ATOM   540 C CA  . VAL A 1 68 ? -10.953 0.568   -10.680 1.00 26.35 ? 122 VAL E CA  1 
ATOM   541 C C   . VAL A 1 68 ? -10.707 2.079   -10.823 1.00 24.91 ? 122 VAL E C   1 
ATOM   542 O O   . VAL A 1 68 ? -10.537 2.581   -11.933 1.00 26.58 ? 122 VAL E O   1 
ATOM   543 C CB  . VAL A 1 68 ? -12.464 0.296   -10.737 1.00 27.76 ? 122 VAL E CB  1 
ATOM   544 C CG1 . VAL A 1 68 ? -13.019 0.747   -12.074 1.00 30.60 ? 122 VAL E CG1 1 
ATOM   545 C CG2 . VAL A 1 68 ? -12.759 -1.181  -10.527 1.00 30.17 ? 122 VAL E CG2 1 
ATOM   546 N N   . VAL A 1 69 ? -10.728 2.790   -9.706  1.00 22.38 ? 123 VAL E N   1 
ATOM   547 C CA  . VAL A 1 69 ? -10.502 4.225   -9.700  1.00 21.97 ? 123 VAL E CA  1 
ATOM   548 C C   . VAL A 1 69 ? -9.026  4.498   -9.988  1.00 21.51 ? 123 VAL E C   1 
ATOM   549 O O   . VAL A 1 69 ? -8.143  3.908   -9.359  1.00 22.67 ? 123 VAL E O   1 
ATOM   550 C CB  . VAL A 1 69 ? -10.954 4.810   -8.365  1.00 20.30 ? 123 VAL E CB  1 
ATOM   551 C CG1 . VAL A 1 69 ? -10.817 6.301   -8.351  1.00 22.49 ? 123 VAL E CG1 1 
ATOM   552 C CG2 . VAL A 1 69 ? -12.401 4.440   -8.119  1.00 21.54 ? 123 VAL E CG2 1 
ATOM   553 N N   . LYS A 1 70 ? -8.771  5.367   -10.962 1.00 22.09 ? 124 LYS E N   1 
ATOM   554 C CA  . LYS A 1 70 ? -7.414  5.720   -11.405 1.00 22.96 ? 124 LYS E CA  1 
ATOM   555 C C   . LYS A 1 70 ? -6.926  7.085   -10.886 1.00 23.70 ? 124 LYS E C   1 
ATOM   556 O O   . LYS A 1 70 ? -7.703  8.028   -10.752 1.00 23.32 ? 124 LYS E O   1 
ATOM   557 C CB  . LYS A 1 70 ? -7.340  5.722   -12.936 1.00 23.75 ? 124 LYS E CB  1 
ATOM   558 C CG  . LYS A 1 70 ? -8.032  4.565   -13.635 1.00 24.46 ? 124 LYS E CG  1 
ATOM   559 C CD  . LYS A 1 70 ? -7.159  3.363   -13.719 1.00 25.96 ? 124 LYS E CD  1 
ATOM   560 C CE  . LYS A 1 70 ? -7.900  2.231   -14.396 1.00 27.92 ? 124 LYS E CE  1 
ATOM   561 N NZ  . LYS A 1 70 ? -8.279  2.588   -15.779 1.00 33.16 ? 124 LYS E NZ  1 
ATOM   562 N N   . PHE A 1 71 ? -5.622  7.203   -10.669 1.00 23.10 ? 125 PHE E N   1 
ATOM   563 C CA  . PHE A 1 71 ? -5.026  8.433   -10.139 1.00 21.55 ? 125 PHE E CA  1 
ATOM   564 C C   . PHE A 1 71 ? -3.763  8.824   -10.899 1.00 20.50 ? 125 PHE E C   1 
ATOM   565 O O   . PHE A 1 71 ? -3.139  7.995   -11.562 1.00 18.36 ? 125 PHE E O   1 
ATOM   566 C CB  . PHE A 1 71 ? -4.691  8.256   -8.654  1.00 20.93 ? 125 PHE E CB  1 
ATOM   567 C CG  . PHE A 1 71 ? -5.838  7.763   -7.833  1.00 23.26 ? 125 PHE E CG  1 
ATOM   568 C CD1 . PHE A 1 71 ? -6.763  8.656   -7.302  1.00 26.11 ? 125 PHE E CD1 1 
ATOM   569 C CD2 . PHE A 1 71 ? -6.009  6.409   -7.608  1.00 24.46 ? 125 PHE E CD2 1 
ATOM   570 C CE1 . PHE A 1 71 ? -7.836  8.209   -6.563  1.00 20.90 ? 125 PHE E CE1 1 
ATOM   571 C CE2 . PHE A 1 71 ? -7.081  5.949   -6.869  1.00 23.99 ? 125 PHE E CE2 1 
ATOM   572 C CZ  . PHE A 1 71 ? -7.994  6.853   -6.346  1.00 23.86 ? 125 PHE E CZ  1 
ATOM   573 N N   . ASN A 1 72 ? -3.347  10.071  -10.727 1.00 21.33 ? 126 ASN E N   1 
ATOM   574 C CA  . ASN A 1 72 ? -2.165  10.583  -11.409 1.00 21.06 ? 126 ASN E CA  1 
ATOM   575 C C   . ASN A 1 72 ? -0.880  10.448  -10.648 1.00 20.29 ? 126 ASN E C   1 
ATOM   576 O O   . ASN A 1 72 ? 0.200   10.627  -11.205 1.00 22.24 ? 126 ASN E O   1 
ATOM   577 C CB  . ASN A 1 72 ? -2.371  12.036  -11.800 1.00 23.11 ? 126 ASN E CB  1 
ATOM   578 C CG  . ASN A 1 72 ? -3.366  12.189  -12.904 1.00 22.32 ? 126 ASN E CG  1 
ATOM   579 O OD1 . ASN A 1 72 ? -3.386  11.406  -13.851 1.00 23.18 ? 126 ASN E OD1 1 
ATOM   580 N ND2 . ASN A 1 72 ? -4.193  13.207  -12.806 1.00 27.00 ? 126 ASN E ND2 1 
ATOM   581 N N   . SER A 1 73 ? -0.980  10.144  -9.366  1.00 18.83 ? 127 SER E N   1 
ATOM   582 C CA  . SER A 1 73 ? 0.211   10.000  -8.572  1.00 17.00 ? 127 SER E CA  1 
ATOM   583 C C   . SER A 1 73 ? -0.074  9.060   -7.412  1.00 18.59 ? 127 SER E C   1 
ATOM   584 O O   . SER A 1 73 ? -1.238  8.766   -7.109  1.00 17.75 ? 127 SER E O   1 
ATOM   585 C CB  . SER A 1 73 ? 0.627   11.362  -8.046  1.00 16.09 ? 127 SER E CB  1 
ATOM   586 O OG  . SER A 1 73 ? -0.408  11.891  -7.232  1.00 12.93 ? 127 SER E OG  1 
ATOM   587 N N   . LEU A 1 74 ? 0.999   8.579   -6.790  1.00 20.38 ? 128 LEU E N   1 
ATOM   588 C CA  . LEU A 1 74 ? 0.927   7.704   -5.618  1.00 22.81 ? 128 LEU E CA  1 
ATOM   589 C C   . LEU A 1 74 ? 0.333   8.510   -4.463  1.00 21.90 ? 128 LEU E C   1 
ATOM   590 O O   . LEU A 1 74 ? -0.306  7.954   -3.555  1.00 20.49 ? 128 LEU E O   1 
ATOM   591 C CB  . LEU A 1 74 ? 2.327   7.199   -5.206  1.00 20.24 ? 128 LEU E CB  1 
ATOM   592 C CG  . LEU A 1 74 ? 3.106   6.201   -6.055  1.00 19.03 ? 128 LEU E CG  1 
ATOM   593 C CD1 . LEU A 1 74 ? 4.432   5.869   -5.376  1.00 18.64 ? 128 LEU E CD1 1 
ATOM   594 C CD2 . LEU A 1 74 ? 2.292   4.956   -6.239  1.00 18.61 ? 128 LEU E CD2 1 
ATOM   595 N N   . ASN A 1 75 ? 0.576   9.823   -4.495  1.00 21.37 ? 129 ASN E N   1 
ATOM   596 C CA  . ASN A 1 75 ? 0.069   10.723  -3.463  1.00 18.61 ? 129 ASN E CA  1 
ATOM   597 C C   . ASN A 1 75 ? -1.437  10.704  -3.389  1.00 18.10 ? 129 ASN E C   1 
ATOM   598 O O   . ASN A 1 75 ? -2.000  10.603  -2.293  1.00 17.63 ? 129 ASN E O   1 
ATOM   599 C CB  . ASN A 1 75 ? 0.496   12.166  -3.714  1.00 18.23 ? 129 ASN E CB  1 
ATOM   600 C CG  . ASN A 1 75 ? 0.630   12.946  -2.435  1.00 20.37 ? 129 ASN E CG  1 
ATOM   601 O OD1 . ASN A 1 75 ? 1.562   13.726  -2.272  1.00 23.31 ? 129 ASN E OD1 1 
ATOM   602 N ND2 . ASN A 1 75 ? -0.286  12.729  -1.500  1.00 20.56 ? 129 ASN E ND2 1 
ATOM   603 N N   . GLU A 1 76 ? -2.069  10.883  -4.548  1.00 16.56 ? 130 GLU E N   1 
ATOM   604 C CA  . GLU A 1 76 ? -3.516  10.920  -4.667  1.00 19.93 ? 130 GLU E CA  1 
ATOM   605 C C   . GLU A 1 76 ? -4.183  9.575   -4.421  1.00 19.00 ? 130 GLU E C   1 
ATOM   606 O O   . GLU A 1 76 ? -5.293  9.530   -3.899  1.00 20.60 ? 130 GLU E O   1 
ATOM   607 C CB  . GLU A 1 76 ? -3.914  11.454  -6.036  1.00 21.48 ? 130 GLU E CB  1 
ATOM   608 C CG  . GLU A 1 76 ? -3.478  12.899  -6.269  1.00 28.72 ? 130 GLU E CG  1 
ATOM   609 C CD  . GLU A 1 76 ? -3.485  13.285  -7.738  1.00 29.23 ? 130 GLU E CD  1 
ATOM   610 O OE1 . GLU A 1 76 ? -2.516  12.932  -8.448  1.00 30.97 ? 130 GLU E OE1 1 
ATOM   611 O OE2 . GLU A 1 76 ? -4.453  13.932  -8.183  1.00 29.93 ? 130 GLU E OE2 1 
ATOM   612 N N   . LEU A 1 77 ? -3.524  8.486   -4.817  1.00 18.10 ? 131 LEU E N   1 
ATOM   613 C CA  . LEU A 1 77 ? -4.059  7.135   -4.610  1.00 17.86 ? 131 LEU E CA  1 
ATOM   614 C C   . LEU A 1 77 ? -4.128  6.890   -3.100  1.00 17.41 ? 131 LEU E C   1 
ATOM   615 O O   . LEU A 1 77 ? -5.163  6.497   -2.559  1.00 17.29 ? 131 LEU E O   1 
ATOM   616 C CB  . LEU A 1 77 ? -3.178  6.095   -5.323  1.00 16.22 ? 131 LEU E CB  1 
ATOM   617 C CG  . LEU A 1 77 ? -3.517  4.609   -5.146  1.00 17.07 ? 131 LEU E CG  1 
ATOM   618 C CD1 . LEU A 1 77 ? -2.977  3.798   -6.274  1.00 15.42 ? 131 LEU E CD1 1 
ATOM   619 C CD2 . LEU A 1 77 ? -2.978  4.075   -3.847  1.00 14.80 ? 131 LEU E CD2 1 
ATOM   620 N N   . VAL A 1 78 ? -3.038  7.217   -2.421  1.00 16.69 ? 132 VAL E N   1 
ATOM   621 C CA  . VAL A 1 78 ? -2.930  7.070   -0.975  1.00 17.12 ? 132 VAL E CA  1 
ATOM   622 C C   . VAL A 1 78 ? -3.925  7.938   -0.231  1.00 18.93 ? 132 VAL E C   1 
ATOM   623 O O   . VAL A 1 78 ? -4.612  7.467   0.677   1.00 18.74 ? 132 VAL E O   1 
ATOM   624 C CB  . VAL A 1 78 ? -1.504  7.384   -0.470  1.00 13.46 ? 132 VAL E CB  1 
ATOM   625 C CG1 . VAL A 1 78 ? -1.516  7.664   1.014   1.00 16.45 ? 132 VAL E CG1 1 
ATOM   626 C CG2 . VAL A 1 78 ? -0.569  6.220   -0.774  1.00 13.66 ? 132 VAL E CG2 1 
ATOM   627 N N   . ASP A 1 79 ? -4.012  9.204   -0.616  1.00 20.27 ? 133 ASP E N   1 
ATOM   628 C CA  . ASP A 1 79 ? -4.930  10.099  0.047   1.00 19.82 ? 133 ASP E CA  1 
ATOM   629 C C   . ASP A 1 79 ? -6.367  9.695   -0.181  1.00 19.13 ? 133 ASP E C   1 
ATOM   630 O O   . ASP A 1 79 ? -7.184  9.839   0.719   1.00 20.34 ? 133 ASP E O   1 
ATOM   631 C CB  . ASP A 1 79 ? -4.691  11.554  -0.358  1.00 26.20 ? 133 ASP E CB  1 
ATOM   632 C CG  . ASP A 1 79 ? -3.476  12.157  0.319   1.00 28.64 ? 133 ASP E CG  1 
ATOM   633 O OD1 . ASP A 1 79 ? -3.222  11.846  1.506   1.00 31.49 ? 133 ASP E OD1 1 
ATOM   634 O OD2 . ASP A 1 79 ? -2.775  12.946  -0.343  1.00 32.18 ? 133 ASP E OD2 1 
ATOM   635 N N   . TYR A 1 80 ? -6.688  9.201   -1.371  1.00 17.22 ? 134 TYR E N   1 
ATOM   636 C CA  . TYR A 1 80 ? -8.051  8.760   -1.661  1.00 18.23 ? 134 TYR E CA  1 
ATOM   637 C C   . TYR A 1 80 ? -8.448  7.539   -0.795  1.00 20.48 ? 134 TYR E C   1 
ATOM   638 O O   . TYR A 1 80 ? -9.601  7.387   -0.371  1.00 18.55 ? 134 TYR E O   1 
ATOM   639 C CB  . TYR A 1 80 ? -8.161  8.404   -3.135  1.00 17.77 ? 134 TYR E CB  1 
ATOM   640 C CG  . TYR A 1 80 ? -9.481  7.796   -3.547  1.00 18.14 ? 134 TYR E CG  1 
ATOM   641 C CD1 . TYR A 1 80 ? -10.517 8.596   -4.004  1.00 22.22 ? 134 TYR E CD1 1 
ATOM   642 C CD2 . TYR A 1 80 ? -9.658  6.417   -3.574  1.00 20.08 ? 134 TYR E CD2 1 
ATOM   643 C CE1 . TYR A 1 80 ? -11.702 8.040   -4.496  1.00 22.21 ? 134 TYR E CE1 1 
ATOM   644 C CE2 . TYR A 1 80 ? -10.827 5.848   -4.054  1.00 19.75 ? 134 TYR E CE2 1 
ATOM   645 C CZ  . TYR A 1 80 ? -11.844 6.666   -4.520  1.00 25.35 ? 134 TYR E CZ  1 
ATOM   646 O OH  . TYR A 1 80 ? -12.992 6.118   -5.043  1.00 30.78 ? 134 TYR E OH  1 
ATOM   647 N N   . HIS A 1 81 ? -7.470  6.693   -0.501  1.00 20.13 ? 135 HIS E N   1 
ATOM   648 C CA  . HIS A 1 81 ? -7.743  5.505   0.271   1.00 20.90 ? 135 HIS E CA  1 
ATOM   649 C C   . HIS A 1 81 ? -7.749  5.680   1.760   1.00 22.37 ? 135 HIS E C   1 
ATOM   650 O O   . HIS A 1 81 ? -7.795  4.704   2.511   1.00 21.37 ? 135 HIS E O   1 
ATOM   651 C CB  . HIS A 1 81 ? -6.881  4.348   -0.201  1.00 16.97 ? 135 HIS E CB  1 
ATOM   652 C CG  . HIS A 1 81 ? -7.345  3.809   -1.503  1.00 16.00 ? 135 HIS E CG  1 
ATOM   653 N ND1 . HIS A 1 81 ? -8.486  3.050   -1.611  1.00 16.64 ? 135 HIS E ND1 1 
ATOM   654 C CD2 . HIS A 1 81 ? -6.894  3.999   -2.764  1.00 16.87 ? 135 HIS E CD2 1 
ATOM   655 C CE1 . HIS A 1 81 ? -8.723  2.792   -2.884  1.00 18.23 ? 135 HIS E CE1 1 
ATOM   656 N NE2 . HIS A 1 81 ? -7.771  3.359   -3.604  1.00 21.03 ? 135 HIS E NE2 1 
ATOM   657 N N   . ARG A 1 82 ? -7.720  6.935   2.193   1.00 21.89 ? 136 ARG E N   1 
ATOM   658 C CA  . ARG A 1 82 ? -7.793  7.226   3.606   1.00 20.85 ? 136 ARG E CA  1 
ATOM   659 C C   . ARG A 1 82 ? -9.272  7.242   3.985   1.00 21.70 ? 136 ARG E C   1 
ATOM   660 O O   . ARG A 1 82 ? -9.613  7.195   5.170   1.00 24.29 ? 136 ARG E O   1 
ATOM   661 C CB  . ARG A 1 82 ? -7.138  8.555   3.916   1.00 21.24 ? 136 ARG E CB  1 
ATOM   662 C CG  . ARG A 1 82 ? -5.630  8.540   3.780   1.00 19.87 ? 136 ARG E CG  1 
ATOM   663 C CD  . ARG A 1 82 ? -5.074  9.883   4.149   1.00 19.43 ? 136 ARG E CD  1 
ATOM   664 N NE  . ARG A 1 82 ? -3.641  9.943   3.943   1.00 20.25 ? 136 ARG E NE  1 
ATOM   665 C CZ  . ARG A 1 82 ? -2.749  9.531   4.824   1.00 19.09 ? 136 ARG E CZ  1 
ATOM   666 N NH1 . ARG A 1 82 ? -3.137  9.024   5.981   1.00 22.21 ? 136 ARG E NH1 1 
ATOM   667 N NH2 . ARG A 1 82 ? -1.460  9.652   4.551   1.00 24.27 ? 136 ARG E NH2 1 
ATOM   668 N N   . SER A 1 83 ? -10.148 7.269   2.979   1.00 20.14 ? 137 SER E N   1 
ATOM   669 C CA  . SER A 1 83 ? -11.583 7.275   3.226   1.00 20.83 ? 137 SER E CA  1 
ATOM   670 C C   . SER A 1 83 ? -12.347 6.329   2.310   1.00 20.74 ? 137 SER E C   1 
ATOM   671 O O   . SER A 1 83 ? -13.572 6.436   2.161   1.00 23.48 ? 137 SER E O   1 
ATOM   672 C CB  . SER A 1 83 ? -12.153 8.702   3.149   1.00 23.34 ? 137 SER E CB  1 
ATOM   673 O OG  . SER A 1 83 ? -11.984 9.276   1.866   1.00 24.64 ? 137 SER E OG  1 
ATOM   674 N N   . THR A 1 84 ? -11.615 5.446   1.645   1.00 21.35 ? 138 THR E N   1 
ATOM   675 C CA  . THR A 1 84 ? -12.212 4.441   0.769   1.00 23.02 ? 138 THR E CA  1 
ATOM   676 C C   . THR A 1 84 ? -11.395 3.176   0.995   1.00 23.59 ? 138 THR E C   1 
ATOM   677 O O   . THR A 1 84 ? -10.162 3.200   0.906   1.00 25.46 ? 138 THR E O   1 
ATOM   678 C CB  . THR A 1 84 ? -12.185 4.840   -0.709  1.00 23.34 ? 138 THR E CB  1 
ATOM   679 O OG1 . THR A 1 84 ? -13.047 5.959   -0.909  1.00 29.59 ? 138 THR E OG1 1 
ATOM   680 C CG2 . THR A 1 84 ? -12.706 3.723   -1.574  1.00 22.75 ? 138 THR E CG2 1 
ATOM   681 N N   . SER A 1 85 ? -12.071 2.089   1.333   1.00 21.62 ? 139 SER E N   1 
ATOM   682 C CA  . SER A 1 85 ? -11.376 0.854   1.608   1.00 19.89 ? 139 SER E CA  1 
ATOM   683 C C   . SER A 1 85 ? -10.444 0.416   0.510   1.00 18.12 ? 139 SER E C   1 
ATOM   684 O O   . SER A 1 85 ? -10.759 0.475   -0.670  1.00 17.30 ? 139 SER E O   1 
ATOM   685 C CB  . SER A 1 85 ? -12.338 -0.287  1.935   1.00 17.14 ? 139 SER E CB  1 
ATOM   686 O OG  . SER A 1 85 ? -11.582 -1.395  2.394   1.00 14.77 ? 139 SER E OG  1 
ATOM   687 N N   . VAL A 1 86 ? -9.306  -0.096  0.947   1.00 20.54 ? 140 VAL E N   1 
ATOM   688 C CA  . VAL A 1 86 ? -8.264  -0.613  0.073   1.00 21.86 ? 140 VAL E CA  1 
ATOM   689 C C   . VAL A 1 86 ? -8.556  -2.088  -0.363  1.00 23.39 ? 140 VAL E C   1 
ATOM   690 O O   . VAL A 1 86 ? -7.973  -2.594  -1.324  1.00 21.32 ? 140 VAL E O   1 
ATOM   691 C CB  . VAL A 1 86 ? -6.863  -0.422  0.790   1.00 23.38 ? 140 VAL E CB  1 
ATOM   692 C CG1 . VAL A 1 86 ? -6.509  -1.575  1.758   1.00 20.40 ? 140 VAL E CG1 1 
ATOM   693 C CG2 . VAL A 1 86 ? -5.784  -0.157  -0.196  1.00 28.51 ? 140 VAL E CG2 1 
ATOM   694 N N   . SER A 1 87 ? -9.543  -2.723  0.274   1.00 23.83 ? 141 SER E N   1 
ATOM   695 C CA  . SER A 1 87 ? -9.914  -4.121  -0.004  1.00 24.32 ? 141 SER E CA  1 
ATOM   696 C C   . SER A 1 87 ? -11.392 -4.255  -0.391  1.00 23.66 ? 141 SER E C   1 
ATOM   697 O O   . SER A 1 87 ? -12.220 -3.463  0.060   1.00 25.73 ? 141 SER E O   1 
ATOM   698 C CB  . SER A 1 87 ? -9.611  -4.985  1.237   1.00 23.08 ? 141 SER E CB  1 
ATOM   699 O OG  . SER A 1 87 ? -10.369 -6.188  1.262   1.00 25.58 ? 141 SER E OG  1 
ATOM   700 N N   . ARG A 1 88 ? -11.728 -5.241  -1.222  1.00 21.83 ? 142 ARG E N   1 
ATOM   701 C CA  . ARG A 1 88 ? -13.121 -5.441  -1.620  1.00 22.56 ? 142 ARG E CA  1 
ATOM   702 C C   . ARG A 1 88 ? -13.964 -6.193  -0.584  1.00 22.37 ? 142 ARG E C   1 
ATOM   703 O O   . ARG A 1 88 ? -15.200 -6.186  -0.637  1.00 21.04 ? 142 ARG E O   1 
ATOM   704 C CB  . ARG A 1 88 ? -13.199 -6.132  -2.973  1.00 23.78 ? 142 ARG E CB  1 
ATOM   705 C CG  . ARG A 1 88 ? -12.759 -5.253  -4.087  1.00 34.20 ? 142 ARG E CG  1 
ATOM   706 C CD  . ARG A 1 88 ? -12.904 -5.918  -5.429  1.00 45.06 ? 142 ARG E CD  1 
ATOM   707 N NE  . ARG A 1 88 ? -12.606 -4.973  -6.516  1.00 58.14 ? 142 ARG E NE  1 
ATOM   708 C CZ  . ARG A 1 88 ? -13.155 -5.021  -7.735  1.00 62.93 ? 142 ARG E CZ  1 
ATOM   709 N NH1 . ARG A 1 88 ? -14.041 -5.974  -8.035  1.00 65.69 ? 142 ARG E NH1 1 
ATOM   710 N NH2 . ARG A 1 88 ? -12.819 -4.117  -8.658  1.00 62.91 ? 142 ARG E NH2 1 
ATOM   711 N N   . ASN A 1 89 ? -13.316 -6.807  0.395   1.00 21.58 ? 143 ASN E N   1 
ATOM   712 C CA  . ASN A 1 89 ? -14.082 -7.556  1.368   1.00 22.68 ? 143 ASN E CA  1 
ATOM   713 C C   . ASN A 1 89 ? -13.886 -7.142  2.809   1.00 23.47 ? 143 ASN E C   1 
ATOM   714 O O   . ASN A 1 89 ? -14.684 -7.492  3.659   1.00 27.45 ? 143 ASN E O   1 
ATOM   715 C CB  . ASN A 1 89 ? -13.925 -9.059  1.156   1.00 25.30 ? 143 ASN E CB  1 
ATOM   716 C CG  . ASN A 1 89 ? -12.655 -9.590  1.714   1.00 30.65 ? 143 ASN E CG  1 
ATOM   717 O OD1 . ASN A 1 89 ? -12.565 -9.816  2.922   1.00 38.06 ? 143 ASN E OD1 1 
ATOM   718 N ND2 . ASN A 1 89 ? -11.664 -9.837  0.852   1.00 30.11 ? 143 ASN E ND2 1 
ATOM   719 N N   . GLN A 1 90 ? -12.844 -6.381  3.092   1.00 21.01 ? 144 GLN E N   1 
ATOM   720 C CA  . GLN A 1 90 ? -12.651 -5.881  4.442   1.00 20.11 ? 144 GLN E CA  1 
ATOM   721 C C   . GLN A 1 90 ? -12.603 -4.364  4.302   1.00 20.45 ? 144 GLN E C   1 
ATOM   722 O O   . GLN A 1 90 ? -12.292 -3.863  3.221   1.00 20.41 ? 144 GLN E O   1 
ATOM   723 C CB  . GLN A 1 90 ? -11.352 -6.408  5.050   1.00 20.72 ? 144 GLN E CB  1 
ATOM   724 C CG  . GLN A 1 90 ? -11.325 -7.937  5.163   1.00 22.45 ? 144 GLN E CG  1 
ATOM   725 C CD  . GLN A 1 90 ? -9.994  -8.483  5.635   1.00 21.86 ? 144 GLN E CD  1 
ATOM   726 O OE1 . GLN A 1 90 ? -8.943  -8.249  5.019   1.00 22.69 ? 144 GLN E OE1 1 
ATOM   727 N NE2 . GLN A 1 90 ? -10.028 -9.240  6.730   1.00 23.51 ? 144 GLN E NE2 1 
ATOM   728 N N   . GLN A 1 91 ? -12.994 -3.639  5.347   1.00 19.85 ? 145 GLN E N   1 
ATOM   729 C CA  . GLN A 1 91 ? -12.939 -2.180  5.323   1.00 20.35 ? 145 GLN E CA  1 
ATOM   730 C C   . GLN A 1 91 ? -11.610 -1.785  5.926   1.00 20.72 ? 145 GLN E C   1 
ATOM   731 O O   . GLN A 1 91 ? -11.454 -1.770  7.154   1.00 23.40 ? 145 GLN E O   1 
ATOM   732 C CB  . GLN A 1 91 ? -14.070 -1.547  6.118   1.00 19.76 ? 145 GLN E CB  1 
ATOM   733 C CG  . GLN A 1 91 ? -15.446 -1.893  5.614   1.00 24.24 ? 145 GLN E CG  1 
ATOM   734 C CD  . GLN A 1 91 ? -16.528 -1.360  6.531   1.00 28.89 ? 145 GLN E CD  1 
ATOM   735 O OE1 . GLN A 1 91 ? -16.237 -0.655  7.494   1.00 34.28 ? 145 GLN E OE1 1 
ATOM   736 N NE2 . GLN A 1 91 ? -17.780 -1.700  6.248   1.00 32.70 ? 145 GLN E NE2 1 
ATOM   737 N N   . ILE A 1 92 ? -10.628 -1.556  5.055   1.00 19.74 ? 146 ILE E N   1 
ATOM   738 C CA  . ILE A 1 92 ? -9.279  -1.160  5.458   1.00 18.14 ? 146 ILE E CA  1 
ATOM   739 C C   . ILE A 1 92 ? -9.020  0.259   4.892   1.00 17.64 ? 146 ILE E C   1 
ATOM   740 O O   . ILE A 1 92 ? -8.934  0.470   3.680   1.00 18.17 ? 146 ILE E O   1 
ATOM   741 C CB  . ILE A 1 92 ? -8.237  -2.193  4.947   1.00 18.41 ? 146 ILE E CB  1 
ATOM   742 C CG1 . ILE A 1 92 ? -8.643  -3.621  5.371   1.00 16.82 ? 146 ILE E CG1 1 
ATOM   743 C CG2 . ILE A 1 92 ? -6.849  -1.854  5.456   1.00 16.60 ? 146 ILE E CG2 1 
ATOM   744 C CD1 . ILE A 1 92 ? -7.744  -4.702  4.813   1.00 16.95 ? 146 ILE E CD1 1 
ATOM   745 N N   . PHE A 1 93 ? -9.050  1.242   5.777   1.00 17.85 ? 147 PHE E N   1 
ATOM   746 C CA  . PHE A 1 93 ? -8.845  2.630   5.391   1.00 17.69 ? 147 PHE E CA  1 
ATOM   747 C C   . PHE A 1 93 ? -7.442  2.986   5.817   1.00 17.62 ? 147 PHE E C   1 
ATOM   748 O O   . PHE A 1 93 ? -7.097  2.823   6.982   1.00 20.77 ? 147 PHE E O   1 
ATOM   749 C CB  . PHE A 1 93 ? -9.836  3.527   6.126   1.00 17.28 ? 147 PHE E CB  1 
ATOM   750 C CG  . PHE A 1 93 ? -11.274 3.221   5.846   1.00 16.45 ? 147 PHE E CG  1 
ATOM   751 C CD1 . PHE A 1 93 ? -11.841 3.529   4.623   1.00 17.40 ? 147 PHE E CD1 1 
ATOM   752 C CD2 . PHE A 1 93 ? -12.084 2.678   6.833   1.00 21.84 ? 147 PHE E CD2 1 
ATOM   753 C CE1 . PHE A 1 93 ? -13.196 3.310   4.383   1.00 16.53 ? 147 PHE E CE1 1 
ATOM   754 C CE2 . PHE A 1 93 ? -13.437 2.453   6.597   1.00 20.41 ? 147 PHE E CE2 1 
ATOM   755 C CZ  . PHE A 1 93 ? -13.989 2.776   5.366   1.00 18.91 ? 147 PHE E CZ  1 
ATOM   756 N N   . LEU A 1 94 ? -6.637  3.495   4.897   1.00 19.04 ? 148 LEU E N   1 
ATOM   757 C CA  . LEU A 1 94 ? -5.256  3.850   5.212   1.00 19.33 ? 148 LEU E CA  1 
ATOM   758 C C   . LEU A 1 94 ? -5.100  4.880   6.309   1.00 21.38 ? 148 LEU E C   1 
ATOM   759 O O   . LEU A 1 94 ? -5.812  5.876   6.363   1.00 19.39 ? 148 LEU E O   1 
ATOM   760 C CB  . LEU A 1 94 ? -4.492  4.291   3.963   1.00 17.96 ? 148 LEU E CB  1 
ATOM   761 C CG  . LEU A 1 94 ? -4.490  3.306   2.793   1.00 16.72 ? 148 LEU E CG  1 
ATOM   762 C CD1 . LEU A 1 94 ? -3.604  3.853   1.677   1.00 16.73 ? 148 LEU E CD1 1 
ATOM   763 C CD2 . LEU A 1 94 ? -4.016  1.914   3.236   1.00 16.16 ? 148 LEU E CD2 1 
ATOM   764 N N   . ARG A 1 95 ? -4.126  4.629   7.169   1.00 24.97 ? 149 ARG E N   1 
ATOM   765 C CA  . ARG A 1 95 ? -3.823  5.482   8.296   1.00 28.66 ? 149 ARG E CA  1 
ATOM   766 C C   . ARG A 1 95 ? -2.311  5.459   8.491   1.00 30.30 ? 149 ARG E C   1 
ATOM   767 O O   . ARG A 1 95 ? -1.697  4.383   8.517   1.00 30.27 ? 149 ARG E O   1 
ATOM   768 C CB  . ARG A 1 95 ? -4.539  4.949   9.528   1.00 31.51 ? 149 ARG E CB  1 
ATOM   769 C CG  . ARG A 1 95 ? -4.330  5.775   10.725  1.00 38.65 ? 149 ARG E CG  1 
ATOM   770 C CD  . ARG A 1 95 ? -5.095  5.223   11.886  1.00 44.88 ? 149 ARG E CD  1 
ATOM   771 N NE  . ARG A 1 95 ? -4.605  5.788   13.140  1.00 50.72 ? 149 ARG E NE  1 
ATOM   772 C CZ  . ARG A 1 95 ? -5.182  5.598   14.322  1.00 55.76 ? 149 ARG E CZ  1 
ATOM   773 N NH1 . ARG A 1 95 ? -6.285  4.854   14.426  1.00 58.01 ? 149 ARG E NH1 1 
ATOM   774 N NH2 . ARG A 1 95 ? -4.643  6.139   15.404  1.00 59.12 ? 149 ARG E NH2 1 
ATOM   775 N N   . ASP A 1 96 ? -1.710  6.638   8.625   1.00 30.20 ? 150 ASP E N   1 
ATOM   776 C CA  . ASP A 1 96 ? -0.267  6.758   8.789   1.00 31.89 ? 150 ASP E CA  1 
ATOM   777 C C   . ASP A 1 96 ? 0.324   5.950   9.930   1.00 33.79 ? 150 ASP E C   1 
ATOM   778 O O   . ASP A 1 96 ? -0.273  5.822   10.997  1.00 31.84 ? 150 ASP E O   1 
ATOM   779 C CB  . ASP A 1 96 ? 0.152   8.218   8.948   1.00 33.39 ? 150 ASP E CB  1 
ATOM   780 C CG  . ASP A 1 96 ? 0.064   9.003   7.659   1.00 34.60 ? 150 ASP E CG  1 
ATOM   781 O OD1 . ASP A 1 96 ? 0.270   8.440   6.559   1.00 34.69 ? 150 ASP E OD1 1 
ATOM   782 O OD2 . ASP A 1 96 ? -0.195  10.214  7.767   1.00 38.41 ? 150 ASP E OD2 1 
ATOM   783 N N   . ILE A 1 97 ? 1.525   5.434   9.691   1.00 37.43 ? 151 ILE E N   1 
ATOM   784 C CA  . ILE A 1 97 ? 2.260   4.642   10.667  1.00 41.17 ? 151 ILE E CA  1 
ATOM   785 C C   . ILE A 1 97 ? 2.585   5.482   11.905  1.00 44.72 ? 151 ILE E C   1 
ATOM   786 O O   . ILE A 1 97 ? 2.686   6.715   11.824  1.00 43.72 ? 151 ILE E O   1 
ATOM   787 C CB  . ILE A 1 97 ? 3.532   4.023   10.020  1.00 41.08 ? 151 ILE E CB  1 
ATOM   788 C CG1 . ILE A 1 97 ? 3.183   2.673   9.409   1.00 39.12 ? 151 ILE E CG1 1 
ATOM   789 C CG2 . ILE A 1 97 ? 4.680   3.882   11.013  1.00 41.57 ? 151 ILE E CG2 1 
ATOM   790 C CD1 . ILE A 1 97 ? 4.365   1.950   8.860   1.00 41.31 ? 151 ILE E CD1 1 
ATOM   791 N N   . GLU A 1 98 ? 2.698   4.798   13.047  1.00 48.69 ? 152 GLU E N   1 
ATOM   792 C CA  . GLU A 1 98 ? 2.995   5.420   14.342  1.00 50.82 ? 152 GLU E CA  1 
ATOM   793 C C   . GLU A 1 98 ? 3.874   4.508   15.212  1.00 53.01 ? 152 GLU E C   1 
ATOM   794 O O   . GLU A 1 98 ? 4.992   4.142   14.769  1.00 54.73 ? 152 GLU E O   1 
ATOM   795 C CB  . GLU A 1 98 ? 1.688   5.768   15.085  1.00 51.52 ? 152 GLU E CB  1 
ATOM   796 N N   . LYS B 2 1  ? 5.742   -17.600 -5.893  1.00 46.87 ? 1   LYS I N   1 
ATOM   797 C CA  . LYS B 2 1  ? 6.071   -16.153 -6.123  1.00 45.62 ? 1   LYS I CA  1 
ATOM   798 C C   . LYS B 2 1  ? 5.289   -15.284 -5.125  1.00 44.70 ? 1   LYS I C   1 
ATOM   799 O O   . LYS B 2 1  ? 4.382   -15.796 -4.451  1.00 46.19 ? 1   LYS I O   1 
ATOM   800 C CB  . LYS B 2 1  ? 5.733   -15.746 -7.577  1.00 44.65 ? 1   LYS I CB  1 
ATOM   801 C CG  . LYS B 2 1  ? 4.296   -16.006 -8.017  1.00 43.38 ? 1   LYS I CG  1 
ATOM   802 C CD  . LYS B 2 1  ? 4.010   -15.419 -9.394  1.00 41.87 ? 1   LYS I CD  1 
ATOM   803 C CE  . LYS B 2 1  ? 2.693   -15.961 -9.963  1.00 42.25 ? 1   LYS I CE  1 
ATOM   804 N NZ  . LYS B 2 1  ? 2.374   -15.534 -11.373 1.00 36.94 ? 1   LYS I NZ  1 
ATOM   805 N N   . PRO B 2 2  ? 5.681   -13.996 -4.956  1.00 41.08 ? 2   PRO I N   1 
ATOM   806 C CA  . PRO B 2 2  ? 4.946   -13.137 -4.018  1.00 35.59 ? 2   PRO I CA  1 
ATOM   807 C C   . PRO B 2 2  ? 3.508   -12.986 -4.545  1.00 30.37 ? 2   PRO I C   1 
ATOM   808 O O   . PRO B 2 2  ? 3.269   -13.034 -5.751  1.00 30.85 ? 2   PRO I O   1 
ATOM   809 C CB  . PRO B 2 2  ? 5.731   -11.829 -4.082  1.00 37.64 ? 2   PRO I CB  1 
ATOM   810 C CG  . PRO B 2 2  ? 6.221   -11.811 -5.528  1.00 37.99 ? 2   PRO I CG  1 
ATOM   811 C CD  . PRO B 2 2  ? 6.731   -13.222 -5.655  1.00 39.82 ? 2   PRO I CD  1 
ATOM   812 N N   . PHE B 2 3  ? 2.553   -12.837 -3.644  1.00 25.20 ? 3   PHE I N   1 
ATOM   813 C CA  . PHE B 2 3  ? 1.151   -12.715 -4.025  1.00 22.24 ? 3   PHE I CA  1 
ATOM   814 C C   . PHE B 2 3  ? 0.600   -11.373 -3.539  1.00 20.12 ? 3   PHE I C   1 
ATOM   815 O O   . PHE B 2 3  ? 1.060   -10.846 -2.526  1.00 17.19 ? 3   PHE I O   1 
ATOM   816 C CB  . PHE B 2 3  ? 0.341   -13.866 -3.413  1.00 19.83 ? 3   PHE I CB  1 
ATOM   817 C CG  . PHE B 2 3  ? 0.443   -13.944 -1.915  1.00 19.79 ? 3   PHE I CG  1 
ATOM   818 C CD1 . PHE B 2 3  ? 1.528   -14.586 -1.308  1.00 20.68 ? 3   PHE I CD1 1 
ATOM   819 C CD2 . PHE B 2 3  ? -0.503  -13.318 -1.107  1.00 18.98 ? 3   PHE I CD2 1 
ATOM   820 C CE1 . PHE B 2 3  ? 1.671   -14.590 0.082   1.00 20.01 ? 3   PHE I CE1 1 
ATOM   821 C CE2 . PHE B 2 3  ? -0.368  -13.316 0.295   1.00 19.98 ? 3   PHE I CE2 1 
ATOM   822 C CZ  . PHE B 2 3  ? 0.716   -13.947 0.884   1.00 18.35 ? 3   PHE I CZ  1 
HETATM 823 N N   . PTR B 2 4  ? -0.424  -10.867 -4.223  1.00 17.90 ? 4   PTR I N   1 
HETATM 824 C CA  . PTR B 2 4  ? -1.039  -9.594  -3.866  1.00 16.37 ? 4   PTR I CA  1 
HETATM 825 C C   . PTR B 2 4  ? -2.567  -9.755  -3.834  1.00 16.34 ? 4   PTR I C   1 
HETATM 826 O O   . PTR B 2 4  ? -3.151  -10.392 -4.709  1.00 16.47 ? 4   PTR I O   1 
HETATM 827 C CB  . PTR B 2 4  ? -0.572  -8.488  -4.850  1.00 12.72 ? 4   PTR I CB  1 
HETATM 828 C CG  . PTR B 2 4  ? 0.951   -8.353  -4.923  1.00 12.76 ? 4   PTR I CG  1 
HETATM 829 C CD1 . PTR B 2 4  ? 1.645   -7.502  -4.054  1.00 9.46  ? 4   PTR I CD1 1 
HETATM 830 C CD2 . PTR B 2 4  ? 1.701   -9.147  -5.795  1.00 8.92  ? 4   PTR I CD2 1 
HETATM 831 C CE1 . PTR B 2 4  ? 3.037   -7.461  -4.039  1.00 12.70 ? 4   PTR I CE1 1 
HETATM 832 C CE2 . PTR B 2 4  ? 3.100   -9.112  -5.791  1.00 12.47 ? 4   PTR I CE2 1 
HETATM 833 C CZ  . PTR B 2 4  ? 3.768   -8.272  -4.905  1.00 15.10 ? 4   PTR I CZ  1 
HETATM 834 O OH  . PTR B 2 4  ? 5.250   -8.342  -4.906  1.00 18.63 ? 4   PTR I OH  1 
HETATM 835 P P   . PTR B 2 4  ? 6.157   -7.666  -3.773  1.00 22.25 ? 4   PTR I P   1 
HETATM 836 O O1P . PTR B 2 4  ? 6.341   -6.267  -3.986  1.00 24.39 ? 4   PTR I O1P 1 
HETATM 837 O O2P . PTR B 2 4  ? 5.708   -7.893  -2.448  1.00 20.17 ? 4   PTR I O2P 1 
HETATM 838 O O3P . PTR B 2 4  ? 7.443   -8.216  -3.924  1.00 21.70 ? 4   PTR I O3P 1 
ATOM   839 N N   . VAL B 2 5  ? -3.205  -9.170  -2.825  1.00 15.46 ? 5   VAL I N   1 
ATOM   840 C CA  . VAL B 2 5  ? -4.640  -9.269  -2.650  1.00 15.82 ? 5   VAL I CA  1 
ATOM   841 C C   . VAL B 2 5  ? -5.406  -8.820  -3.882  1.00 20.11 ? 5   VAL I C   1 
ATOM   842 O O   . VAL B 2 5  ? -6.499  -9.332  -4.156  1.00 19.30 ? 5   VAL I O   1 
ATOM   843 C CB  . VAL B 2 5  ? -5.087  -8.478  -1.404  1.00 16.04 ? 5   VAL I CB  1 
ATOM   844 C CG1 . VAL B 2 5  ? -6.588  -8.531  -1.194  1.00 15.09 ? 5   VAL I CG1 1 
ATOM   845 C CG2 . VAL B 2 5  ? -4.394  -9.005  -0.187  1.00 16.91 ? 5   VAL I CG2 1 
ATOM   846 N N   . ASN B 2 6  ? -4.828  -7.899  -4.657  1.00 20.29 ? 6   ASN I N   1 
ATOM   847 C CA  . ASN B 2 6  ? -5.519  -7.398  -5.853  1.00 20.16 ? 6   ASN I CA  1 
ATOM   848 C C   . ASN B 2 6  ? -5.038  -7.942  -7.188  1.00 20.74 ? 6   ASN I C   1 
ATOM   849 O O   . ASN B 2 6  ? -5.432  -7.438  -8.240  1.00 24.28 ? 6   ASN I O   1 
ATOM   850 C CB  . ASN B 2 6  ? -5.552  -5.861  -5.886  1.00 15.54 ? 6   ASN I CB  1 
ATOM   851 C CG  . ASN B 2 6  ? -4.186  -5.262  -6.043  1.00 18.79 ? 6   ASN I CG  1 
ATOM   852 O OD1 . ASN B 2 6  ? -3.210  -5.766  -5.485  1.00 15.47 ? 6   ASN I OD1 1 
ATOM   853 N ND2 . ASN B 2 6  ? -4.092  -4.188  -6.820  1.00 18.70 ? 6   ASN I ND2 1 
ATOM   854 N N   . VAL B 2 7  ? -4.234  -8.996  -7.164  1.00 20.67 ? 7   VAL I N   1 
ATOM   855 C CA  . VAL B 2 7  ? -3.739  -9.573  -8.402  1.00 22.24 ? 7   VAL I CA  1 
ATOM   856 C C   . VAL B 2 7  ? -4.012  -11.078 -8.448  1.00 25.39 ? 7   VAL I C   1 
ATOM   857 O O   . VAL B 2 7  ? -4.814  -11.544 -9.244  1.00 25.99 ? 7   VAL I O   1 
ATOM   858 C CB  . VAL B 2 7  ? -2.230  -9.311  -8.593  1.00 23.26 ? 7   VAL I CB  1 
ATOM   859 C CG1 . VAL B 2 7  ? -1.748  -9.918  -9.886  1.00 23.37 ? 7   VAL I CG1 1 
ATOM   860 C CG2 . VAL B 2 7  ? -1.936  -7.817  -8.594  1.00 23.79 ? 7   VAL I CG2 1 
HETATM 861 N N   . NH2 B 2 8  ? -3.323  -11.836 -7.606  1.00 27.82 ? 8   NH2 I N   1 
HETATM 862 O O   . HOH C 3 .  ? 13.256  -2.885  -7.003  1.00 25.19 ? 153 HOH E O   1 
HETATM 863 O O   . HOH C 3 .  ? 10.908  -1.201  -7.712  1.00 25.66 ? 154 HOH E O   1 
HETATM 864 O O   . HOH C 3 .  ? 10.070  1.483   -8.053  1.00 19.50 ? 155 HOH E O   1 
HETATM 865 O O   . HOH C 3 .  ? 11.139  -10.446 1.636   1.00 29.40 ? 156 HOH E O   1 
HETATM 866 O O   . HOH C 3 .  ? 11.141  -8.630  -1.230  1.00 33.88 ? 157 HOH E O   1 
HETATM 867 O O   . HOH C 3 .  ? 9.712   -4.166  -1.542  1.00 24.18 ? 158 HOH E O   1 
HETATM 868 O O   . HOH C 3 .  ? 6.567   -0.323  13.895  1.00 43.58 ? 159 HOH E O   1 
HETATM 869 O O   . HOH C 3 .  ? 2.190   5.594   6.819   1.00 24.63 ? 160 HOH E O   1 
HETATM 870 O O   . HOH C 3 .  ? -15.107 -11.825 2.369   1.00 53.30 ? 161 HOH E O   1 
HETATM 871 O O   . HOH C 3 .  ? 3.384   0.369   -9.594  1.00 30.92 ? 162 HOH E O   1 
HETATM 872 O O   . HOH C 3 .  ? -1.226  -10.235 1.253   1.00 23.98 ? 163 HOH E O   1 
HETATM 873 O O   . HOH C 3 .  ? -7.943  -10.804 2.481   1.00 23.88 ? 164 HOH E O   1 
HETATM 874 O O   . HOH C 3 .  ? -14.071 -4.962  7.823   1.00 23.46 ? 165 HOH E O   1 
HETATM 875 O O   . HOH C 3 .  ? -15.056 -2.897  1.297   1.00 27.63 ? 166 HOH E O   1 
HETATM 876 O O   . HOH C 3 .  ? -7.938  2.262   -7.338  1.00 23.66 ? 167 HOH E O   1 
HETATM 877 O O   . HOH C 3 .  ? -6.920  10.221  -12.607 1.00 42.21 ? 168 HOH E O   1 
HETATM 878 O O   . HOH C 3 .  ? -11.464 6.092   -12.435 1.00 47.69 ? 169 HOH E O   1 
HETATM 879 O O   . HOH C 3 .  ? -4.778  14.318  -2.708  1.00 34.89 ? 170 HOH E O   1 
HETATM 880 O O   . HOH C 3 .  ? -0.552  11.513  2.177   1.00 34.62 ? 171 HOH E O   1 
HETATM 881 O O   . HOH C 3 .  ? -11.353 7.740   8.915   1.00 77.58 ? 172 HOH E O   1 
HETATM 882 O O   . HOH C 3 .  ? -16.465 10.385  3.757   1.00 24.48 ? 173 HOH E O   1 
HETATM 883 O O   . HOH C 3 .  ? -16.027 8.437   1.838   1.00 34.04 ? 174 HOH E O   1 
HETATM 884 O O   . HOH C 3 .  ? 5.319   -8.830  -8.953  1.00 41.19 ? 175 HOH E O   1 
HETATM 885 O O   . HOH C 3 .  ? 4.200   -4.481  -6.582  1.00 32.23 ? 176 HOH E O   1 
HETATM 886 O O   . HOH C 3 .  ? -9.005  0.327   8.457   1.00 30.80 ? 177 HOH E O   1 
HETATM 887 O O   . HOH C 3 .  ? 5.360   4.866   -11.964 1.00 42.62 ? 178 HOH E O   1 
HETATM 888 O O   . HOH C 3 .  ? -8.387  -7.928  2.254   1.00 22.01 ? 179 HOH E O   1 
HETATM 889 O O   . HOH C 3 .  ? 0.644   -9.320  14.300  1.00 43.20 ? 180 HOH E O   1 
HETATM 890 O O   . HOH C 3 .  ? -10.226 -7.567  -1.486  1.00 19.08 ? 181 HOH E O   1 
HETATM 891 O O   . HOH C 3 .  ? 4.739   -6.054  -13.126 1.00 23.14 ? 182 HOH E O   1 
HETATM 892 O O   . HOH C 3 .  ? 0.447   -11.147 3.867   1.00 24.96 ? 183 HOH E O   1 
HETATM 893 O O   . HOH C 3 .  ? -9.626  1.582   -5.300  1.00 33.65 ? 184 HOH E O   1 
HETATM 894 O O   . HOH C 3 .  ? -7.469  -10.033 10.226  1.00 42.49 ? 185 HOH E O   1 
HETATM 895 O O   . HOH C 3 .  ? 6.693   6.723   14.844  1.00 66.35 ? 186 HOH E O   1 
HETATM 896 O O   . HOH C 3 .  ? -0.910  14.846  0.701   1.00 48.02 ? 187 HOH E O   1 
HETATM 897 O O   . HOH C 3 .  ? -11.142 -1.231  12.158  1.00 28.44 ? 188 HOH E O   1 
HETATM 898 O O   . HOH C 3 .  ? 3.996   -12.753 2.556   1.00 30.23 ? 189 HOH E O   1 
HETATM 899 O O   . HOH C 3 .  ? 4.393   -5.168  19.867  1.00 63.56 ? 190 HOH E O   1 
HETATM 900 O O   . HOH C 3 .  ? -0.291  -7.348  11.970  1.00 48.24 ? 191 HOH E O   1 
HETATM 901 O O   . HOH C 3 .  ? -12.783 -1.216  10.008  1.00 38.04 ? 192 HOH E O   1 
HETATM 902 O O   . HOH C 3 .  ? -9.776  -1.371  -13.966 1.00 61.82 ? 193 HOH E O   1 
HETATM 903 O O   . HOH C 3 .  ? -17.212 -5.248  -2.301  1.00 47.31 ? 194 HOH E O   1 
HETATM 904 O O   . HOH C 3 .  ? -15.009 1.919   0.971   1.00 24.95 ? 195 HOH E O   1 
HETATM 905 O O   . HOH C 3 .  ? -16.372 5.961   1.059   1.00 50.42 ? 196 HOH E O   1 
HETATM 906 O O   . HOH C 3 .  ? 9.211   10.675  7.940   1.00 95.70 ? 197 HOH E O   1 
HETATM 907 O O   . HOH C 3 .  ? -2.074  -12.071 4.672   0.5  21.37 ? 198 HOH E O   1 
HETATM 908 O O   . HOH C 3 .  ? -5.488  11.778  -9.913  1.00 24.46 ? 199 HOH E O   1 
HETATM 909 O O   . HOH C 3 .  ? -3.587  8.810   9.246   1.00 53.06 ? 200 HOH E O   1 
HETATM 910 O O   . HOH C 3 .  ? 15.083  -5.731  -7.143  1.00 45.17 ? 201 HOH E O   1 
HETATM 911 O O   . HOH C 3 .  ? -6.898  11.998  -4.169  1.00 52.72 ? 202 HOH E O   1 
HETATM 912 O O   . HOH C 3 .  ? 12.118  -3.697  12.348  1.00 82.19 ? 203 HOH E O   1 
HETATM 913 O O   . HOH C 3 .  ? -12.242 -0.263  -3.208  1.00 55.33 ? 204 HOH E O   1 
HETATM 914 O O   . HOH C 3 .  ? -9.580  -4.112  15.807  1.00 39.15 ? 205 HOH E O   1 
HETATM 915 O O   . HOH C 3 .  ? -8.553  6.454   7.765   1.00 45.16 ? 206 HOH E O   1 
HETATM 916 O O   . HOH C 3 .  ? -11.600 1.040   -6.834  1.00 59.52 ? 207 HOH E O   1 
HETATM 917 O O   . HOH C 3 .  ? -10.227 -4.896  -11.417 1.00 68.23 ? 208 HOH E O   1 
HETATM 918 O O   . HOH C 3 .  ? -3.949  15.610  -10.710 1.00 70.36 ? 209 HOH E O   1 
HETATM 919 O O   . HOH C 3 .  ? -17.125 -4.769  2.531   1.00 43.97 ? 210 HOH E O   1 
HETATM 920 O O   . HOH C 3 .  ? 1.050   12.777  3.672   1.00 56.98 ? 211 HOH E O   1 
HETATM 921 O O   . HOH C 3 .  ? -1.185  14.455  3.698   1.00 87.28 ? 212 HOH E O   1 
HETATM 922 O O   . HOH C 3 .  ? -6.867  6.134   -17.355 1.00 47.16 ? 213 HOH E O   1 
HETATM 923 O O   . HOH C 3 .  ? 6.878   -10.724 -10.401 1.00 71.98 ? 214 HOH E O   1 
HETATM 924 O O   . HOH C 3 .  ? 12.285  10.001  7.899   1.00 70.61 ? 215 HOH E O   1 
HETATM 925 O O   . HOH C 3 .  ? -7.096  -5.066  -9.756  1.00 48.39 ? 216 HOH E O   1 
HETATM 926 O O   . HOH C 3 .  ? -7.685  12.924  -6.669  1.00 74.46 ? 217 HOH E O   1 
HETATM 927 O O   . HOH C 3 .  ? 11.337  19.449  5.894   1.00 69.14 ? 218 HOH E O   1 
HETATM 928 O O   . HOH C 3 .  ? -18.011 -12.564 5.616   1.00 35.58 ? 219 HOH E O   1 
HETATM 929 O O   . HOH C 3 .  ? 4.867   16.966  1.013   1.00 49.11 ? 220 HOH E O   1 
HETATM 930 O O   . HOH C 3 .  ? 1.126   16.021  -1.306  1.00 45.89 ? 221 HOH E O   1 
HETATM 931 O O   . HOH C 3 .  ? -13.218 -1.859  -5.140  1.00 56.20 ? 222 HOH E O   1 
HETATM 932 O O   . HOH C 3 .  ? -6.848  -10.862 18.484  1.00 43.77 ? 223 HOH E O   1 
HETATM 933 O O   . HOH C 3 .  ? -6.568  -4.031  15.701  1.00 56.68 ? 224 HOH E O   1 
HETATM 934 O O   . HOH C 3 .  ? 9.086   9.895   2.069   1.00 51.20 ? 225 HOH E O   1 
HETATM 935 O O   . HOH C 3 .  ? 6.606   1.859   16.132  1.00 77.59 ? 226 HOH E O   1 
HETATM 936 O O   . HOH C 3 .  ? -5.657  8.723   7.592   1.00 53.37 ? 227 HOH E O   1 
HETATM 937 O O   . HOH C 3 .  ? -11.200 -1.598  15.096  1.00 70.35 ? 228 HOH E O   1 
HETATM 938 O O   . HOH C 3 .  ? 10.011  14.465  8.679   1.00 76.03 ? 229 HOH E O   1 
HETATM 939 O O   . HOH C 3 .  ? 4.655   1.070   -11.841 1.00 31.60 ? 230 HOH E O   1 
HETATM 940 O O   . HOH C 3 .  ? 0.972   2.341   16.671  1.00 51.23 ? 231 HOH E O   1 
HETATM 941 O O   . HOH C 3 .  ? -7.623  -1.013  15.314  1.00 52.30 ? 232 HOH E O   1 
HETATM 942 O O   . HOH C 3 .  ? 0.600   16.812  5.717   1.00 61.11 ? 233 HOH E O   1 
HETATM 943 O O   . HOH C 3 .  ? 3.739   15.135  4.718   1.00 61.93 ? 234 HOH E O   1 
HETATM 944 O O   . HOH C 3 .  ? -4.385  0.568   -20.780 1.00 47.26 ? 235 HOH E O   1 
HETATM 945 O O   . HOH C 3 .  ? -5.662  2.869   -22.810 1.00 46.51 ? 236 HOH E O   1 
HETATM 946 O O   . HOH C 3 .  ? -4.460  5.647   -23.880 1.00 42.36 ? 237 HOH E O   1 
HETATM 947 O O   . HOH C 3 .  ? -4.894  8.160   -23.051 1.00 43.46 ? 238 HOH E O   1 
HETATM 948 O O   . HOH C 3 .  ? -1.911  5.412   -23.859 1.00 47.52 ? 239 HOH E O   1 
HETATM 949 O O   . HOH C 3 .  ? -1.669  12.548  6.592   1.00 60.24 ? 240 HOH E O   1 
HETATM 950 O O   . HOH C 3 .  ? 0.835   12.051  6.126   1.00 51.88 ? 241 HOH E O   1 
HETATM 951 O O   . HOH C 3 .  ? 2.835   14.159  7.934   1.00 60.33 ? 242 HOH E O   1 
HETATM 952 O O   . HOH C 3 .  ? 13.579  4.195   -2.326  1.00 79.35 ? 243 HOH E O   1 
HETATM 953 O O   . HOH C 3 .  ? 9.602   24.888  3.377   1.00 55.41 ? 244 HOH E O   1 
HETATM 954 O O   . HOH C 3 .  ? -9.588  10.755  1.773   1.00 39.48 ? 245 HOH E O   1 
HETATM 955 O O   . HOH C 3 .  ? -1.399  -7.075  16.286  1.00 49.85 ? 246 HOH E O   1 
HETATM 956 O O   . HOH C 3 .  ? 3.630   -9.823  15.776  1.00 56.38 ? 247 HOH E O   1 
HETATM 957 O O   . HOH D 3 .  ? -8.452  -11.306 -2.689  1.00 18.65 ? 13  HOH I O   1 
HETATM 958 O O   . HOH D 3 .  ? 9.006   -10.398 -2.664  1.00 26.88 ? 31  HOH I O   1 
HETATM 959 O O   . HOH D 3 .  ? 9.730   -7.198  -2.942  1.00 46.90 ? 51  HOH I O   1 
HETATM 960 O O   . HOH D 3 .  ? 4.066   -16.410 -1.773  1.00 70.57 ? 58  HOH I O   1 
HETATM 961 O O   . HOH D 3 .  ? 8.187   -12.632 -1.558  1.00 49.04 ? 59  HOH I O   1 
HETATM 962 O O   . HOH D 3 .  ? -3.702  -14.761 -8.989  1.00 46.42 ? 69  HOH I O   1 
HETATM 963 O O   . HOH D 3 .  ? 5.699   -14.344 -0.694  1.00 62.88 ? 71  HOH I O   1 
HETATM 964 O O   . HOH D 3 .  ? 8.682   -12.695 1.085   1.00 67.46 ? 85  HOH I O   1 
# 
